data_9B6R
#
_entry.id   9B6R
#
_cell.length_a   1.00
_cell.length_b   1.00
_cell.length_c   1.00
_cell.angle_alpha   90.00
_cell.angle_beta   90.00
_cell.angle_gamma   90.00
#
_symmetry.space_group_name_H-M   'P 1'
#
loop_
_entity.id
_entity.type
_entity.pdbx_description
1 polymer 'Capsid protein VP1'
2 polymer 'Fab1-5 light chain'
3 polymer 'Fab1-5 heavy chain'
#
loop_
_entity_poly.entity_id
_entity_poly.type
_entity_poly.pdbx_seq_one_letter_code
_entity_poly.pdbx_strand_id
1 'polypeptide(L)'
;MASGGGAPVADNNEGADGVGSSSGNWHCDSQWLGDRVITTSTRTWALPTYNNHLYKQISNSTSGGSSNDNAYFGYSTPWG
YFDFNRFHCHFSPRDWQRLINNNWGFRPKRLNFKLFNIQVKEVTDNNGVKTIANNLTSTVQVFTDSDYQLPYVLGSAHEG
CLPPFPADVFMIPQYGYLTLNDGSQAVGRSSFYCLEYFPSQMLRTGNNFQFSYEFENVPFHSSYAHSQSLDRLMNPLIDQ
YLYYLSKTINGSGQNQQTLKFSVAGPSNMAVQGRNYIPGPSYRQQRVSTTVTQNNNSEFAWPGASSWALNGRNSLMNPGP
AMASHKEGEDRFFPLSGSLIFGKQGTGRDNVDADKVMITNEEEIKTTNPVATESYGQVATNHQSAQAQAQTGWVQNQGIL
PGMVWQDRDVYLQGPIWAKIPHTDGNFHPSPLMGGFGMKHPPPQILIKNTPVPADPPTAFNKDKLNSFITQYSTGQVSVE
IEWELQKENSKRWNPEIQYTSNYYKSNNVEFAVNTEGVYSEPRPIGTRYLTRNL
;
A,B,C,D,E,F
2 'polypeptide(L)'
;SALTQPASVSGSPGQSITISCTGTSSDFGIYNSVSWYQHHPGKAPKLMIFGVSNRPSGVSNRFSGSKSGNTASLSISGLQ
AEDEADYYCSSFTARSTVVFGGGTKLTVL
;
L
3 'polypeptide(L)'
;EVQLVESGGGLVKPGGSLRLSCAASGFMFSSYSMNWVRQAPGKGLEWVSSISRSDSYIDYADSVKGRFTISRDTAMNVLY
LQMDSLRAEDTGVYYCARTHVFNMFREVINDDYYGMDVWGQGTTVTVS
;
H
#
# COMPACT_ATOMS: atom_id res chain seq x y z
N SER A 41 -14.54 49.05 1.66
CA SER A 41 -15.16 48.69 2.93
C SER A 41 -14.13 48.51 4.04
N THR A 42 -14.52 48.84 5.26
CA THR A 42 -13.69 48.66 6.43
C THR A 42 -14.58 48.41 7.63
N ARG A 43 -14.13 47.51 8.52
CA ARG A 43 -14.90 47.12 9.69
C ARG A 43 -13.95 46.90 10.85
N THR A 44 -14.52 46.78 12.04
CA THR A 44 -13.77 46.48 13.24
C THR A 44 -14.16 45.10 13.72
N TRP A 45 -13.17 44.24 13.98
CA TRP A 45 -13.40 42.84 14.30
C TRP A 45 -12.76 42.47 15.63
N ALA A 46 -13.21 41.35 16.18
CA ALA A 46 -12.67 40.83 17.43
C ALA A 46 -12.54 39.32 17.34
N LEU A 47 -11.35 38.81 17.63
CA LEU A 47 -11.04 37.40 17.48
C LEU A 47 -10.78 36.75 18.83
N PRO A 48 -11.62 35.84 19.29
CA PRO A 48 -11.39 35.16 20.56
C PRO A 48 -10.42 34.00 20.40
N THR A 49 -10.33 33.18 21.44
CA THR A 49 -9.55 31.96 21.43
C THR A 49 -10.47 30.75 21.35
N TYR A 50 -10.48 30.07 20.22
CA TYR A 50 -11.38 28.95 19.99
C TYR A 50 -10.70 27.65 20.39
N ASN A 51 -11.47 26.75 21.00
CA ASN A 51 -11.06 25.39 21.32
C ASN A 51 -9.81 25.31 22.19
N ASN A 52 -9.51 26.36 22.95
CA ASN A 52 -8.30 26.38 23.78
C ASN A 52 -7.06 26.11 22.93
N HIS A 53 -7.10 26.54 21.68
CA HIS A 53 -6.04 26.31 20.70
C HIS A 53 -5.85 24.84 20.37
N LEU A 54 -6.94 24.10 20.18
CA LEU A 54 -6.86 22.67 19.90
C LEU A 54 -7.64 22.31 18.65
N TYR A 55 -7.16 21.28 17.96
CA TYR A 55 -7.95 20.60 16.96
C TYR A 55 -8.76 19.51 17.65
N LYS A 56 -10.07 19.50 17.39
CA LYS A 56 -10.93 18.53 18.03
C LYS A 56 -11.87 17.90 17.01
N GLN A 57 -11.78 16.59 16.88
CA GLN A 57 -12.78 15.83 16.13
C GLN A 57 -14.17 16.19 16.60
N ILE A 58 -15.08 16.40 15.65
CA ILE A 58 -16.49 16.59 15.97
C ILE A 58 -17.29 15.71 15.04
N SER A 59 -18.44 15.27 15.53
CA SER A 59 -19.31 14.39 14.74
C SER A 59 -20.70 14.46 15.35
N ASN A 60 -21.63 13.73 14.73
CA ASN A 60 -23.01 13.77 15.21
C ASN A 60 -23.13 13.06 16.54
N SER A 61 -22.19 12.16 16.83
CA SER A 61 -22.26 11.38 18.07
C SER A 61 -22.16 12.29 19.29
N THR A 62 -21.45 13.40 19.18
CA THR A 62 -21.49 14.39 20.26
C THR A 62 -22.87 15.02 20.38
N SER A 63 -23.60 15.13 19.27
CA SER A 63 -24.98 15.58 19.27
C SER A 63 -25.98 14.43 19.28
N GLY A 64 -25.50 13.19 19.27
CA GLY A 64 -26.34 12.02 19.41
C GLY A 64 -26.64 11.30 18.11
N GLY A 65 -26.56 11.98 16.97
CA GLY A 65 -26.78 11.35 15.69
C GLY A 65 -28.14 10.68 15.55
N SER A 66 -29.20 11.45 15.76
CA SER A 66 -30.54 10.89 15.69
C SER A 66 -30.87 10.32 14.31
N SER A 67 -30.75 11.14 13.27
CA SER A 67 -31.12 10.75 11.92
C SER A 67 -29.87 10.42 11.12
N ASN A 68 -29.98 9.46 10.20
CA ASN A 68 -28.84 9.12 9.36
C ASN A 68 -28.60 10.18 8.29
N ASP A 69 -29.60 10.98 7.98
CA ASP A 69 -29.42 11.99 6.94
C ASP A 69 -28.55 13.13 7.42
N ASN A 70 -28.54 13.39 8.72
CA ASN A 70 -27.78 14.47 9.32
C ASN A 70 -26.42 14.03 9.85
N ALA A 71 -26.03 12.79 9.63
CA ALA A 71 -24.74 12.30 10.08
C ALA A 71 -23.61 13.15 9.50
N TYR A 72 -22.55 13.33 10.29
CA TYR A 72 -21.38 14.03 9.79
C TYR A 72 -20.17 13.67 10.64
N PHE A 73 -19.00 13.89 10.06
CA PHE A 73 -17.72 13.71 10.73
C PHE A 73 -16.76 14.78 10.21
N GLY A 74 -16.02 15.40 11.11
CA GLY A 74 -15.15 16.48 10.69
C GLY A 74 -14.30 16.97 11.84
N TYR A 75 -13.62 18.08 11.60
CA TYR A 75 -12.74 18.64 12.62
C TYR A 75 -13.09 20.09 12.85
N SER A 76 -12.67 20.60 14.00
CA SER A 76 -12.93 21.98 14.42
C SER A 76 -11.61 22.61 14.83
N THR A 77 -11.26 23.72 14.20
CA THR A 77 -9.94 24.28 14.32
C THR A 77 -9.98 25.60 15.06
N PRO A 78 -8.91 25.94 15.78
CA PRO A 78 -8.87 27.23 16.50
C PRO A 78 -8.84 28.44 15.60
N TRP A 79 -8.57 28.27 14.32
CA TRP A 79 -8.48 29.40 13.40
C TRP A 79 -9.84 30.01 13.15
N GLY A 80 -9.86 31.33 12.97
CA GLY A 80 -11.02 32.03 12.46
C GLY A 80 -10.77 32.43 11.02
N TYR A 81 -11.83 32.89 10.35
CA TYR A 81 -11.68 33.27 8.95
C TYR A 81 -12.57 34.46 8.62
N PHE A 82 -12.07 35.30 7.72
CA PHE A 82 -12.82 36.44 7.22
C PHE A 82 -13.72 36.03 6.07
N ASP A 83 -15.00 36.39 6.17
CA ASP A 83 -15.96 36.09 5.11
C ASP A 83 -16.67 37.39 4.73
N PHE A 84 -16.36 37.91 3.54
CA PHE A 84 -17.05 39.06 2.97
C PHE A 84 -18.03 38.68 1.85
N ASN A 85 -18.31 37.39 1.68
CA ASN A 85 -18.94 36.79 0.51
C ASN A 85 -20.32 37.38 0.15
N ARG A 86 -20.94 38.19 0.99
CA ARG A 86 -22.29 38.71 0.72
C ARG A 86 -22.23 40.12 0.16
N PHE A 87 -23.20 40.45 -0.70
CA PHE A 87 -23.21 41.74 -1.38
C PHE A 87 -23.23 42.91 -0.42
N HIS A 88 -24.15 42.93 0.55
CA HIS A 88 -24.30 44.13 1.37
C HIS A 88 -23.07 44.43 2.20
N CYS A 89 -22.08 43.54 2.22
CA CYS A 89 -20.79 43.87 2.79
C CYS A 89 -20.13 45.01 2.01
N HIS A 90 -20.65 45.32 0.83
CA HIS A 90 -20.06 46.35 -0.02
C HIS A 90 -21.05 47.46 -0.30
N ILE A 118 -4.24 46.16 14.05
CA ILE A 118 -4.09 45.02 14.95
C ILE A 118 -3.83 45.49 16.36
N GLN A 119 -4.67 45.04 17.30
CA GLN A 119 -4.54 45.38 18.70
C GLN A 119 -4.80 44.13 19.51
N VAL A 120 -3.81 43.70 20.29
CA VAL A 120 -3.92 42.49 21.11
C VAL A 120 -4.30 42.91 22.51
N LYS A 121 -5.15 42.11 23.15
CA LYS A 121 -5.53 42.32 24.55
C LYS A 121 -5.36 41.01 25.29
N GLU A 122 -5.22 41.08 26.61
CA GLU A 122 -5.26 39.90 27.45
C GLU A 122 -6.27 40.12 28.57
N VAL A 123 -6.61 39.05 29.27
CA VAL A 123 -7.62 39.07 30.32
C VAL A 123 -7.08 38.27 31.50
N THR A 124 -7.31 38.76 32.71
CA THR A 124 -6.94 38.05 33.93
C THR A 124 -8.09 38.16 34.93
N ASP A 125 -8.13 37.20 35.85
CA ASP A 125 -9.10 37.24 36.94
C ASP A 125 -8.37 37.71 38.20
N ASN A 126 -8.66 38.95 38.61
CA ASN A 126 -8.04 39.56 39.78
C ASN A 126 -9.14 39.79 40.81
N ASN A 127 -9.01 39.13 41.96
CA ASN A 127 -10.07 39.07 42.97
C ASN A 127 -11.30 38.49 42.28
N GLY A 128 -12.42 39.20 42.19
CA GLY A 128 -13.58 38.69 41.49
C GLY A 128 -13.87 39.38 40.18
N VAL A 129 -12.98 40.26 39.74
CA VAL A 129 -13.18 41.07 38.55
C VAL A 129 -12.12 40.73 37.52
N LYS A 130 -12.43 41.00 36.26
CA LYS A 130 -11.54 40.66 35.16
C LYS A 130 -10.95 41.93 34.54
N THR A 131 -9.62 42.00 34.51
CA THR A 131 -8.89 43.18 34.05
C THR A 131 -8.29 42.91 32.67
N ILE A 132 -8.67 43.75 31.71
CA ILE A 132 -8.24 43.62 30.33
C ILE A 132 -7.05 44.54 30.10
N ALA A 133 -5.91 43.96 29.71
CA ALA A 133 -4.69 44.72 29.53
C ALA A 133 -4.16 44.53 28.12
N ASN A 134 -3.42 45.52 27.65
CA ASN A 134 -2.70 45.39 26.39
C ASN A 134 -1.61 44.34 26.51
N ASN A 135 -1.34 43.65 25.41
CA ASN A 135 -0.18 42.77 25.30
C ASN A 135 0.51 43.16 24.00
N LEU A 136 1.70 43.76 24.11
CA LEU A 136 2.36 44.26 22.92
C LEU A 136 3.20 43.21 22.21
N THR A 137 3.58 42.14 22.89
CA THR A 137 4.51 41.16 22.33
C THR A 137 3.82 39.98 21.65
N SER A 138 2.51 39.82 21.83
CA SER A 138 1.81 38.68 21.25
C SER A 138 1.52 38.92 19.77
N THR A 139 1.34 37.82 19.04
CA THR A 139 1.24 37.85 17.60
C THR A 139 -0.05 37.22 17.11
N VAL A 140 -0.37 37.51 15.85
CA VAL A 140 -1.56 37.01 15.18
C VAL A 140 -1.13 36.37 13.86
N GLN A 141 -1.45 35.10 13.68
CA GLN A 141 -1.09 34.34 12.50
C GLN A 141 -2.20 34.45 11.47
N VAL A 142 -1.84 34.79 10.23
CA VAL A 142 -2.81 34.91 9.16
C VAL A 142 -2.19 34.35 7.88
N PHE A 143 -2.98 33.60 7.11
CA PHE A 143 -2.54 33.19 5.79
C PHE A 143 -3.74 33.02 4.90
N THR A 144 -3.50 33.16 3.61
CA THR A 144 -4.47 32.87 2.58
C THR A 144 -4.14 31.52 1.95
N ASP A 145 -5.17 30.80 1.54
CA ASP A 145 -4.97 29.59 0.76
C ASP A 145 -5.20 29.97 -0.68
N SER A 146 -4.12 30.16 -1.43
CA SER A 146 -4.20 30.50 -2.84
C SER A 146 -3.98 29.31 -3.76
N ASP A 147 -3.61 28.16 -3.20
CA ASP A 147 -3.60 26.92 -3.96
C ASP A 147 -4.84 26.08 -3.72
N TYR A 148 -5.74 26.55 -2.85
CA TYR A 148 -7.01 25.91 -2.60
C TYR A 148 -6.82 24.49 -2.08
N GLN A 149 -5.91 24.34 -1.13
CA GLN A 149 -5.58 23.04 -0.57
C GLN A 149 -6.40 22.67 0.66
N LEU A 150 -7.10 23.62 1.24
CA LEU A 150 -8.02 23.41 2.35
C LEU A 150 -9.43 23.19 1.85
N PRO A 151 -10.30 22.63 2.68
CA PRO A 151 -11.73 22.70 2.41
C PRO A 151 -12.19 24.15 2.27
N TYR A 152 -13.15 24.38 1.38
CA TYR A 152 -13.63 25.73 1.09
C TYR A 152 -15.00 25.88 1.72
N VAL A 153 -15.08 26.63 2.81
CA VAL A 153 -16.32 26.81 3.55
C VAL A 153 -17.03 28.11 3.25
N LEU A 154 -16.46 28.96 2.40
CA LEU A 154 -17.12 30.24 2.14
C LEU A 154 -18.31 30.12 1.22
N GLY A 155 -18.50 28.98 0.57
CA GLY A 155 -19.50 28.90 -0.47
C GLY A 155 -20.86 28.39 -0.04
N SER A 156 -21.01 28.06 1.24
CA SER A 156 -22.26 27.49 1.73
C SER A 156 -23.22 28.53 2.29
N ALA A 157 -22.87 29.82 2.20
CA ALA A 157 -23.70 30.89 2.72
C ALA A 157 -23.91 30.78 4.22
N HIS A 158 -22.82 30.57 4.95
CA HIS A 158 -22.85 30.62 6.40
C HIS A 158 -22.88 32.06 6.89
N GLU A 159 -23.29 32.22 8.15
CA GLU A 159 -23.28 33.52 8.78
C GLU A 159 -21.82 33.92 9.07
N GLY A 160 -21.63 35.12 9.60
CA GLY A 160 -20.30 35.60 9.89
C GLY A 160 -19.77 36.63 8.93
N CYS A 161 -20.58 37.06 7.97
CA CYS A 161 -20.16 38.05 6.99
C CYS A 161 -19.93 39.39 7.66
N LEU A 162 -19.22 40.27 6.96
CA LEU A 162 -19.12 41.65 7.37
C LEU A 162 -20.52 42.22 7.60
N PRO A 163 -20.71 43.09 8.59
CA PRO A 163 -22.04 43.61 8.84
C PRO A 163 -22.41 44.63 7.78
N PRO A 164 -23.70 44.81 7.50
CA PRO A 164 -24.11 45.77 6.46
C PRO A 164 -23.78 47.19 6.82
N PHE A 165 -23.84 47.56 8.08
CA PHE A 165 -23.70 48.95 8.43
C PHE A 165 -22.38 49.17 9.14
N PRO A 166 -21.51 50.04 8.60
CA PRO A 166 -20.12 50.10 9.08
C PRO A 166 -19.95 50.35 10.57
N ALA A 167 -20.86 51.09 11.19
CA ALA A 167 -20.72 51.38 12.61
C ALA A 167 -20.79 50.15 13.50
N ASP A 168 -21.19 49.01 12.94
CA ASP A 168 -21.22 47.77 13.68
C ASP A 168 -19.82 47.20 13.88
N VAL A 169 -19.68 46.33 14.86
CA VAL A 169 -18.46 45.59 15.13
C VAL A 169 -18.82 44.12 15.16
N PHE A 170 -18.10 43.30 14.41
CA PHE A 170 -18.50 41.92 14.22
C PHE A 170 -17.45 40.98 14.79
N MET A 171 -17.89 39.75 15.04
CA MET A 171 -17.04 38.70 15.56
C MET A 171 -16.70 37.73 14.44
N ILE A 172 -15.47 37.22 14.46
CA ILE A 172 -14.96 36.42 13.35
C ILE A 172 -15.28 34.95 13.60
N PRO A 173 -15.92 34.26 12.66
CA PRO A 173 -16.42 32.91 12.92
C PRO A 173 -15.32 31.87 12.96
N GLN A 174 -15.61 30.76 13.64
CA GLN A 174 -14.65 29.69 13.77
C GLN A 174 -14.61 28.86 12.50
N TYR A 175 -13.47 28.22 12.25
CA TYR A 175 -13.27 27.44 11.04
C TYR A 175 -13.39 25.96 11.33
N GLY A 176 -14.20 25.27 10.53
CA GLY A 176 -14.31 23.83 10.64
C GLY A 176 -14.56 23.24 9.27
N TYR A 177 -14.32 21.94 9.15
CA TYR A 177 -14.45 21.31 7.85
C TYR A 177 -14.92 19.88 8.04
N LEU A 178 -15.72 19.42 7.10
CA LEU A 178 -16.30 18.10 7.14
C LEU A 178 -15.68 17.22 6.06
N THR A 179 -15.66 15.92 6.33
CA THR A 179 -15.00 14.98 5.43
C THR A 179 -15.79 13.68 5.39
N LEU A 180 -15.21 12.63 4.81
CA LEU A 180 -15.95 11.39 4.62
C LEU A 180 -16.34 10.76 5.95
N ASN A 181 -17.41 9.99 5.92
CA ASN A 181 -17.89 9.28 7.09
C ASN A 181 -18.75 8.12 6.65
N ASP A 182 -18.92 7.14 7.54
CA ASP A 182 -20.04 6.22 7.48
C ASP A 182 -20.69 6.20 8.86
N GLY A 183 -21.90 6.72 8.95
CA GLY A 183 -22.45 6.99 10.26
C GLY A 183 -21.64 8.08 10.91
N SER A 184 -21.37 7.94 12.20
CA SER A 184 -20.55 8.89 12.93
C SER A 184 -19.08 8.51 12.96
N GLN A 185 -18.70 7.42 12.31
CA GLN A 185 -17.32 7.01 12.30
C GLN A 185 -16.61 7.60 11.09
N ALA A 186 -15.36 7.18 10.90
CA ALA A 186 -14.58 7.70 9.81
C ALA A 186 -13.89 6.61 9.05
N VAL A 187 -14.10 6.59 7.74
CA VAL A 187 -13.51 5.61 6.86
C VAL A 187 -12.05 5.94 6.60
N GLY A 188 -11.33 4.98 6.05
CA GLY A 188 -9.91 5.14 5.79
C GLY A 188 -9.58 6.29 4.86
N ARG A 189 -10.42 6.51 3.86
CA ARG A 189 -10.22 7.59 2.91
C ARG A 189 -10.31 9.00 3.52
N SER A 190 -11.04 9.17 4.61
CA SER A 190 -11.19 10.48 5.24
C SER A 190 -9.83 11.03 5.60
N SER A 191 -9.59 12.29 5.31
CA SER A 191 -8.30 12.91 5.57
C SER A 191 -8.37 14.07 6.54
N PHE A 192 -7.37 14.15 7.41
CA PHE A 192 -7.31 15.20 8.43
C PHE A 192 -6.28 16.25 8.07
N TYR A 193 -6.72 17.51 7.99
CA TYR A 193 -5.83 18.61 7.63
C TYR A 193 -5.43 19.45 8.82
N CYS A 194 -4.15 19.70 8.95
CA CYS A 194 -3.62 20.53 10.02
C CYS A 194 -3.27 21.89 9.44
N LEU A 195 -4.02 22.91 9.84
CA LEU A 195 -3.78 24.25 9.31
C LEU A 195 -2.44 24.82 9.77
N GLU A 196 -1.91 24.33 10.89
CA GLU A 196 -0.58 24.74 11.31
C GLU A 196 0.48 24.39 10.28
N TYR A 197 0.16 23.54 9.32
CA TYR A 197 1.13 22.99 8.39
C TYR A 197 1.23 23.81 7.12
N PHE A 198 0.49 24.84 6.99
CA PHE A 198 0.62 25.85 5.97
C PHE A 198 1.51 26.99 6.45
N PRO A 199 2.24 27.64 5.57
CA PRO A 199 2.97 28.85 5.99
C PRO A 199 2.02 30.04 6.12
N SER A 200 2.32 30.90 7.08
CA SER A 200 1.47 32.03 7.42
C SER A 200 2.33 33.16 7.93
N GLN A 201 1.77 34.36 7.94
CA GLN A 201 2.49 35.54 8.40
C GLN A 201 2.07 35.88 9.83
N MET A 202 3.05 36.19 10.66
CA MET A 202 2.82 36.50 12.06
C MET A 202 2.90 38.01 12.26
N LEU A 203 1.85 38.59 12.83
CA LEU A 203 1.69 40.03 12.93
C LEU A 203 1.64 40.45 14.38
N ARG A 204 2.49 41.39 14.77
CA ARG A 204 2.34 42.10 16.03
C ARG A 204 1.53 43.37 15.82
N THR A 205 1.51 44.22 16.84
CA THR A 205 0.61 45.37 16.85
C THR A 205 0.98 46.43 15.83
N GLY A 206 2.19 46.40 15.27
CA GLY A 206 2.53 47.37 14.26
C GLY A 206 2.51 46.86 12.83
N ASN A 207 2.51 45.55 12.64
CA ASN A 207 2.52 44.94 11.32
C ASN A 207 1.11 44.88 10.73
N ASN A 208 1.06 44.83 9.40
CA ASN A 208 -0.19 44.68 8.67
C ASN A 208 -0.05 43.60 7.60
N PHE A 209 -1.18 43.20 7.03
CA PHE A 209 -1.26 42.14 6.04
C PHE A 209 -2.16 42.58 4.90
N GLN A 210 -1.74 42.30 3.67
CA GLN A 210 -2.60 42.58 2.53
C GLN A 210 -2.18 41.71 1.35
N PHE A 211 -3.11 41.53 0.42
CA PHE A 211 -2.82 40.83 -0.82
C PHE A 211 -3.83 41.28 -1.86
N SER A 212 -3.54 41.00 -3.12
CA SER A 212 -4.44 41.33 -4.21
C SER A 212 -4.84 40.07 -4.95
N TYR A 213 -6.10 40.05 -5.38
CA TYR A 213 -6.66 38.91 -6.10
C TYR A 213 -7.16 39.40 -7.45
N GLU A 214 -7.28 38.47 -8.39
CA GLU A 214 -7.78 38.77 -9.72
C GLU A 214 -8.82 37.73 -10.08
N PHE A 215 -10.07 38.18 -10.24
CA PHE A 215 -11.14 37.25 -10.60
C PHE A 215 -10.91 36.67 -11.98
N GLU A 216 -11.15 35.38 -12.12
CA GLU A 216 -11.15 34.81 -13.45
C GLU A 216 -12.38 35.28 -14.20
N ASN A 217 -12.30 35.23 -15.53
CA ASN A 217 -13.35 35.78 -16.36
C ASN A 217 -14.66 35.04 -16.12
N VAL A 218 -15.70 35.78 -15.76
CA VAL A 218 -17.03 35.20 -15.53
C VAL A 218 -18.04 36.04 -16.30
N PRO A 219 -19.12 35.41 -16.76
CA PRO A 219 -20.11 36.14 -17.56
C PRO A 219 -20.81 37.19 -16.75
N PHE A 220 -21.25 38.25 -17.44
CA PHE A 220 -22.00 39.30 -16.79
C PHE A 220 -23.23 38.73 -16.09
N HIS A 221 -23.58 39.31 -14.96
CA HIS A 221 -24.86 38.99 -14.35
C HIS A 221 -25.97 39.74 -15.07
N SER A 222 -27.03 39.03 -15.41
CA SER A 222 -28.11 39.58 -16.21
C SER A 222 -29.20 40.08 -15.28
N SER A 223 -29.40 41.39 -15.24
CA SER A 223 -30.49 42.00 -14.51
C SER A 223 -31.39 42.68 -15.54
N TYR A 224 -32.56 42.09 -15.76
CA TYR A 224 -33.58 42.66 -16.67
C TYR A 224 -34.84 41.79 -16.69
N TYR A 276 -37.13 27.40 -29.94
CA TYR A 276 -36.51 27.25 -28.63
C TYR A 276 -37.55 26.98 -27.56
N ILE A 277 -37.14 26.28 -26.50
CA ILE A 277 -38.08 25.80 -25.49
C ILE A 277 -37.52 26.17 -24.11
N PRO A 278 -38.38 26.29 -23.10
CA PRO A 278 -37.95 26.82 -21.82
C PRO A 278 -37.04 25.87 -21.06
N GLY A 279 -36.37 26.43 -20.05
CA GLY A 279 -35.36 25.73 -19.30
C GLY A 279 -35.87 24.56 -18.48
N PRO A 280 -34.97 23.82 -17.86
CA PRO A 280 -35.35 22.61 -17.12
C PRO A 280 -36.18 22.92 -15.90
N SER A 281 -36.80 21.87 -15.36
CA SER A 281 -37.60 22.00 -14.15
C SER A 281 -37.46 20.76 -13.30
N TYR A 282 -37.51 20.97 -11.99
CA TYR A 282 -37.58 19.89 -11.01
C TYR A 282 -38.63 20.34 -10.00
N ARG A 283 -39.77 19.66 -9.93
CA ARG A 283 -40.93 20.27 -9.29
C ARG A 283 -40.79 20.34 -7.77
N GLN A 284 -41.22 21.46 -7.21
CA GLN A 284 -41.32 21.70 -5.78
C GLN A 284 -42.79 21.64 -5.36
N GLN A 285 -43.04 21.19 -4.14
CA GLN A 285 -44.39 21.26 -3.60
C GLN A 285 -44.83 22.72 -3.47
N ARG A 286 -46.13 22.95 -3.58
CA ARG A 286 -46.67 24.31 -3.51
C ARG A 286 -47.24 24.59 -2.13
N VAL A 287 -46.66 25.56 -1.45
CA VAL A 287 -47.12 25.99 -0.14
C VAL A 287 -47.69 27.40 -0.28
N SER A 288 -48.87 27.61 0.30
CA SER A 288 -49.56 28.89 0.22
C SER A 288 -49.43 29.63 1.55
N THR A 289 -49.27 30.95 1.47
CA THR A 289 -49.03 31.75 2.65
C THR A 289 -50.22 31.78 3.60
N THR A 290 -51.43 31.72 3.09
CA THR A 290 -52.62 31.65 3.94
C THR A 290 -52.76 30.22 4.42
N VAL A 291 -52.72 30.02 5.74
CA VAL A 291 -52.61 28.66 6.26
C VAL A 291 -53.88 27.85 6.00
N THR A 292 -55.02 28.52 5.91
CA THR A 292 -56.27 27.79 5.66
C THR A 292 -56.20 26.99 4.36
N GLN A 293 -55.55 27.56 3.35
CA GLN A 293 -55.40 26.87 2.08
C GLN A 293 -54.56 25.60 2.17
N ASN A 294 -53.49 25.66 2.96
CA ASN A 294 -52.59 24.52 3.12
C ASN A 294 -53.26 23.33 3.79
N ASN A 295 -52.84 22.13 3.39
CA ASN A 295 -53.40 20.91 3.95
C ASN A 295 -53.06 20.83 5.44
N ASN A 296 -54.00 20.32 6.23
CA ASN A 296 -53.81 20.20 7.67
C ASN A 296 -53.06 18.93 8.03
N SER A 297 -51.77 18.90 7.71
CA SER A 297 -50.91 17.76 8.02
C SER A 297 -49.46 18.19 8.03
N GLU A 298 -48.59 17.38 8.61
CA GLU A 298 -47.18 17.73 8.65
C GLU A 298 -46.48 17.21 7.40
N PHE A 299 -46.33 18.08 6.41
CA PHE A 299 -45.69 17.71 5.15
C PHE A 299 -44.39 18.44 4.89
N ALA A 300 -43.80 19.05 5.91
CA ALA A 300 -42.58 19.81 5.71
C ALA A 300 -41.41 19.00 5.17
N TRP A 301 -41.20 17.80 5.71
CA TRP A 301 -40.10 16.96 5.23
C TRP A 301 -40.54 15.88 4.26
N PRO A 302 -41.68 15.24 4.54
CA PRO A 302 -42.26 14.16 3.73
C PRO A 302 -42.63 14.59 2.33
N GLY A 303 -43.14 15.81 2.17
CA GLY A 303 -43.56 16.32 0.88
C GLY A 303 -42.51 17.11 0.14
N ALA A 304 -41.30 17.16 0.67
CA ALA A 304 -40.21 17.95 0.06
C ALA A 304 -39.39 17.25 -1.03
N SER A 305 -39.00 18.05 -2.03
CA SER A 305 -38.18 17.60 -3.14
C SER A 305 -36.75 17.39 -2.65
N SER A 306 -36.21 16.20 -2.90
CA SER A 306 -34.91 15.87 -2.37
C SER A 306 -34.08 15.18 -3.45
N TRP A 307 -32.77 15.18 -3.24
CA TRP A 307 -31.86 14.33 -4.00
C TRP A 307 -31.06 13.48 -3.04
N ALA A 308 -30.98 12.20 -3.34
CA ALA A 308 -30.36 11.22 -2.47
C ALA A 308 -28.94 10.94 -2.92
N LEU A 309 -28.01 10.94 -1.97
CA LEU A 309 -26.62 10.67 -2.26
C LEU A 309 -26.05 9.79 -1.16
N ASN A 310 -25.45 8.66 -1.55
CA ASN A 310 -24.91 7.70 -0.59
C ASN A 310 -25.95 7.30 0.45
N GLY A 311 -27.20 7.23 0.02
CA GLY A 311 -28.28 6.86 0.90
C GLY A 311 -28.62 7.85 1.97
N ARG A 312 -28.20 9.11 1.84
CA ARG A 312 -28.63 10.16 2.74
C ARG A 312 -29.46 11.19 1.98
N ASN A 313 -30.77 11.19 2.23
CA ASN A 313 -31.69 12.08 1.56
C ASN A 313 -31.38 13.51 1.97
N SER A 314 -31.20 14.38 1.00
CA SER A 314 -30.83 15.77 1.22
C SER A 314 -31.82 16.65 0.49
N LEU A 315 -32.37 17.64 1.19
CA LEU A 315 -33.39 18.49 0.61
C LEU A 315 -32.83 19.20 -0.62
N MET A 316 -33.70 19.43 -1.61
CA MET A 316 -33.31 20.16 -2.80
C MET A 316 -33.58 21.62 -2.51
N ASN A 317 -32.52 22.38 -2.28
CA ASN A 317 -32.65 23.76 -1.92
C ASN A 317 -31.49 24.53 -2.49
N PRO A 318 -31.74 25.68 -3.09
CA PRO A 318 -33.03 26.16 -3.58
C PRO A 318 -33.50 25.38 -4.80
N GLY A 319 -32.61 24.61 -5.42
CA GLY A 319 -32.95 23.88 -6.63
C GLY A 319 -32.75 24.76 -7.84
N PRO A 320 -33.05 24.23 -9.03
CA PRO A 320 -32.83 25.00 -10.26
C PRO A 320 -33.60 26.31 -10.26
N ALA A 321 -33.19 27.21 -11.14
CA ALA A 321 -33.81 28.53 -11.21
C ALA A 321 -35.14 28.41 -11.93
N MET A 322 -36.22 28.73 -11.22
CA MET A 322 -37.57 28.59 -11.74
C MET A 322 -38.44 29.66 -11.11
N ALA A 323 -39.36 30.21 -11.89
CA ALA A 323 -40.30 31.18 -11.34
C ALA A 323 -41.08 30.55 -10.20
N SER A 324 -41.37 31.35 -9.18
CA SER A 324 -41.97 30.82 -7.97
C SER A 324 -43.46 30.59 -8.11
N HIS A 325 -44.14 31.37 -8.93
CA HIS A 325 -45.58 31.28 -9.02
C HIS A 325 -46.05 31.76 -10.39
N LYS A 326 -47.19 31.24 -10.81
CA LYS A 326 -47.78 31.67 -12.06
C LYS A 326 -48.16 33.14 -11.99
N GLU A 327 -48.27 33.76 -13.16
CA GLU A 327 -48.70 35.15 -13.22
C GLU A 327 -50.09 35.28 -12.62
N GLY A 328 -50.22 36.17 -11.63
CA GLY A 328 -51.49 36.42 -10.99
C GLY A 328 -51.67 35.77 -9.64
N GLU A 329 -50.90 34.72 -9.35
CA GLU A 329 -50.99 34.01 -8.08
C GLU A 329 -49.78 34.29 -7.20
N ASP A 330 -49.70 35.51 -6.69
CA ASP A 330 -48.58 35.93 -5.85
C ASP A 330 -48.43 35.21 -4.50
N ARG A 331 -49.55 34.86 -3.87
CA ARG A 331 -49.51 34.23 -2.56
C ARG A 331 -48.78 32.89 -2.47
N PHE A 332 -48.95 32.02 -3.45
CA PHE A 332 -48.28 30.72 -3.42
C PHE A 332 -46.77 30.82 -3.60
N PHE A 333 -46.02 29.99 -2.88
CA PHE A 333 -44.56 29.98 -3.01
C PHE A 333 -44.05 28.54 -2.94
N PRO A 334 -42.97 28.25 -3.68
CA PRO A 334 -42.38 26.91 -3.69
C PRO A 334 -41.86 26.59 -2.31
N LEU A 335 -42.00 25.35 -1.85
CA LEU A 335 -41.58 25.02 -0.51
C LEU A 335 -40.10 25.24 -0.24
N SER A 336 -39.24 24.82 -1.16
CA SER A 336 -37.81 25.03 -0.97
C SER A 336 -37.18 25.84 -2.10
N GLY A 337 -38.02 26.31 -3.02
CA GLY A 337 -37.58 27.05 -4.17
C GLY A 337 -36.88 28.38 -3.98
N SER A 338 -37.36 29.18 -3.03
CA SER A 338 -36.80 30.51 -2.82
C SER A 338 -36.02 30.67 -1.53
N LEU A 339 -34.91 31.39 -1.61
CA LEU A 339 -34.08 31.65 -0.43
C LEU A 339 -34.92 32.47 0.53
N ILE A 340 -34.86 32.13 1.82
CA ILE A 340 -35.62 32.86 2.82
C ILE A 340 -34.70 33.61 3.75
N PHE A 341 -34.94 34.90 3.90
CA PHE A 341 -34.10 35.72 4.77
C PHE A 341 -34.86 36.16 6.01
N GLY A 342 -34.24 36.03 7.17
CA GLY A 342 -34.89 36.48 8.38
C GLY A 342 -34.81 38.00 8.54
N LYS A 343 -35.88 38.57 9.09
CA LYS A 343 -35.88 39.98 9.42
C LYS A 343 -35.01 40.24 10.65
N GLN A 344 -34.64 41.49 10.85
CA GLN A 344 -33.80 41.87 11.99
C GLN A 344 -34.35 41.39 13.32
N GLY A 345 -33.55 40.62 14.05
CA GLY A 345 -33.93 40.09 15.34
C GLY A 345 -34.78 38.82 15.34
N THR A 346 -35.00 38.25 14.17
CA THR A 346 -35.80 37.03 14.07
C THR A 346 -35.10 35.88 14.80
N GLY A 347 -35.88 35.08 15.51
CA GLY A 347 -35.36 33.95 16.27
C GLY A 347 -34.83 32.79 15.45
N ARG A 348 -33.88 32.07 16.00
CA ARG A 348 -33.30 30.92 15.34
C ARG A 348 -34.28 29.76 15.11
N ASP A 349 -35.15 29.49 16.07
CA ASP A 349 -36.08 28.37 15.95
C ASP A 349 -37.58 28.72 15.95
N ASN A 350 -38.29 28.15 14.98
CA ASN A 350 -39.74 28.32 14.85
C ASN A 350 -40.31 29.73 14.97
N VAL A 351 -39.96 30.56 14.00
CA VAL A 351 -40.46 31.93 13.89
C VAL A 351 -41.50 31.99 12.79
N ASP A 352 -42.52 32.83 12.97
CA ASP A 352 -43.63 32.82 12.04
C ASP A 352 -43.23 33.41 10.70
N ALA A 353 -44.17 33.40 9.77
CA ALA A 353 -43.88 33.81 8.40
C ALA A 353 -43.59 35.30 8.30
N ASP A 354 -44.25 36.11 9.12
CA ASP A 354 -43.99 37.54 9.12
C ASP A 354 -42.64 37.90 9.75
N LYS A 355 -41.94 36.92 10.30
CA LYS A 355 -40.58 37.12 10.80
C LYS A 355 -39.51 36.81 9.75
N VAL A 356 -39.89 36.45 8.53
CA VAL A 356 -38.93 36.10 7.50
C VAL A 356 -39.32 36.75 6.18
N MET A 357 -38.31 37.03 5.37
CA MET A 357 -38.50 37.54 4.01
C MET A 357 -38.40 36.37 3.05
N ILE A 358 -39.41 36.22 2.21
CA ILE A 358 -39.46 35.15 1.22
C ILE A 358 -39.32 35.78 -0.15
N THR A 359 -38.19 35.53 -0.79
CA THR A 359 -37.92 36.13 -2.09
C THR A 359 -38.66 35.38 -3.20
N ASN A 360 -39.15 36.13 -4.18
CA ASN A 360 -39.83 35.55 -5.32
C ASN A 360 -39.00 35.77 -6.58
N GLU A 361 -39.02 34.76 -7.44
CA GLU A 361 -38.25 34.77 -8.69
C GLU A 361 -39.07 35.23 -9.89
N GLU A 362 -40.28 35.72 -9.68
CA GLU A 362 -41.25 35.87 -10.77
C GLU A 362 -40.71 36.63 -11.97
N GLU A 363 -39.61 37.37 -11.80
CA GLU A 363 -39.01 38.06 -12.94
C GLU A 363 -38.69 37.13 -14.11
N ILE A 364 -38.34 35.87 -13.83
CA ILE A 364 -37.83 34.96 -14.84
C ILE A 364 -38.94 34.11 -15.44
N LYS A 365 -40.19 34.40 -15.08
CA LYS A 365 -41.29 33.56 -15.53
C LYS A 365 -41.36 33.41 -17.04
N THR A 366 -40.75 34.32 -17.81
CA THR A 366 -40.88 34.28 -19.25
C THR A 366 -40.17 33.07 -19.84
N THR A 367 -38.88 32.90 -19.53
CA THR A 367 -38.10 31.82 -20.12
C THR A 367 -37.99 30.57 -19.26
N ASN A 368 -38.54 30.57 -18.04
CA ASN A 368 -38.36 29.40 -17.20
C ASN A 368 -39.70 28.86 -16.75
N PRO A 369 -39.78 27.56 -16.47
CA PRO A 369 -41.03 26.99 -15.97
C PRO A 369 -41.26 27.33 -14.51
N VAL A 370 -42.54 27.40 -14.14
CA VAL A 370 -42.92 27.66 -12.76
C VAL A 370 -42.41 26.51 -11.89
N ALA A 371 -42.04 26.83 -10.65
CA ALA A 371 -41.41 25.82 -9.80
C ALA A 371 -42.39 24.73 -9.38
N THR A 372 -43.66 25.08 -9.20
CA THR A 372 -44.65 24.16 -8.67
C THR A 372 -45.45 23.45 -9.77
N GLU A 373 -45.08 23.63 -11.03
CA GLU A 373 -45.83 23.09 -12.15
C GLU A 373 -45.02 22.00 -12.85
N SER A 374 -45.74 21.10 -13.51
CA SER A 374 -45.10 20.10 -14.35
C SER A 374 -44.55 20.76 -15.59
N TYR A 375 -43.42 20.24 -16.08
CA TYR A 375 -42.79 20.85 -17.24
C TYR A 375 -43.66 20.75 -18.47
N GLY A 376 -44.43 19.68 -18.61
CA GLY A 376 -45.25 19.50 -19.78
C GLY A 376 -45.86 18.11 -19.80
N GLN A 377 -46.20 17.67 -21.00
CA GLN A 377 -46.85 16.37 -21.21
C GLN A 377 -46.16 15.62 -22.33
N VAL A 378 -46.10 14.30 -22.17
CA VAL A 378 -45.54 13.40 -23.18
C VAL A 378 -46.51 12.25 -23.40
N ALA A 379 -46.57 11.80 -24.64
CA ALA A 379 -47.43 10.67 -24.98
C ALA A 379 -46.91 9.41 -24.32
N THR A 380 -47.80 8.66 -23.66
CA THR A 380 -47.40 7.44 -22.99
C THR A 380 -47.71 6.16 -23.77
N ASN A 381 -48.34 6.25 -24.94
CA ASN A 381 -48.62 5.06 -25.72
C ASN A 381 -48.96 5.44 -27.15
N HIS A 382 -49.20 4.43 -27.98
CA HIS A 382 -49.54 4.62 -29.38
C HIS A 382 -51.05 4.55 -29.52
N GLN A 383 -51.64 5.51 -30.21
CA GLN A 383 -53.06 5.42 -30.50
C GLN A 383 -53.32 4.28 -31.47
N SER A 384 -54.58 3.84 -31.48
CA SER A 384 -55.04 2.82 -32.42
C SER A 384 -56.55 2.84 -32.37
N ALA A 385 -57.17 1.98 -33.17
CA ALA A 385 -58.62 1.80 -33.06
C ALA A 385 -58.98 1.24 -31.70
N GLN A 386 -58.10 0.43 -31.11
CA GLN A 386 -58.36 -0.23 -29.83
C GLN A 386 -57.76 0.48 -28.63
N ALA A 387 -56.99 1.55 -28.84
CA ALA A 387 -56.32 2.21 -27.72
C ALA A 387 -56.35 3.71 -27.93
N GLN A 388 -56.81 4.44 -26.90
CA GLN A 388 -56.87 5.89 -27.00
C GLN A 388 -55.49 6.51 -26.83
N ALA A 389 -55.35 7.71 -27.36
CA ALA A 389 -54.12 8.47 -27.18
C ALA A 389 -54.01 8.91 -25.72
N GLN A 390 -52.91 8.54 -25.08
CA GLN A 390 -52.68 8.86 -23.69
C GLN A 390 -51.48 9.78 -23.57
N THR A 391 -51.47 10.56 -22.50
CA THR A 391 -50.35 11.42 -22.18
C THR A 391 -50.03 11.26 -20.70
N GLY A 392 -48.89 11.80 -20.31
CA GLY A 392 -48.49 11.75 -18.91
C GLY A 392 -47.69 12.99 -18.60
N TRP A 393 -47.66 13.34 -17.32
CA TRP A 393 -47.07 14.58 -16.90
C TRP A 393 -45.57 14.43 -16.76
N VAL A 394 -44.84 15.46 -17.14
CA VAL A 394 -43.40 15.50 -16.94
C VAL A 394 -43.15 16.20 -15.62
N GLN A 395 -42.76 15.44 -14.61
CA GLN A 395 -42.53 16.03 -13.29
C GLN A 395 -41.15 16.66 -13.18
N ASN A 396 -40.19 16.18 -13.95
CA ASN A 396 -38.88 16.82 -14.04
C ASN A 396 -38.31 16.60 -15.43
N GLN A 397 -37.60 17.59 -15.93
CA GLN A 397 -37.00 17.50 -17.25
C GLN A 397 -35.56 17.97 -17.15
N GLY A 398 -34.64 17.16 -17.67
CA GLY A 398 -33.26 17.58 -17.77
C GLY A 398 -33.09 18.56 -18.91
N ILE A 399 -31.84 18.67 -19.37
CA ILE A 399 -31.57 19.53 -20.50
C ILE A 399 -31.90 18.81 -21.79
N LEU A 400 -32.42 19.56 -22.76
CA LEU A 400 -32.62 19.10 -24.12
C LEU A 400 -31.94 20.09 -25.07
N PRO A 401 -31.66 19.68 -26.30
CA PRO A 401 -31.18 20.65 -27.28
C PRO A 401 -32.20 21.76 -27.50
N GLY A 402 -31.74 23.00 -27.43
CA GLY A 402 -32.58 24.14 -27.72
C GLY A 402 -33.13 24.89 -26.53
N MET A 403 -32.95 24.39 -25.32
CA MET A 403 -33.47 25.09 -24.16
C MET A 403 -32.69 26.36 -23.87
N VAL A 404 -33.41 27.39 -23.45
CA VAL A 404 -32.84 28.61 -22.91
C VAL A 404 -33.39 28.80 -21.51
N TRP A 405 -32.59 29.41 -20.64
CA TRP A 405 -33.06 29.60 -19.27
C TRP A 405 -32.30 30.75 -18.62
N GLN A 406 -32.90 31.27 -17.56
CA GLN A 406 -32.34 32.35 -16.77
C GLN A 406 -31.83 31.80 -15.43
N ASP A 407 -30.76 32.40 -14.93
CA ASP A 407 -30.22 32.00 -13.65
C ASP A 407 -31.06 32.61 -12.53
N ARG A 408 -30.71 32.28 -11.30
CA ARG A 408 -31.38 32.89 -10.16
C ARG A 408 -30.81 34.26 -9.89
N ASP A 409 -31.68 35.19 -9.52
CA ASP A 409 -31.23 36.55 -9.28
C ASP A 409 -30.41 36.62 -7.99
N VAL A 410 -29.59 37.65 -7.88
CA VAL A 410 -28.81 37.90 -6.69
C VAL A 410 -29.46 39.05 -5.92
N TYR A 411 -29.43 38.94 -4.60
CA TYR A 411 -30.08 39.91 -3.73
C TYR A 411 -29.03 40.63 -2.90
N LEU A 412 -29.37 41.85 -2.49
CA LEU A 412 -28.45 42.64 -1.66
C LEU A 412 -27.96 41.83 -0.47
N GLN A 413 -28.80 40.95 0.06
CA GLN A 413 -28.41 40.09 1.16
C GLN A 413 -27.87 38.73 0.70
N GLY A 414 -27.78 38.49 -0.59
CA GLY A 414 -27.42 37.18 -1.09
C GLY A 414 -25.94 37.01 -1.32
N PRO A 415 -25.48 35.77 -1.45
CA PRO A 415 -24.06 35.53 -1.64
C PRO A 415 -23.60 35.99 -3.02
N ILE A 416 -22.29 36.16 -3.16
CA ILE A 416 -21.72 36.59 -4.43
C ILE A 416 -21.21 35.41 -5.22
N TRP A 417 -20.22 34.69 -4.71
CA TRP A 417 -19.57 33.65 -5.48
C TRP A 417 -19.69 32.30 -4.78
N ALA A 418 -19.40 31.26 -5.55
CA ALA A 418 -19.22 29.94 -5.02
C ALA A 418 -18.01 29.32 -5.70
N LYS A 419 -17.50 28.25 -5.13
CA LYS A 419 -16.39 27.51 -5.72
C LYS A 419 -16.94 26.31 -6.47
N ILE A 420 -16.56 26.19 -7.73
CA ILE A 420 -17.00 25.03 -8.52
C ILE A 420 -16.23 23.81 -8.06
N PRO A 421 -16.88 22.80 -7.48
CA PRO A 421 -16.15 21.64 -6.99
C PRO A 421 -15.30 21.03 -8.09
N HIS A 422 -14.11 20.57 -7.71
CA HIS A 422 -13.15 20.10 -8.69
C HIS A 422 -13.55 18.68 -9.08
N THR A 423 -13.92 18.50 -10.35
CA THR A 423 -14.53 17.28 -10.84
C THR A 423 -14.21 17.11 -12.31
N ASP A 424 -14.48 15.91 -12.83
CA ASP A 424 -14.28 15.65 -14.25
C ASP A 424 -15.13 16.57 -15.11
N GLY A 425 -16.39 16.75 -14.76
CA GLY A 425 -17.27 17.54 -15.58
C GLY A 425 -18.37 18.20 -14.77
N ASN A 426 -18.93 19.26 -15.33
CA ASN A 426 -20.05 19.98 -14.74
C ASN A 426 -20.76 20.73 -15.86
N PHE A 427 -22.03 21.05 -15.63
CA PHE A 427 -22.82 21.74 -16.65
C PHE A 427 -23.38 23.04 -16.09
N HIS A 428 -23.09 24.13 -16.79
CA HIS A 428 -23.55 25.46 -16.42
C HIS A 428 -23.25 25.67 -14.95
N PRO A 429 -21.97 25.86 -14.60
CA PRO A 429 -21.57 25.75 -13.20
C PRO A 429 -22.11 26.82 -12.29
N SER A 430 -22.72 27.87 -12.83
CA SER A 430 -23.21 28.96 -12.00
C SER A 430 -24.04 28.41 -10.84
N PRO A 431 -23.75 28.80 -9.59
CA PRO A 431 -24.35 28.11 -8.45
C PRO A 431 -25.84 28.37 -8.37
N LEU A 432 -26.53 27.51 -7.62
CA LEU A 432 -27.99 27.57 -7.59
C LEU A 432 -28.49 28.69 -6.71
N MET A 433 -27.78 28.99 -5.61
CA MET A 433 -28.25 30.06 -4.73
C MET A 433 -28.12 31.42 -5.39
N GLY A 434 -27.03 31.66 -6.07
CA GLY A 434 -26.93 32.83 -6.93
C GLY A 434 -25.49 33.23 -7.11
N GLY A 435 -25.28 34.16 -8.02
CA GLY A 435 -23.98 34.74 -8.18
C GLY A 435 -23.11 34.07 -9.23
N PHE A 436 -21.81 34.22 -9.02
CA PHE A 436 -20.81 33.90 -10.03
C PHE A 436 -20.05 32.65 -9.61
N GLY A 437 -20.28 31.54 -10.32
CA GLY A 437 -19.52 30.32 -10.11
C GLY A 437 -18.13 30.48 -10.70
N MET A 438 -17.13 30.07 -9.94
CA MET A 438 -15.75 30.27 -10.33
C MET A 438 -14.91 29.04 -9.98
N LYS A 439 -14.05 28.64 -10.91
CA LYS A 439 -13.12 27.55 -10.64
C LYS A 439 -12.20 27.90 -9.49
N HIS A 440 -11.58 29.08 -9.55
CA HIS A 440 -10.76 29.60 -8.46
C HIS A 440 -11.41 30.85 -7.90
N PRO A 441 -12.06 30.79 -6.75
CA PRO A 441 -12.71 31.96 -6.20
C PRO A 441 -11.72 32.77 -5.39
N PRO A 442 -12.13 33.89 -4.83
CA PRO A 442 -11.27 34.59 -3.87
C PRO A 442 -10.83 33.66 -2.77
N PRO A 443 -9.57 33.70 -2.38
CA PRO A 443 -9.04 32.69 -1.46
C PRO A 443 -9.58 32.89 -0.06
N GLN A 444 -9.58 31.79 0.69
CA GLN A 444 -9.90 31.88 2.11
C GLN A 444 -8.83 32.68 2.82
N ILE A 445 -9.20 33.29 3.93
CA ILE A 445 -8.26 34.01 4.78
C ILE A 445 -8.45 33.48 6.19
N LEU A 446 -7.43 32.80 6.71
CA LEU A 446 -7.50 32.17 8.01
C LEU A 446 -6.69 32.98 9.01
N ILE A 447 -7.12 33.00 10.27
CA ILE A 447 -6.48 33.83 11.28
C ILE A 447 -6.62 33.16 12.64
N LYS A 448 -5.60 33.31 13.49
CA LYS A 448 -5.68 32.87 14.87
C LYS A 448 -4.70 33.66 15.72
N ASN A 449 -4.91 33.61 17.03
CA ASN A 449 -4.05 34.29 17.98
C ASN A 449 -3.04 33.32 18.55
N THR A 450 -1.76 33.55 18.26
CA THR A 450 -0.72 32.61 18.64
C THR A 450 -0.75 32.36 20.14
N PRO A 451 -0.80 31.10 20.58
CA PRO A 451 -0.94 30.84 22.02
C PRO A 451 0.30 31.24 22.78
N VAL A 452 0.08 31.90 23.92
CA VAL A 452 1.15 32.26 24.83
C VAL A 452 1.01 31.40 26.08
N PRO A 453 1.90 30.44 26.31
CA PRO A 453 1.73 29.53 27.44
C PRO A 453 1.91 30.26 28.76
N ALA A 454 1.25 29.74 29.79
CA ALA A 454 1.44 30.27 31.13
C ALA A 454 2.77 29.78 31.68
N ASP A 455 3.00 30.02 32.96
CA ASP A 455 4.26 29.62 33.55
C ASP A 455 4.39 28.09 33.52
N PRO A 456 5.45 27.56 32.93
CA PRO A 456 5.67 26.13 32.97
C PRO A 456 6.22 25.71 34.33
N PRO A 457 6.03 24.46 34.73
CA PRO A 457 6.63 23.99 35.97
C PRO A 457 8.15 23.94 35.85
N THR A 458 8.81 24.17 36.98
CA THR A 458 10.28 24.23 37.00
C THR A 458 10.93 22.87 36.74
N ALA A 459 10.19 21.78 36.84
CA ALA A 459 10.72 20.45 36.55
C ALA A 459 10.16 19.97 35.22
N PHE A 460 10.96 19.19 34.49
CA PHE A 460 10.58 18.82 33.14
C PHE A 460 9.43 17.82 33.16
N ASN A 461 8.45 18.05 32.30
CA ASN A 461 7.37 17.11 32.04
C ASN A 461 7.10 17.13 30.54
N LYS A 462 7.19 15.95 29.91
CA LYS A 462 7.10 15.87 28.46
C LYS A 462 5.77 16.32 27.90
N ASP A 463 4.71 16.28 28.70
CA ASP A 463 3.38 16.57 28.21
C ASP A 463 3.28 18.00 27.69
N LYS A 464 2.40 18.20 26.71
CA LYS A 464 2.23 19.52 26.14
C LYS A 464 1.51 20.43 27.12
N LEU A 465 1.77 21.72 27.01
CA LEU A 465 1.25 22.68 27.97
C LEU A 465 -0.19 23.01 27.64
N ASN A 466 -1.10 22.73 28.57
CA ASN A 466 -2.52 23.01 28.41
C ASN A 466 -2.95 24.31 29.08
N SER A 467 -2.02 25.05 29.68
CA SER A 467 -2.33 26.26 30.44
C SER A 467 -1.88 27.49 29.66
N PHE A 468 -2.84 28.28 29.19
CA PHE A 468 -2.55 29.45 28.38
C PHE A 468 -3.18 30.69 28.98
N ILE A 469 -2.68 31.84 28.56
CA ILE A 469 -3.17 33.12 29.03
C ILE A 469 -4.43 33.47 28.25
N THR A 470 -5.48 33.91 28.95
CA THR A 470 -6.69 34.36 28.28
C THR A 470 -6.37 35.58 27.45
N GLN A 471 -6.75 35.54 26.17
CA GLN A 471 -6.27 36.54 25.23
C GLN A 471 -7.24 36.69 24.09
N TYR A 472 -7.35 37.91 23.57
CA TYR A 472 -8.04 38.15 22.31
C TYR A 472 -7.42 39.37 21.66
N SER A 473 -7.72 39.55 20.38
CA SER A 473 -7.16 40.65 19.61
C SER A 473 -8.26 41.36 18.83
N THR A 474 -7.93 42.52 18.30
CA THR A 474 -8.89 43.35 17.58
C THR A 474 -8.14 44.25 16.61
N GLY A 475 -8.88 44.83 15.68
CA GLY A 475 -8.25 45.52 14.57
C GLY A 475 -9.24 45.91 13.50
N GLN A 476 -8.73 46.00 12.27
CA GLN A 476 -9.48 46.48 11.12
C GLN A 476 -9.42 45.45 10.02
N VAL A 477 -10.27 45.64 9.00
CA VAL A 477 -10.24 44.77 7.82
C VAL A 477 -9.80 45.53 6.58
N TYR B 224 -25.42 15.48 -45.05
CA TYR B 224 -25.17 14.07 -45.35
C TYR B 224 -26.04 13.14 -44.53
N ALA B 225 -25.70 11.86 -44.54
CA ALA B 225 -26.39 10.84 -43.76
C ALA B 225 -25.41 9.74 -43.39
N HIS B 226 -25.59 9.19 -42.19
CA HIS B 226 -24.70 8.15 -41.70
C HIS B 226 -24.95 6.83 -42.39
N SER B 227 -23.86 6.10 -42.66
CA SER B 227 -23.91 4.75 -43.17
C SER B 227 -23.77 3.72 -42.07
N GLN B 228 -23.65 4.15 -40.82
CA GLN B 228 -23.55 3.25 -39.68
C GLN B 228 -24.65 3.56 -38.70
N SER B 229 -24.86 2.64 -37.77
CA SER B 229 -25.74 2.86 -36.63
C SER B 229 -24.90 2.86 -35.35
N LEU B 230 -25.40 3.56 -34.34
CA LEU B 230 -24.61 3.78 -33.13
C LEU B 230 -24.35 2.48 -32.39
N ASP B 231 -25.32 1.58 -32.39
CA ASP B 231 -25.22 0.33 -31.65
C ASP B 231 -24.37 -0.72 -32.32
N ARG B 232 -24.19 -0.64 -33.64
CA ARG B 232 -23.44 -1.63 -34.40
C ARG B 232 -22.00 -1.23 -34.70
N LEU B 233 -21.49 -0.15 -34.09
CA LEU B 233 -20.13 0.30 -34.40
C LEU B 233 -19.07 -0.76 -34.16
N MET B 234 -19.42 -1.88 -33.54
CA MET B 234 -18.49 -2.94 -33.16
C MET B 234 -17.87 -3.61 -34.38
N ASN B 235 -16.78 -4.32 -34.12
CA ASN B 235 -16.18 -5.25 -35.08
C ASN B 235 -16.88 -6.60 -34.97
N PRO B 236 -17.54 -7.07 -36.03
CA PRO B 236 -18.35 -8.29 -35.91
C PRO B 236 -17.57 -9.57 -35.69
N LEU B 237 -16.26 -9.56 -35.90
CA LEU B 237 -15.50 -10.80 -35.95
C LEU B 237 -14.79 -11.17 -34.66
N ILE B 238 -14.82 -10.32 -33.63
CA ILE B 238 -13.97 -10.49 -32.46
C ILE B 238 -14.81 -10.35 -31.19
N ASP B 239 -14.44 -11.11 -30.16
CA ASP B 239 -15.10 -11.02 -28.87
C ASP B 239 -14.67 -9.77 -28.12
N GLN B 240 -15.54 -9.29 -27.24
CA GLN B 240 -15.09 -8.34 -26.24
C GLN B 240 -14.38 -9.08 -25.11
N TYR B 241 -13.57 -8.35 -24.36
CA TYR B 241 -12.96 -8.87 -23.14
C TYR B 241 -13.82 -8.64 -21.91
N LEU B 242 -15.05 -8.18 -22.09
CA LEU B 242 -15.95 -7.91 -20.99
C LEU B 242 -17.00 -9.02 -20.90
N TYR B 243 -17.47 -9.27 -19.68
CA TYR B 243 -18.48 -10.26 -19.41
C TYR B 243 -19.77 -9.58 -18.98
N TYR B 244 -20.88 -10.29 -19.15
CA TYR B 244 -22.18 -9.81 -18.72
C TYR B 244 -22.87 -10.92 -17.94
N LEU B 245 -24.00 -10.59 -17.31
CA LEU B 245 -24.70 -11.57 -16.49
C LEU B 245 -25.66 -12.34 -17.39
N SER B 246 -25.32 -13.60 -17.64
CA SER B 246 -26.11 -14.39 -18.58
C SER B 246 -27.34 -15.00 -17.91
N LYS B 247 -27.16 -15.63 -16.75
CA LYS B 247 -28.21 -16.46 -16.16
C LYS B 247 -28.28 -16.18 -14.66
N THR B 248 -29.50 -15.95 -14.19
CA THR B 248 -29.76 -15.69 -12.79
C THR B 248 -30.39 -16.92 -12.14
N ILE B 249 -30.89 -17.82 -12.97
CA ILE B 249 -31.53 -19.03 -12.49
C ILE B 249 -30.99 -20.27 -13.19
N ASN B 250 -30.68 -21.32 -12.42
CA ASN B 250 -30.17 -22.56 -13.01
C ASN B 250 -31.23 -23.16 -13.92
N GLY B 251 -32.47 -23.14 -13.45
CA GLY B 251 -33.59 -23.70 -14.18
C GLY B 251 -34.61 -24.24 -13.20
N SER B 252 -35.60 -24.96 -13.69
CA SER B 252 -36.61 -25.58 -12.83
C SER B 252 -37.23 -24.66 -11.77
N GLY B 253 -37.24 -25.10 -10.51
CA GLY B 253 -37.85 -24.31 -9.45
C GLY B 253 -37.44 -24.46 -7.99
N GLN B 254 -37.87 -23.47 -7.22
CA GLN B 254 -37.71 -23.32 -5.76
C GLN B 254 -36.35 -22.95 -5.15
N ASN B 255 -35.32 -23.76 -5.34
CA ASN B 255 -34.04 -23.38 -4.76
C ASN B 255 -32.90 -23.18 -5.76
N GLN B 256 -33.24 -23.11 -7.03
CA GLN B 256 -32.21 -22.95 -8.04
C GLN B 256 -31.96 -21.48 -8.27
N GLN B 257 -30.76 -21.04 -7.89
CA GLN B 257 -30.35 -19.67 -8.04
C GLN B 257 -28.85 -19.68 -8.20
N THR B 258 -28.37 -19.05 -9.26
CA THR B 258 -26.94 -19.02 -9.54
C THR B 258 -26.55 -17.82 -10.37
N LEU B 259 -25.27 -17.48 -10.37
CA LEU B 259 -24.80 -16.36 -11.17
C LEU B 259 -23.85 -16.91 -12.22
N LYS B 260 -24.27 -16.85 -13.49
CA LYS B 260 -23.47 -17.35 -14.59
C LYS B 260 -23.16 -16.21 -15.53
N PHE B 261 -21.87 -15.98 -15.76
CA PHE B 261 -21.39 -14.88 -16.58
C PHE B 261 -20.90 -15.41 -17.92
N SER B 262 -21.13 -14.64 -18.97
CA SER B 262 -20.76 -15.05 -20.32
C SER B 262 -20.02 -13.90 -20.98
N VAL B 263 -19.41 -14.18 -22.14
CA VAL B 263 -18.70 -13.12 -22.86
C VAL B 263 -19.64 -12.43 -23.83
N ALA B 264 -19.60 -11.11 -23.85
CA ALA B 264 -20.30 -10.36 -24.88
C ALA B 264 -19.53 -10.46 -26.17
N GLY B 265 -20.18 -10.92 -27.22
CA GLY B 265 -19.50 -11.21 -28.45
C GLY B 265 -20.40 -11.10 -29.67
N PRO B 266 -19.87 -11.48 -30.84
CA PRO B 266 -20.64 -11.35 -32.08
C PRO B 266 -21.99 -12.05 -32.03
N SER B 267 -22.09 -13.18 -31.36
CA SER B 267 -23.35 -13.92 -31.35
C SER B 267 -24.46 -13.09 -30.72
N ASN B 268 -24.24 -12.54 -29.54
CA ASN B 268 -25.22 -11.67 -28.88
C ASN B 268 -24.66 -10.26 -28.90
N MET B 269 -25.19 -9.40 -29.76
CA MET B 269 -24.69 -8.06 -29.92
C MET B 269 -25.48 -7.00 -29.17
N ALA B 270 -26.57 -7.38 -28.50
CA ALA B 270 -27.31 -6.37 -27.75
C ALA B 270 -26.64 -6.07 -26.42
N VAL B 271 -26.01 -7.06 -25.80
CA VAL B 271 -25.53 -6.91 -24.43
C VAL B 271 -24.10 -6.45 -24.35
N GLN B 272 -23.48 -6.12 -25.47
CA GLN B 272 -22.09 -5.72 -25.42
C GLN B 272 -21.94 -4.34 -24.80
N GLY B 273 -20.74 -4.05 -24.30
CA GLY B 273 -20.47 -2.73 -23.77
C GLY B 273 -20.27 -1.73 -24.89
N ARG B 274 -20.77 -0.52 -24.66
CA ARG B 274 -20.69 0.54 -25.66
C ARG B 274 -20.30 1.85 -24.99
N ASN B 275 -19.57 2.67 -25.74
CA ASN B 275 -19.03 3.91 -25.22
C ASN B 275 -19.97 5.11 -25.37
N TYR B 276 -21.02 4.99 -26.16
CA TYR B 276 -21.88 6.15 -26.40
C TYR B 276 -23.32 5.73 -26.56
N ILE B 277 -24.24 6.59 -26.13
CA ILE B 277 -25.66 6.29 -26.14
C ILE B 277 -26.35 7.41 -26.91
N PRO B 278 -27.50 7.12 -27.53
CA PRO B 278 -28.03 8.03 -28.54
C PRO B 278 -28.76 9.22 -27.92
N GLY B 279 -29.25 10.09 -28.81
CA GLY B 279 -29.75 11.39 -28.44
C GLY B 279 -30.94 11.37 -27.50
N PRO B 280 -31.26 12.53 -26.93
CA PRO B 280 -32.37 12.62 -25.98
C PRO B 280 -33.71 12.67 -26.70
N SER B 281 -34.74 12.19 -25.99
CA SER B 281 -36.06 12.08 -26.58
C SER B 281 -37.12 12.67 -25.67
N TYR B 282 -38.10 13.31 -26.28
CA TYR B 282 -39.32 13.77 -25.62
C TYR B 282 -40.46 13.28 -26.51
N ARG B 283 -41.22 12.28 -26.05
CA ARG B 283 -41.98 11.47 -27.00
C ARG B 283 -43.12 12.25 -27.65
N GLN B 284 -43.39 11.91 -28.91
CA GLN B 284 -44.52 12.41 -29.69
C GLN B 284 -45.54 11.30 -29.88
N GLN B 285 -46.80 11.68 -30.04
CA GLN B 285 -47.84 10.70 -30.36
C GLN B 285 -47.70 10.22 -31.80
N ARG B 286 -48.03 8.96 -32.03
CA ARG B 286 -47.86 8.34 -33.35
C ARG B 286 -49.16 8.47 -34.14
N VAL B 287 -49.07 9.11 -35.30
CA VAL B 287 -50.21 9.29 -36.18
C VAL B 287 -49.93 8.57 -37.50
N SER B 288 -50.90 7.79 -37.96
CA SER B 288 -50.77 7.03 -39.19
C SER B 288 -51.50 7.72 -40.32
N THR B 289 -50.95 7.61 -41.53
CA THR B 289 -51.53 8.23 -42.70
C THR B 289 -52.73 7.46 -43.25
N THR B 290 -52.97 6.24 -42.79
CA THR B 290 -54.16 5.49 -43.14
C THR B 290 -55.22 5.78 -42.08
N VAL B 291 -56.28 6.49 -42.47
CA VAL B 291 -57.17 7.08 -41.48
C VAL B 291 -57.94 6.01 -40.71
N THR B 292 -57.90 4.77 -41.16
CA THR B 292 -58.61 3.72 -40.45
C THR B 292 -57.88 3.29 -39.18
N GLN B 293 -56.56 3.29 -39.24
CA GLN B 293 -55.73 2.90 -38.10
C GLN B 293 -55.87 3.85 -36.91
N ASN B 294 -55.98 5.14 -37.19
CA ASN B 294 -56.10 6.14 -36.15
C ASN B 294 -57.34 5.97 -35.28
N ASN B 295 -57.20 6.26 -34.00
CA ASN B 295 -58.29 6.13 -33.05
C ASN B 295 -59.42 7.09 -33.42
N ASN B 296 -60.65 6.64 -33.24
CA ASN B 296 -61.81 7.46 -33.58
C ASN B 296 -62.18 8.41 -32.45
N SER B 297 -61.34 9.42 -32.24
CA SER B 297 -61.57 10.42 -31.21
C SER B 297 -60.78 11.66 -31.54
N GLU B 298 -61.13 12.79 -30.92
CA GLU B 298 -60.43 14.04 -31.17
C GLU B 298 -59.23 14.16 -30.26
N PHE B 299 -58.14 13.53 -30.67
CA PHE B 299 -56.91 13.53 -29.91
C PHE B 299 -55.88 14.51 -30.44
N ALA B 300 -56.29 15.38 -31.35
CA ALA B 300 -55.34 16.30 -31.95
C ALA B 300 -54.69 17.25 -30.94
N TRP B 301 -55.46 17.80 -30.01
CA TRP B 301 -54.88 18.70 -29.02
C TRP B 301 -54.58 18.02 -27.69
N PRO B 302 -55.54 17.22 -27.19
CA PRO B 302 -55.35 16.52 -25.92
C PRO B 302 -54.20 15.54 -25.99
N GLY B 303 -54.13 14.82 -27.11
CA GLY B 303 -53.08 13.84 -27.35
C GLY B 303 -51.68 14.41 -27.47
N ALA B 304 -51.57 15.56 -28.11
CA ALA B 304 -50.28 16.19 -28.39
C ALA B 304 -49.41 16.55 -27.20
N SER B 305 -48.10 16.36 -27.38
CA SER B 305 -47.11 16.69 -26.37
C SER B 305 -47.02 18.19 -26.27
N SER B 306 -46.69 18.70 -25.09
CA SER B 306 -46.66 20.13 -24.91
C SER B 306 -45.70 20.50 -23.80
N TRP B 307 -45.27 21.76 -23.80
CA TRP B 307 -44.51 22.34 -22.71
C TRP B 307 -45.26 23.54 -22.15
N ALA B 308 -45.53 23.49 -20.85
CA ALA B 308 -46.31 24.50 -20.16
C ALA B 308 -45.41 25.61 -19.67
N LEU B 309 -45.80 26.85 -19.95
CA LEU B 309 -45.04 28.02 -19.54
C LEU B 309 -45.99 29.09 -19.06
N ASN B 310 -45.69 29.67 -17.89
CA ASN B 310 -46.47 30.78 -17.34
C ASN B 310 -47.93 30.37 -17.14
N GLY B 311 -48.15 29.08 -16.97
CA GLY B 311 -49.50 28.55 -16.90
C GLY B 311 -50.18 28.40 -18.23
N ARG B 312 -49.49 28.65 -19.33
CA ARG B 312 -50.03 28.44 -20.67
C ARG B 312 -49.41 27.20 -21.29
N ASN B 313 -50.25 26.22 -21.61
CA ASN B 313 -49.82 25.03 -22.32
C ASN B 313 -49.50 25.42 -23.76
N SER B 314 -48.38 24.90 -24.25
CA SER B 314 -47.93 25.17 -25.61
C SER B 314 -47.50 23.88 -26.29
N LEU B 315 -48.11 23.59 -27.42
CA LEU B 315 -47.76 22.41 -28.21
C LEU B 315 -46.27 22.41 -28.52
N MET B 316 -45.68 21.22 -28.51
CA MET B 316 -44.25 21.07 -28.77
C MET B 316 -44.08 20.92 -30.27
N ASN B 317 -43.56 21.97 -30.91
CA ASN B 317 -43.40 21.97 -32.35
C ASN B 317 -42.10 22.65 -32.73
N PRO B 318 -41.33 22.06 -33.64
CA PRO B 318 -41.39 20.63 -33.97
C PRO B 318 -40.84 19.77 -32.85
N GLY B 319 -40.10 20.37 -31.92
CA GLY B 319 -39.53 19.66 -30.81
C GLY B 319 -38.10 19.29 -31.06
N PRO B 320 -37.51 18.50 -30.16
CA PRO B 320 -36.13 18.05 -30.38
C PRO B 320 -36.03 17.24 -31.67
N ALA B 321 -34.82 17.13 -32.19
CA ALA B 321 -34.61 16.37 -33.42
C ALA B 321 -34.62 14.89 -33.08
N MET B 322 -35.53 14.15 -33.72
CA MET B 322 -35.64 12.71 -33.53
C MET B 322 -36.08 12.09 -34.84
N ALA B 323 -35.85 10.78 -34.97
CA ALA B 323 -36.30 10.07 -36.16
C ALA B 323 -37.82 10.13 -36.25
N SER B 324 -38.33 10.12 -37.48
CA SER B 324 -39.78 10.20 -37.66
C SER B 324 -40.46 8.87 -37.36
N HIS B 325 -39.87 7.77 -37.78
CA HIS B 325 -40.53 6.48 -37.63
C HIS B 325 -39.49 5.37 -37.69
N LYS B 326 -39.85 4.22 -37.15
CA LYS B 326 -38.95 3.08 -37.18
C LYS B 326 -38.75 2.60 -38.61
N GLU B 327 -37.64 1.92 -38.83
CA GLU B 327 -37.37 1.35 -40.14
C GLU B 327 -38.46 0.37 -40.54
N GLY B 328 -39.01 0.57 -41.72
CA GLY B 328 -40.02 -0.30 -42.26
C GLY B 328 -41.43 0.25 -42.23
N GLU B 329 -41.69 1.28 -41.45
CA GLU B 329 -43.01 1.89 -41.34
C GLU B 329 -42.90 3.29 -41.91
N ASP B 330 -43.42 3.49 -43.11
CA ASP B 330 -43.46 4.82 -43.72
C ASP B 330 -44.81 5.49 -43.59
N ARG B 331 -45.80 4.81 -43.01
CA ARG B 331 -47.13 5.40 -42.86
C ARG B 331 -47.32 6.08 -41.52
N PHE B 332 -46.38 5.95 -40.59
CA PHE B 332 -46.48 6.60 -39.28
C PHE B 332 -45.56 7.80 -39.23
N PHE B 333 -46.05 8.89 -38.66
CA PHE B 333 -45.23 10.07 -38.44
C PHE B 333 -45.59 10.67 -37.09
N PRO B 334 -44.65 11.35 -36.43
CA PRO B 334 -44.96 11.98 -35.15
C PRO B 334 -45.97 13.09 -35.35
N LEU B 335 -46.91 13.18 -34.41
CA LEU B 335 -48.01 14.12 -34.51
C LEU B 335 -47.51 15.54 -34.73
N SER B 336 -46.82 16.09 -33.74
CA SER B 336 -46.36 17.48 -33.76
C SER B 336 -44.93 17.65 -34.22
N GLY B 337 -44.26 16.59 -34.64
CA GLY B 337 -42.82 16.65 -34.81
C GLY B 337 -42.31 16.93 -36.21
N SER B 338 -43.12 17.52 -37.08
CA SER B 338 -42.66 17.77 -38.44
C SER B 338 -43.11 19.13 -38.97
N ASN B 360 -39.67 13.54 -44.29
CA ASN B 360 -39.51 12.76 -43.08
C ASN B 360 -38.05 12.76 -42.62
N GLU B 361 -37.84 12.40 -41.36
CA GLU B 361 -36.54 12.50 -40.70
C GLU B 361 -35.73 11.21 -40.74
N GLU B 362 -36.15 10.19 -41.49
CA GLU B 362 -35.55 8.86 -41.36
C GLU B 362 -34.04 8.86 -41.47
N GLU B 363 -33.43 9.91 -42.03
CA GLU B 363 -31.98 9.94 -42.19
C GLU B 363 -31.26 9.85 -40.86
N ILE B 364 -31.84 10.39 -39.79
CA ILE B 364 -31.12 10.57 -38.54
C ILE B 364 -31.39 9.41 -37.59
N LYS B 365 -32.13 8.40 -38.05
CA LYS B 365 -32.55 7.35 -37.13
C LYS B 365 -31.39 6.53 -36.58
N THR B 366 -30.18 6.74 -37.09
CA THR B 366 -29.04 5.94 -36.64
C THR B 366 -28.58 6.38 -35.25
N THR B 367 -28.33 7.67 -35.04
CA THR B 367 -27.89 8.17 -33.75
C THR B 367 -28.99 8.78 -32.90
N ASN B 368 -30.22 8.86 -33.39
CA ASN B 368 -31.29 9.47 -32.63
C ASN B 368 -32.39 8.47 -32.34
N PRO B 369 -33.07 8.59 -31.20
CA PRO B 369 -34.19 7.68 -30.94
C PRO B 369 -35.41 8.09 -31.75
N VAL B 370 -36.26 7.11 -32.04
CA VAL B 370 -37.47 7.35 -32.81
C VAL B 370 -38.39 8.26 -32.02
N ALA B 371 -39.08 9.16 -32.72
CA ALA B 371 -39.95 10.11 -32.03
C ALA B 371 -41.04 9.40 -31.23
N THR B 372 -41.65 8.37 -31.81
CA THR B 372 -42.82 7.75 -31.21
C THR B 372 -42.47 6.64 -30.25
N GLU B 373 -41.19 6.43 -29.96
CA GLU B 373 -40.76 5.35 -29.08
C GLU B 373 -40.13 5.90 -27.81
N SER B 374 -40.21 5.11 -26.74
CA SER B 374 -39.57 5.46 -25.49
C SER B 374 -38.07 5.41 -25.64
N TYR B 375 -37.38 6.10 -24.73
CA TYR B 375 -35.92 6.09 -24.80
C TYR B 375 -35.35 4.76 -24.33
N GLY B 376 -36.06 4.06 -23.44
CA GLY B 376 -35.54 2.82 -22.92
C GLY B 376 -36.31 2.40 -21.68
N GLN B 377 -35.63 1.61 -20.84
CA GLN B 377 -36.20 1.13 -19.59
C GLN B 377 -35.27 1.40 -18.43
N VAL B 378 -35.82 1.51 -17.23
CA VAL B 378 -35.08 1.68 -16.00
C VAL B 378 -35.74 0.85 -14.92
N ALA B 379 -34.94 0.15 -14.13
CA ALA B 379 -35.50 -0.65 -13.05
C ALA B 379 -36.12 0.26 -12.01
N THR B 380 -37.34 -0.08 -11.58
CA THR B 380 -38.05 0.70 -10.57
C THR B 380 -38.00 0.10 -9.17
N ASN B 381 -37.32 -1.03 -8.96
CA ASN B 381 -37.29 -1.56 -7.60
C ASN B 381 -36.08 -2.47 -7.42
N HIS B 382 -35.72 -2.66 -6.15
CA HIS B 382 -34.71 -3.65 -5.76
C HIS B 382 -35.37 -5.01 -5.75
N GLN B 383 -34.83 -5.95 -6.52
CA GLN B 383 -35.26 -7.33 -6.39
C GLN B 383 -34.83 -7.88 -5.05
N SER B 384 -35.45 -8.98 -4.65
CA SER B 384 -34.98 -9.78 -3.53
C SER B 384 -35.65 -11.13 -3.66
N ALA B 385 -35.46 -11.98 -2.64
CA ALA B 385 -36.12 -13.27 -2.67
C ALA B 385 -37.63 -13.11 -2.75
N GLN B 386 -38.15 -11.98 -2.26
CA GLN B 386 -39.59 -11.77 -2.18
C GLN B 386 -40.17 -10.89 -3.29
N ALA B 387 -39.36 -10.33 -4.18
CA ALA B 387 -39.87 -9.35 -5.14
C ALA B 387 -39.19 -9.53 -6.49
N GLN B 388 -39.98 -9.47 -7.55
CA GLN B 388 -39.43 -9.58 -8.90
C GLN B 388 -38.84 -8.26 -9.38
N ALA B 389 -37.91 -8.37 -10.32
CA ALA B 389 -37.33 -7.19 -10.93
C ALA B 389 -38.35 -6.52 -11.85
N GLN B 390 -38.56 -5.22 -11.62
CA GLN B 390 -39.53 -4.46 -12.39
C GLN B 390 -38.84 -3.32 -13.10
N THR B 391 -39.29 -3.04 -14.32
CA THR B 391 -38.70 -2.01 -15.15
C THR B 391 -39.79 -1.17 -15.78
N GLY B 392 -39.79 0.12 -15.48
CA GLY B 392 -40.71 1.05 -16.10
C GLY B 392 -40.10 1.71 -17.31
N TRP B 393 -40.93 2.14 -18.25
CA TRP B 393 -40.43 2.76 -19.45
C TRP B 393 -40.04 4.21 -19.18
N VAL B 394 -39.11 4.73 -19.96
CA VAL B 394 -38.68 6.12 -19.87
C VAL B 394 -39.28 6.88 -21.04
N GLN B 395 -40.24 7.74 -20.77
CA GLN B 395 -40.92 8.45 -21.85
C GLN B 395 -40.15 9.67 -22.32
N ASN B 396 -39.39 10.30 -21.43
CA ASN B 396 -38.61 11.48 -21.75
C ASN B 396 -37.25 11.38 -21.09
N GLN B 397 -36.20 11.76 -21.81
CA GLN B 397 -34.86 11.71 -21.28
C GLN B 397 -34.11 12.96 -21.71
N GLY B 398 -33.60 13.70 -20.74
CA GLY B 398 -32.74 14.81 -21.02
C GLY B 398 -31.37 14.35 -21.42
N ILE B 399 -30.43 15.30 -21.44
CA ILE B 399 -29.06 14.97 -21.78
C ILE B 399 -28.43 14.13 -20.68
N LEU B 400 -27.66 13.14 -21.09
CA LEU B 400 -26.77 12.39 -20.21
C LEU B 400 -25.35 12.52 -20.75
N PRO B 401 -24.34 12.27 -19.93
CA PRO B 401 -22.96 12.29 -20.44
C PRO B 401 -22.77 11.26 -21.53
N GLY B 402 -22.02 11.64 -22.55
CA GLY B 402 -21.67 10.73 -23.62
C GLY B 402 -22.69 10.55 -24.70
N MET B 403 -23.77 11.33 -24.71
CA MET B 403 -24.74 11.23 -25.79
C MET B 403 -24.22 11.86 -27.06
N VAL B 404 -24.83 11.45 -28.17
CA VAL B 404 -24.61 12.08 -29.47
C VAL B 404 -25.95 12.16 -30.18
N TRP B 405 -26.13 13.21 -30.96
CA TRP B 405 -27.41 13.39 -31.66
C TRP B 405 -27.17 14.17 -32.94
N GLN B 406 -28.16 14.09 -33.83
CA GLN B 406 -28.18 14.83 -35.08
C GLN B 406 -29.21 15.96 -35.01
N ASP B 407 -28.89 17.06 -35.69
CA ASP B 407 -29.82 18.17 -35.79
C ASP B 407 -30.86 17.88 -36.88
N ARG B 408 -31.79 18.80 -37.05
CA ARG B 408 -32.92 18.59 -37.94
C ARG B 408 -32.61 19.03 -39.37
N THR B 423 -29.75 35.74 -23.12
CA THR B 423 -30.11 35.00 -21.92
C THR B 423 -28.87 34.51 -21.17
N ASP B 424 -29.10 34.01 -19.95
CA ASP B 424 -27.98 33.55 -19.14
C ASP B 424 -27.29 32.35 -19.75
N GLY B 425 -28.04 31.30 -20.05
CA GLY B 425 -27.44 30.10 -20.59
C GLY B 425 -28.38 29.37 -21.52
N ASN B 426 -27.78 28.54 -22.36
CA ASN B 426 -28.53 27.73 -23.31
C ASN B 426 -27.67 26.53 -23.68
N PHE B 427 -28.32 25.48 -24.18
CA PHE B 427 -27.62 24.26 -24.53
C PHE B 427 -27.86 23.93 -25.99
N HIS B 428 -26.78 23.72 -26.73
CA HIS B 428 -26.81 23.36 -28.14
C HIS B 428 -27.74 24.32 -28.85
N PRO B 429 -27.33 25.57 -29.02
CA PRO B 429 -28.25 26.62 -29.44
C PRO B 429 -28.92 26.40 -30.79
N SER B 430 -28.46 25.42 -31.56
CA SER B 430 -29.00 25.20 -32.89
C SER B 430 -30.53 25.19 -32.87
N PRO B 431 -31.19 25.97 -33.72
CA PRO B 431 -32.65 26.10 -33.64
C PRO B 431 -33.34 24.81 -34.04
N LEU B 432 -34.62 24.75 -33.70
CA LEU B 432 -35.42 23.56 -33.98
C LEU B 432 -36.27 23.73 -35.23
N GLY C 20 19.09 -10.18 -44.75
CA GLY C 20 20.06 -10.77 -43.85
C GLY C 20 20.61 -9.79 -42.83
N SER C 21 19.92 -8.67 -42.65
CA SER C 21 20.28 -7.67 -41.66
C SER C 21 19.03 -7.17 -40.97
N SER C 22 19.00 -7.29 -39.64
CA SER C 22 17.83 -6.92 -38.87
C SER C 22 17.46 -5.46 -39.08
N SER C 23 16.16 -5.20 -39.18
CA SER C 23 15.65 -3.87 -39.48
C SER C 23 15.26 -3.08 -38.24
N GLY C 24 15.49 -3.60 -37.04
CA GLY C 24 15.17 -2.86 -35.84
C GLY C 24 15.65 -3.60 -34.62
N ASN C 25 15.54 -2.94 -33.47
CA ASN C 25 15.96 -3.51 -32.20
C ASN C 25 14.76 -3.72 -31.29
N TRP C 26 15.03 -4.29 -30.12
CA TRP C 26 14.01 -4.57 -29.12
C TRP C 26 13.98 -3.43 -28.12
N HIS C 27 12.83 -2.76 -28.00
CA HIS C 27 12.68 -1.67 -27.05
C HIS C 27 11.53 -1.98 -26.11
N CYS C 28 11.86 -2.24 -24.84
CA CYS C 28 10.90 -2.22 -23.75
C CYS C 28 11.59 -1.61 -22.54
N ASP C 29 10.96 -0.60 -21.95
CA ASP C 29 11.43 0.05 -20.73
C ASP C 29 10.47 1.18 -20.38
N SER C 30 10.66 1.82 -19.23
CA SER C 30 9.90 3.00 -18.88
C SER C 30 10.84 4.06 -18.31
N GLN C 31 10.91 5.20 -18.98
CA GLN C 31 11.73 6.32 -18.53
C GLN C 31 10.83 7.29 -17.79
N TRP C 32 11.05 7.41 -16.49
CA TRP C 32 10.26 8.32 -15.66
C TRP C 32 11.01 9.65 -15.56
N LEU C 33 10.47 10.67 -16.21
CA LEU C 33 11.16 11.95 -16.34
C LEU C 33 10.19 13.04 -15.90
N GLY C 34 10.47 13.66 -14.76
CA GLY C 34 9.68 14.80 -14.33
C GLY C 34 8.19 14.54 -14.30
N ASP C 35 7.44 15.35 -15.03
CA ASP C 35 6.00 15.19 -15.16
C ASP C 35 5.61 14.32 -16.35
N ARG C 36 6.57 13.72 -17.04
CA ARG C 36 6.27 12.91 -18.21
C ARG C 36 6.73 11.48 -17.99
N VAL C 37 6.11 10.56 -18.73
CA VAL C 37 6.47 9.15 -18.72
C VAL C 37 6.61 8.71 -20.17
N ILE C 38 7.52 7.79 -20.43
CA ILE C 38 7.65 7.21 -21.75
C ILE C 38 7.66 5.70 -21.60
N THR C 39 6.65 5.05 -22.14
CA THR C 39 6.49 3.61 -22.01
C THR C 39 6.56 2.94 -23.38
N THR C 40 7.61 2.14 -23.57
CA THR C 40 7.79 1.43 -24.82
C THR C 40 7.44 -0.04 -24.57
N SER C 41 6.89 -0.70 -25.57
CA SER C 41 6.56 -2.11 -25.49
C SER C 41 6.79 -2.76 -26.84
N THR C 42 7.41 -3.93 -26.84
CA THR C 42 7.66 -4.66 -28.07
C THR C 42 7.19 -6.10 -27.92
N ARG C 43 6.52 -6.60 -28.95
CA ARG C 43 5.96 -7.94 -28.94
C ARG C 43 6.27 -8.64 -30.26
N THR C 44 6.01 -9.93 -30.31
CA THR C 44 6.19 -10.71 -31.53
C THR C 44 4.83 -11.20 -32.00
N TRP C 45 4.59 -11.09 -33.31
CA TRP C 45 3.26 -11.28 -33.87
C TRP C 45 3.30 -12.24 -35.04
N ALA C 46 2.13 -12.78 -35.38
CA ALA C 46 1.98 -13.68 -36.51
C ALA C 46 0.67 -13.37 -37.23
N LEU C 47 0.73 -13.23 -38.54
CA LEU C 47 -0.41 -12.84 -39.35
C LEU C 47 -0.79 -13.95 -40.31
N PRO C 48 -1.91 -14.62 -40.12
CA PRO C 48 -2.35 -15.64 -41.07
C PRO C 48 -2.92 -14.98 -42.33
N THR C 49 -3.56 -15.82 -43.14
CA THR C 49 -4.31 -15.35 -44.29
C THR C 49 -5.80 -15.55 -44.06
N TYR C 50 -6.54 -14.46 -43.97
CA TYR C 50 -7.95 -14.50 -43.63
C TYR C 50 -8.81 -14.55 -44.87
N ASN C 51 -9.86 -15.39 -44.82
CA ASN C 51 -10.85 -15.52 -45.87
C ASN C 51 -10.25 -15.94 -47.21
N ASN C 52 -9.10 -16.58 -47.19
CA ASN C 52 -8.41 -16.97 -48.42
C ASN C 52 -8.32 -15.78 -49.39
N HIS C 53 -8.02 -14.61 -48.85
CA HIS C 53 -7.88 -13.37 -49.61
C HIS C 53 -9.17 -12.93 -50.27
N LEU C 54 -10.30 -12.98 -49.57
CA LEU C 54 -11.59 -12.63 -50.15
C LEU C 54 -12.40 -11.76 -49.20
N TYR C 55 -12.93 -10.65 -49.73
CA TYR C 55 -13.91 -9.87 -49.00
C TYR C 55 -15.25 -10.56 -49.11
N LYS C 56 -15.82 -10.96 -47.97
CA LYS C 56 -17.08 -11.68 -48.00
C LYS C 56 -18.08 -11.00 -47.08
N GLN C 57 -19.28 -10.76 -47.61
CA GLN C 57 -20.39 -10.26 -46.81
C GLN C 57 -20.66 -11.17 -45.62
N ILE C 58 -21.10 -10.59 -44.51
CA ILE C 58 -21.53 -11.34 -43.35
C ILE C 58 -22.78 -10.70 -42.77
N SER C 59 -23.64 -11.54 -42.19
CA SER C 59 -24.83 -11.07 -41.50
C SER C 59 -25.30 -12.19 -40.58
N ASN C 60 -26.35 -11.92 -39.80
CA ASN C 60 -26.81 -12.90 -38.83
C ASN C 60 -27.42 -14.11 -39.52
N SER C 61 -27.87 -13.91 -40.76
CA SER C 61 -28.44 -15.00 -41.54
C SER C 61 -27.44 -16.14 -41.72
N THR C 62 -26.15 -15.82 -41.67
CA THR C 62 -25.14 -16.87 -41.62
C THR C 62 -25.14 -17.57 -40.27
N SER C 63 -25.43 -16.83 -39.20
CA SER C 63 -25.42 -17.37 -37.85
C SER C 63 -26.80 -17.79 -37.35
N GLY C 64 -27.84 -17.67 -38.16
CA GLY C 64 -29.17 -18.12 -37.81
C GLY C 64 -30.17 -17.03 -37.50
N GLY C 65 -29.71 -15.82 -37.19
CA GLY C 65 -30.59 -14.67 -37.03
C GLY C 65 -31.75 -14.85 -36.08
N SER C 66 -31.47 -15.25 -34.84
CA SER C 66 -32.54 -15.55 -33.89
C SER C 66 -33.38 -14.33 -33.55
N SER C 67 -32.75 -13.20 -33.22
CA SER C 67 -33.45 -12.04 -32.70
C SER C 67 -33.23 -10.84 -33.61
N ASN C 68 -34.12 -9.86 -33.52
CA ASN C 68 -33.92 -8.60 -34.24
C ASN C 68 -32.97 -7.68 -33.49
N ASP C 69 -32.81 -7.88 -32.19
CA ASP C 69 -31.87 -7.08 -31.42
C ASP C 69 -30.44 -7.41 -31.78
N ASN C 70 -30.18 -8.62 -32.25
CA ASN C 70 -28.83 -9.07 -32.60
C ASN C 70 -28.53 -8.94 -34.07
N ALA C 71 -29.44 -8.37 -34.86
CA ALA C 71 -29.24 -8.25 -36.30
C ALA C 71 -27.96 -7.48 -36.61
N TYR C 72 -27.26 -7.92 -37.66
CA TYR C 72 -26.08 -7.20 -38.10
C TYR C 72 -25.87 -7.44 -39.58
N PHE C 73 -25.21 -6.50 -40.23
CA PHE C 73 -24.83 -6.59 -41.63
C PHE C 73 -23.47 -5.95 -41.81
N GLY C 74 -22.60 -6.60 -42.56
CA GLY C 74 -21.27 -6.08 -42.74
C GLY C 74 -20.40 -7.01 -43.54
N TYR C 75 -19.11 -6.69 -43.57
CA TYR C 75 -18.17 -7.37 -44.43
C TYR C 75 -16.97 -7.84 -43.62
N SER C 76 -16.50 -9.04 -43.91
CA SER C 76 -15.23 -9.53 -43.40
C SER C 76 -14.16 -9.29 -44.44
N THR C 77 -13.01 -8.80 -44.01
CA THR C 77 -11.92 -8.43 -44.89
C THR C 77 -10.69 -9.26 -44.58
N PRO C 78 -9.83 -9.50 -45.57
CA PRO C 78 -8.60 -10.26 -45.31
C PRO C 78 -7.57 -9.52 -44.47
N TRP C 79 -7.67 -8.20 -44.36
CA TRP C 79 -6.69 -7.40 -43.63
C TRP C 79 -6.79 -7.67 -42.14
N GLY C 80 -5.62 -7.74 -41.49
CA GLY C 80 -5.53 -7.72 -40.05
C GLY C 80 -5.13 -6.33 -39.56
N TYR C 81 -5.43 -6.07 -38.29
CA TYR C 81 -5.14 -4.75 -37.75
C TYR C 81 -4.52 -4.89 -36.37
N PHE C 82 -3.78 -3.85 -35.96
CA PHE C 82 -3.16 -3.82 -34.65
C PHE C 82 -4.01 -3.03 -33.67
N ASP C 83 -4.31 -3.66 -32.53
CA ASP C 83 -5.04 -3.00 -31.45
C ASP C 83 -4.17 -3.04 -30.20
N PHE C 84 -3.61 -1.87 -29.82
CA PHE C 84 -2.93 -1.70 -28.56
C PHE C 84 -3.76 -0.94 -27.52
N ASN C 85 -5.05 -0.71 -27.79
CA ASN C 85 -5.90 0.26 -27.08
C ASN C 85 -6.05 -0.02 -25.58
N ARG C 86 -5.58 -1.13 -25.03
CA ARG C 86 -5.72 -1.44 -23.60
C ARG C 86 -4.50 -0.98 -22.83
N PHE C 87 -4.70 -0.58 -21.58
CA PHE C 87 -3.61 -0.03 -20.78
C PHE C 87 -2.48 -1.02 -20.55
N HIS C 88 -2.77 -2.26 -20.14
CA HIS C 88 -1.66 -3.11 -19.73
C HIS C 88 -0.72 -3.45 -20.88
N CYS C 89 -1.05 -3.09 -22.11
CA CYS C 89 -0.06 -3.16 -23.17
C CYS C 89 1.14 -2.28 -22.85
N HIS C 90 0.90 -1.06 -22.37
CA HIS C 90 1.97 -0.09 -22.19
C HIS C 90 2.54 -0.04 -20.78
N PHE C 91 1.89 -0.66 -19.80
CA PHE C 91 2.33 -0.54 -18.41
C PHE C 91 2.56 -1.90 -17.80
N SER C 92 3.70 -2.06 -17.14
CA SER C 92 3.90 -3.21 -16.30
C SER C 92 3.02 -3.08 -15.06
N PRO C 93 2.81 -4.17 -14.32
CA PRO C 93 2.15 -4.03 -13.02
C PRO C 93 2.89 -3.12 -12.07
N ARG C 94 4.20 -2.97 -12.25
CA ARG C 94 4.94 -2.04 -11.42
C ARG C 94 4.79 -0.61 -11.91
N ASP C 95 4.87 -0.39 -13.22
CA ASP C 95 4.75 0.95 -13.76
C ASP C 95 3.36 1.52 -13.55
N TRP C 96 2.38 0.65 -13.32
CA TRP C 96 1.05 1.13 -13.01
C TRP C 96 0.97 1.51 -11.55
N GLN C 97 1.62 0.75 -10.69
CA GLN C 97 1.65 1.10 -9.27
C GLN C 97 2.36 2.42 -9.05
N ARG C 98 3.57 2.55 -9.59
CA ARG C 98 4.31 3.80 -9.48
C ARG C 98 3.47 4.97 -9.98
N LEU C 99 2.60 4.74 -10.94
CA LEU C 99 1.80 5.82 -11.52
C LEU C 99 0.61 6.17 -10.63
N ILE C 100 -0.16 5.17 -10.21
CA ILE C 100 -1.43 5.46 -9.56
C ILE C 100 -1.27 5.88 -8.11
N ASN C 101 -0.11 5.66 -7.50
CA ASN C 101 0.08 6.12 -6.14
C ASN C 101 0.48 7.58 -6.04
N ASN C 102 1.35 8.07 -6.91
CA ASN C 102 1.92 9.39 -6.72
C ASN C 102 1.31 10.49 -7.57
N ASN C 103 0.31 10.20 -8.39
CA ASN C 103 -0.17 11.17 -9.38
C ASN C 103 -1.67 11.39 -9.25
N TRP C 104 -2.09 12.62 -9.51
CA TRP C 104 -3.50 12.93 -9.60
C TRP C 104 -4.03 12.92 -11.03
N GLY C 105 -3.18 12.68 -12.01
CA GLY C 105 -3.71 12.64 -13.36
C GLY C 105 -2.65 12.30 -14.38
N PHE C 106 -3.11 11.85 -15.54
CA PHE C 106 -2.22 11.54 -16.64
C PHE C 106 -3.02 11.62 -17.94
N ARG C 107 -2.30 11.62 -19.06
CA ARG C 107 -2.93 11.67 -20.37
C ARG C 107 -1.85 11.47 -21.43
N PRO C 108 -2.21 10.87 -22.54
CA PRO C 108 -1.23 10.49 -23.57
C PRO C 108 -0.84 11.58 -24.56
N LYS C 109 0.22 12.34 -24.30
CA LYS C 109 0.64 13.35 -25.28
C LYS C 109 0.92 12.77 -26.67
N ARG C 110 1.85 11.81 -26.77
CA ARG C 110 2.37 11.38 -28.06
C ARG C 110 2.29 9.87 -28.22
N LEU C 111 2.50 9.43 -29.46
CA LEU C 111 2.48 8.02 -29.85
C LEU C 111 3.53 7.79 -30.92
N ASN C 112 4.24 6.67 -30.83
CA ASN C 112 5.23 6.29 -31.84
C ASN C 112 5.16 4.78 -32.03
N PHE C 113 5.08 4.35 -33.28
CA PHE C 113 4.78 2.96 -33.61
C PHE C 113 5.73 2.48 -34.71
N LYS C 114 6.48 1.42 -34.43
CA LYS C 114 7.45 0.90 -35.37
C LYS C 114 7.17 -0.58 -35.63
N LEU C 115 7.29 -0.99 -36.88
CA LEU C 115 6.95 -2.32 -37.32
C LEU C 115 8.06 -2.82 -38.24
N PHE C 116 8.68 -3.94 -37.88
CA PHE C 116 9.93 -4.31 -38.53
C PHE C 116 10.18 -5.80 -38.41
N ASN C 117 11.35 -6.22 -38.87
CA ASN C 117 11.79 -7.60 -38.91
C ASN C 117 10.72 -8.50 -39.54
N ILE C 118 10.43 -8.23 -40.80
CA ILE C 118 9.43 -8.99 -41.54
C ILE C 118 10.02 -10.32 -41.97
N GLN C 119 9.32 -11.40 -41.64
CA GLN C 119 9.74 -12.75 -41.98
C GLN C 119 8.54 -13.46 -42.57
N VAL C 120 8.64 -13.87 -43.83
CA VAL C 120 7.56 -14.59 -44.50
C VAL C 120 7.90 -16.08 -44.49
N LYS C 121 6.95 -16.88 -44.05
CA LYS C 121 7.12 -18.33 -43.96
C LYS C 121 6.05 -19.01 -44.78
N GLU C 122 6.45 -19.70 -45.84
CA GLU C 122 5.52 -20.45 -46.68
C GLU C 122 5.44 -21.88 -46.18
N VAL C 123 4.24 -22.45 -46.25
CA VAL C 123 3.97 -23.79 -45.73
C VAL C 123 3.71 -24.72 -46.90
N THR C 124 4.34 -25.89 -46.87
CA THR C 124 4.11 -26.93 -47.85
C THR C 124 3.73 -28.21 -47.14
N ASP C 125 2.71 -28.88 -47.65
CA ASP C 125 2.33 -30.21 -47.18
C ASP C 125 2.85 -31.22 -48.19
N ASN C 126 3.89 -31.95 -47.80
CA ASN C 126 4.53 -32.93 -48.66
C ASN C 126 4.31 -34.30 -48.03
N ASN C 127 3.74 -35.22 -48.79
CA ASN C 127 3.33 -36.54 -48.30
C ASN C 127 2.33 -36.27 -47.17
N GLY C 128 2.58 -36.73 -45.94
CA GLY C 128 1.64 -36.50 -44.85
C GLY C 128 2.11 -35.50 -43.82
N VAL C 129 3.23 -34.82 -44.08
CA VAL C 129 3.83 -33.89 -43.14
C VAL C 129 3.90 -32.51 -43.75
N LYS C 130 4.00 -31.50 -42.90
CA LYS C 130 4.01 -30.11 -43.33
C LYS C 130 5.35 -29.45 -43.01
N THR C 131 5.99 -28.93 -44.04
CA THR C 131 7.30 -28.31 -43.94
C THR C 131 7.17 -26.83 -44.22
N ILE C 132 7.85 -26.01 -43.42
CA ILE C 132 7.73 -24.55 -43.47
C ILE C 132 9.10 -23.98 -43.81
N ALA C 133 9.16 -23.16 -44.85
CA ALA C 133 10.40 -22.58 -45.32
C ALA C 133 10.19 -21.10 -45.67
N ASN C 134 11.30 -20.37 -45.71
CA ASN C 134 11.26 -18.94 -45.97
C ASN C 134 10.81 -18.66 -47.40
N ASN C 135 10.38 -17.43 -47.64
CA ASN C 135 10.07 -16.99 -48.99
C ASN C 135 11.01 -15.84 -49.37
N SER C 138 8.08 -12.56 -51.20
CA SER C 138 6.71 -12.18 -50.86
C SER C 138 6.70 -10.88 -50.08
N THR C 139 5.58 -10.16 -50.17
CA THR C 139 5.43 -8.85 -49.54
C THR C 139 4.26 -8.87 -48.57
N VAL C 140 4.30 -7.90 -47.64
CA VAL C 140 3.26 -7.69 -46.65
C VAL C 140 2.83 -6.25 -46.73
N GLN C 141 1.60 -6.01 -47.18
CA GLN C 141 1.08 -4.66 -47.29
C GLN C 141 0.63 -4.16 -45.94
N VAL C 142 0.83 -2.86 -45.70
CA VAL C 142 0.43 -2.22 -44.47
C VAL C 142 0.08 -0.77 -44.77
N PHE C 143 -0.95 -0.25 -44.11
CA PHE C 143 -1.23 1.17 -44.20
C PHE C 143 -2.02 1.60 -42.98
N THR C 144 -1.99 2.89 -42.73
CA THR C 144 -2.76 3.53 -41.67
C THR C 144 -3.78 4.48 -42.28
N ASP C 145 -4.93 4.61 -41.63
CA ASP C 145 -5.95 5.54 -42.08
C ASP C 145 -5.85 6.78 -41.21
N SER C 146 -5.28 7.84 -41.78
CA SER C 146 -5.20 9.12 -41.08
C SER C 146 -6.28 10.11 -41.51
N ASP C 147 -7.08 9.77 -42.53
CA ASP C 147 -8.24 10.56 -42.88
C ASP C 147 -9.53 9.99 -42.30
N TYR C 148 -9.45 8.86 -41.60
CA TYR C 148 -10.59 8.27 -40.91
C TYR C 148 -11.72 7.98 -41.87
N GLN C 149 -11.38 7.48 -43.07
CA GLN C 149 -12.36 7.14 -44.07
C GLN C 149 -12.93 5.75 -43.91
N LEU C 150 -12.28 4.91 -43.12
CA LEU C 150 -12.73 3.58 -42.76
C LEU C 150 -13.58 3.63 -41.50
N PRO C 151 -14.35 2.59 -41.23
CA PRO C 151 -14.92 2.41 -39.90
C PRO C 151 -13.82 2.36 -38.85
N TYR C 152 -14.19 2.64 -37.60
CA TYR C 152 -13.24 2.59 -36.50
C TYR C 152 -13.69 1.49 -35.54
N VAL C 153 -12.97 0.37 -35.56
CA VAL C 153 -13.32 -0.80 -34.77
C VAL C 153 -12.48 -0.93 -33.50
N LEU C 154 -11.56 0.00 -33.25
CA LEU C 154 -10.70 -0.13 -32.08
C LEU C 154 -11.41 0.12 -30.76
N GLY C 155 -12.16 1.21 -30.64
CA GLY C 155 -12.63 1.66 -29.35
C GLY C 155 -13.77 0.87 -28.75
N SER C 156 -14.09 -0.28 -29.33
CA SER C 156 -15.26 -1.06 -28.93
C SER C 156 -14.94 -2.10 -27.87
N ALA C 157 -13.74 -2.12 -27.32
CA ALA C 157 -13.34 -3.07 -26.27
C ALA C 157 -13.28 -4.51 -26.79
N HIS C 158 -12.73 -4.66 -27.99
CA HIS C 158 -12.59 -5.97 -28.60
C HIS C 158 -11.34 -6.67 -28.11
N GLU C 159 -11.24 -7.94 -28.47
CA GLU C 159 -10.09 -8.78 -28.16
C GLU C 159 -9.01 -8.58 -29.21
N GLY C 160 -7.85 -9.19 -29.02
CA GLY C 160 -6.77 -9.06 -29.99
C GLY C 160 -5.75 -7.97 -29.76
N CYS C 161 -5.84 -7.30 -28.61
CA CYS C 161 -4.88 -6.27 -28.24
C CYS C 161 -3.57 -6.93 -27.81
N LEU C 162 -2.47 -6.18 -27.84
CA LEU C 162 -1.16 -6.76 -27.49
C LEU C 162 -1.19 -7.35 -26.09
N PRO C 163 -0.60 -8.54 -25.94
CA PRO C 163 -0.58 -9.25 -24.66
C PRO C 163 0.16 -8.49 -23.57
N PRO C 164 -0.26 -8.69 -22.32
CA PRO C 164 0.41 -7.98 -21.23
C PRO C 164 1.84 -8.39 -21.03
N PHE C 165 2.14 -9.66 -21.05
CA PHE C 165 3.46 -10.13 -20.66
C PHE C 165 4.38 -10.15 -21.86
N PRO C 166 5.50 -9.43 -21.81
CA PRO C 166 6.30 -9.20 -23.01
C PRO C 166 6.76 -10.45 -23.73
N ALA C 167 6.86 -11.59 -23.06
CA ALA C 167 7.35 -12.79 -23.71
C ALA C 167 6.26 -13.57 -24.42
N ASP C 168 5.03 -13.10 -24.41
CA ASP C 168 3.97 -13.75 -25.18
C ASP C 168 4.12 -13.44 -26.66
N VAL C 169 3.54 -14.31 -27.48
CA VAL C 169 3.44 -14.11 -28.92
C VAL C 169 1.96 -14.10 -29.26
N PHE C 170 1.53 -13.07 -29.99
CA PHE C 170 0.10 -12.90 -30.22
C PHE C 170 -0.20 -12.95 -31.70
N MET C 171 -1.46 -13.21 -32.00
CA MET C 171 -1.98 -13.32 -33.35
C MET C 171 -2.80 -12.09 -33.68
N ILE C 172 -2.64 -11.57 -34.89
CA ILE C 172 -3.30 -10.32 -35.25
C ILE C 172 -4.77 -10.59 -35.53
N PRO C 173 -5.68 -9.78 -34.98
CA PRO C 173 -7.11 -9.99 -35.24
C PRO C 173 -7.54 -9.51 -36.61
N GLN C 174 -8.51 -10.22 -37.17
CA GLN C 174 -9.03 -9.91 -38.49
C GLN C 174 -9.87 -8.65 -38.43
N TYR C 175 -9.82 -7.85 -39.50
CA TYR C 175 -10.58 -6.63 -39.59
C TYR C 175 -11.89 -6.87 -40.33
N GLY C 176 -13.00 -6.51 -39.69
CA GLY C 176 -14.30 -6.58 -40.32
C GLY C 176 -15.18 -5.52 -39.71
N TYR C 177 -16.17 -5.09 -40.48
CA TYR C 177 -16.95 -3.94 -40.04
C TYR C 177 -18.41 -4.16 -40.33
N LEU C 178 -19.24 -3.30 -39.76
CA LEU C 178 -20.68 -3.37 -39.89
C LEU C 178 -21.22 -2.06 -40.44
N THR C 179 -22.46 -2.10 -40.91
CA THR C 179 -23.08 -0.93 -41.51
C THR C 179 -24.60 -1.05 -41.41
N LEU C 180 -25.33 -0.21 -42.13
CA LEU C 180 -26.78 -0.18 -42.01
C LEU C 180 -27.41 -1.51 -42.40
N ASN C 181 -28.44 -1.91 -41.65
CA ASN C 181 -29.15 -3.14 -41.91
C ASN C 181 -30.63 -2.98 -41.57
N ASP C 182 -31.45 -3.78 -42.25
CA ASP C 182 -32.83 -4.01 -41.85
C ASP C 182 -33.02 -5.52 -41.79
N GLY C 183 -33.23 -6.05 -40.60
CA GLY C 183 -33.09 -7.48 -40.43
C GLY C 183 -31.68 -7.87 -40.79
N SER C 184 -31.52 -8.93 -41.57
CA SER C 184 -30.22 -9.25 -42.12
C SER C 184 -29.98 -8.65 -43.51
N GLN C 185 -31.01 -8.11 -44.13
CA GLN C 185 -30.87 -7.55 -45.47
C GLN C 185 -30.17 -6.19 -45.42
N ALA C 186 -29.67 -5.76 -46.57
CA ALA C 186 -29.01 -4.48 -46.70
C ALA C 186 -30.04 -3.41 -47.06
N VAL C 187 -29.57 -2.17 -47.18
CA VAL C 187 -30.40 -1.05 -47.58
C VAL C 187 -29.64 -0.23 -48.59
N GLY C 188 -30.36 0.65 -49.28
CA GLY C 188 -29.75 1.46 -50.32
C GLY C 188 -28.66 2.39 -49.83
N ARG C 189 -28.67 2.73 -48.54
CA ARG C 189 -27.71 3.69 -48.02
C ARG C 189 -26.45 3.03 -47.48
N SER C 190 -26.42 1.70 -47.37
CA SER C 190 -25.26 1.02 -46.81
C SER C 190 -24.03 1.24 -47.68
N SER C 191 -22.87 1.05 -47.08
CA SER C 191 -21.60 1.29 -47.74
C SER C 191 -20.77 0.02 -47.78
N PHE C 192 -19.93 -0.09 -48.81
CA PHE C 192 -18.98 -1.18 -48.98
C PHE C 192 -17.61 -0.59 -49.24
N TYR C 193 -16.68 -0.82 -48.31
CA TYR C 193 -15.34 -0.26 -48.39
C TYR C 193 -14.36 -1.34 -48.80
N CYS C 194 -13.64 -1.10 -49.89
CA CYS C 194 -12.56 -1.96 -50.33
C CYS C 194 -11.25 -1.27 -50.00
N LEU C 195 -10.49 -1.84 -49.06
CA LEU C 195 -9.33 -1.18 -48.51
C LEU C 195 -8.22 -0.99 -49.54
N GLU C 196 -8.35 -1.56 -50.72
CA GLU C 196 -7.32 -1.44 -51.75
C GLU C 196 -7.18 0.01 -52.20
N PHE C 209 8.56 -0.31 -41.33
CA PHE C 209 7.45 0.63 -41.28
C PHE C 209 7.36 1.31 -39.94
N GLN C 210 7.18 2.62 -39.95
CA GLN C 210 6.96 3.37 -38.72
C GLN C 210 6.21 4.66 -39.02
N PHE C 211 5.55 5.19 -38.01
CA PHE C 211 4.93 6.51 -38.09
C PHE C 211 4.78 7.06 -36.69
N SER C 212 4.59 8.37 -36.60
CA SER C 212 4.40 9.05 -35.34
C SER C 212 3.03 9.71 -35.30
N TYR C 213 2.51 9.92 -34.09
CA TYR C 213 1.17 10.44 -33.92
C TYR C 213 1.14 11.41 -32.74
N GLU C 214 0.42 12.51 -32.92
CA GLU C 214 0.28 13.54 -31.90
C GLU C 214 -1.18 13.58 -31.44
N PHE C 215 -1.44 13.08 -30.24
CA PHE C 215 -2.79 13.09 -29.71
C PHE C 215 -3.34 14.50 -29.63
N GLU C 216 -4.65 14.64 -29.81
CA GLU C 216 -5.24 15.94 -29.57
C GLU C 216 -5.37 16.17 -28.07
N ASN C 217 -5.53 17.44 -27.71
CA ASN C 217 -5.60 17.81 -26.30
C ASN C 217 -6.85 17.24 -25.65
N VAL C 218 -6.66 16.51 -24.56
CA VAL C 218 -7.76 15.92 -23.81
C VAL C 218 -7.51 16.15 -22.33
N PRO C 219 -8.56 16.31 -21.54
CA PRO C 219 -8.36 16.64 -20.13
C PRO C 219 -7.73 15.49 -19.38
N PHE C 220 -6.93 15.84 -18.38
CA PHE C 220 -6.29 14.85 -17.54
C PHE C 220 -7.31 13.90 -16.95
N HIS C 221 -7.04 12.61 -17.02
CA HIS C 221 -7.83 11.67 -16.24
C HIS C 221 -7.64 12.00 -14.77
N SER C 222 -8.74 12.03 -14.04
CA SER C 222 -8.69 12.33 -12.62
C SER C 222 -8.56 11.02 -11.88
N SER C 223 -7.39 10.76 -11.32
CA SER C 223 -7.22 9.60 -10.48
C SER C 223 -7.13 10.12 -9.06
N TYR C 224 -8.23 9.98 -8.34
CA TYR C 224 -8.36 10.34 -6.93
C TYR C 224 -9.77 10.11 -6.47
N ALA C 225 -9.95 9.97 -5.17
CA ALA C 225 -11.26 9.77 -4.59
C ALA C 225 -11.48 10.86 -3.55
N HIS C 226 -12.48 11.69 -3.80
CA HIS C 226 -12.67 12.88 -2.99
C HIS C 226 -12.74 12.53 -1.52
N SER C 227 -12.07 13.33 -0.70
CA SER C 227 -12.12 13.16 0.74
C SER C 227 -13.32 13.88 1.35
N GLN C 228 -14.13 14.53 0.53
CA GLN C 228 -15.37 15.16 0.98
C GLN C 228 -16.52 14.59 0.16
N SER C 229 -17.72 14.77 0.68
CA SER C 229 -18.93 14.41 -0.05
C SER C 229 -19.71 15.66 -0.40
N LEU C 230 -20.43 15.59 -1.52
CA LEU C 230 -21.04 16.78 -2.09
C LEU C 230 -22.06 17.41 -1.16
N ASP C 231 -22.73 16.61 -0.35
CA ASP C 231 -23.71 17.15 0.58
C ASP C 231 -23.10 17.73 1.85
N ARG C 232 -21.91 17.28 2.23
CA ARG C 232 -21.25 17.67 3.47
C ARG C 232 -20.23 18.79 3.31
N LEU C 233 -20.20 19.48 2.18
CA LEU C 233 -19.24 20.56 1.98
C LEU C 233 -19.33 21.67 3.03
N MET C 234 -20.37 21.70 3.85
CA MET C 234 -20.66 22.78 4.76
C MET C 234 -19.63 22.91 5.88
N ASN C 235 -19.62 24.09 6.51
CA ASN C 235 -18.87 24.33 7.74
C ASN C 235 -19.69 23.86 8.93
N PRO C 236 -19.21 22.88 9.71
CA PRO C 236 -20.06 22.29 10.75
C PRO C 236 -20.36 23.20 11.92
N LEU C 237 -19.65 24.32 12.04
CA LEU C 237 -19.85 25.19 13.20
C LEU C 237 -20.88 26.31 12.99
N ILE C 238 -20.58 27.26 12.13
CA ILE C 238 -21.48 28.37 11.85
C ILE C 238 -22.72 27.89 11.10
N ASP C 239 -23.83 28.60 11.27
CA ASP C 239 -25.08 28.23 10.60
C ASP C 239 -25.45 29.21 9.50
N GLN C 240 -26.14 28.72 8.48
CA GLN C 240 -26.54 29.52 7.34
C GLN C 240 -27.56 30.61 7.66
N TYR C 241 -27.55 31.68 6.89
CA TYR C 241 -28.50 32.76 7.11
C TYR C 241 -29.82 32.46 6.41
N LEU C 242 -29.90 31.33 5.73
CA LEU C 242 -31.14 30.94 5.07
C LEU C 242 -32.05 30.21 6.04
N TYR C 243 -33.35 30.22 5.72
CA TYR C 243 -34.37 29.58 6.52
C TYR C 243 -35.07 28.48 5.73
N TYR C 244 -35.67 27.55 6.46
CA TYR C 244 -36.47 26.52 5.85
C TYR C 244 -37.76 26.38 6.63
N LEU C 245 -38.73 25.67 6.07
CA LEU C 245 -40.04 25.53 6.68
C LEU C 245 -40.03 24.26 7.53
N SER C 246 -39.98 24.43 8.85
CA SER C 246 -39.83 23.29 9.73
C SER C 246 -41.15 22.60 10.08
N LYS C 247 -42.19 23.37 10.42
CA LYS C 247 -43.46 22.81 10.88
C LYS C 247 -44.60 23.35 10.05
N THR C 248 -45.43 22.46 9.53
CA THR C 248 -46.64 22.90 8.84
C THR C 248 -47.90 22.82 9.70
N ILE C 249 -47.81 22.29 10.92
CA ILE C 249 -48.96 22.25 11.82
C ILE C 249 -48.50 22.50 13.25
N ASN C 250 -49.35 23.16 14.03
CA ASN C 250 -49.07 23.30 15.45
C ASN C 250 -49.02 21.95 16.15
N GLY C 251 -50.09 21.18 16.04
CA GLY C 251 -50.11 19.86 16.63
C GLY C 251 -51.32 19.08 16.13
N SER C 252 -51.55 17.94 16.78
CA SER C 252 -52.68 17.11 16.41
C SER C 252 -53.99 17.83 16.71
N GLY C 253 -54.87 17.85 15.73
CA GLY C 253 -56.16 18.49 15.89
C GLY C 253 -56.73 18.90 14.54
N GLN C 254 -57.64 19.86 14.59
CA GLN C 254 -58.30 20.38 13.40
C GLN C 254 -57.96 21.85 13.20
N ASN C 255 -57.88 22.24 11.93
CA ASN C 255 -57.55 23.62 11.55
C ASN C 255 -56.26 24.08 12.23
N GLN C 256 -55.28 23.18 12.27
CA GLN C 256 -54.00 23.42 12.91
C GLN C 256 -52.95 23.96 11.96
N GLN C 257 -53.31 24.25 10.71
CA GLN C 257 -52.33 24.71 9.73
C GLN C 257 -51.55 25.90 10.26
N THR C 258 -50.23 25.85 10.08
CA THR C 258 -49.37 26.96 10.47
C THR C 258 -48.09 26.88 9.64
N LEU C 259 -47.34 27.98 9.63
CA LEU C 259 -46.05 28.03 8.96
C LEU C 259 -45.01 28.54 9.94
N LYS C 260 -44.06 27.69 10.29
CA LYS C 260 -42.98 28.03 11.19
C LYS C 260 -41.66 27.80 10.47
N PHE C 261 -40.77 28.78 10.52
CA PHE C 261 -39.49 28.71 9.84
C PHE C 261 -38.37 28.60 10.84
N SER C 262 -37.29 27.93 10.44
CA SER C 262 -36.15 27.73 11.32
C SER C 262 -34.87 27.96 10.54
N VAL C 263 -33.76 28.06 11.26
CA VAL C 263 -32.47 28.28 10.62
C VAL C 263 -31.87 26.94 10.23
N ALA C 264 -31.25 26.91 9.05
CA ALA C 264 -30.48 25.76 8.64
C ALA C 264 -29.09 25.82 9.28
N GLY C 265 -28.75 24.79 10.04
CA GLY C 265 -27.54 24.82 10.81
C GLY C 265 -26.97 23.44 11.08
N PRO C 266 -25.94 23.38 11.91
CA PRO C 266 -25.31 22.09 12.24
C PRO C 266 -26.28 21.04 12.72
N SER C 267 -27.35 21.42 13.40
CA SER C 267 -28.27 20.43 13.95
C SER C 267 -28.88 19.58 12.84
N ASN C 268 -29.56 20.20 11.89
CA ASN C 268 -30.16 19.50 10.76
C ASN C 268 -29.37 19.91 9.53
N MET C 269 -28.54 19.00 9.02
CA MET C 269 -27.68 19.31 7.89
C MET C 269 -28.24 18.84 6.55
N ALA C 270 -29.38 18.17 6.55
CA ALA C 270 -29.93 17.72 5.28
C ALA C 270 -30.65 18.85 4.54
N VAL C 271 -31.15 19.84 5.27
CA VAL C 271 -31.99 20.87 4.69
C VAL C 271 -31.23 22.14 4.36
N GLN C 272 -29.92 22.17 4.52
CA GLN C 272 -29.19 23.39 4.24
C GLN C 272 -29.19 23.68 2.75
N GLY C 273 -29.14 24.97 2.42
CA GLY C 273 -29.06 25.36 1.03
C GLY C 273 -27.69 25.04 0.45
N ARG C 274 -27.69 24.34 -0.67
CA ARG C 274 -26.47 23.93 -1.33
C ARG C 274 -26.46 24.40 -2.77
N ASN C 275 -25.27 24.75 -3.25
CA ASN C 275 -25.08 25.29 -4.58
C ASN C 275 -25.05 24.23 -5.68
N TYR C 276 -24.57 23.03 -5.40
CA TYR C 276 -24.37 22.03 -6.45
C TYR C 276 -25.00 20.72 -6.06
N ILE C 277 -25.39 19.95 -7.08
CA ILE C 277 -26.20 18.74 -6.90
C ILE C 277 -25.57 17.60 -7.68
N PRO C 278 -25.74 16.37 -7.23
CA PRO C 278 -24.98 15.25 -7.80
C PRO C 278 -25.34 14.96 -9.24
N GLY C 279 -24.47 14.19 -9.89
CA GLY C 279 -24.58 13.91 -11.30
C GLY C 279 -25.79 13.09 -11.69
N PRO C 280 -26.01 12.93 -12.99
CA PRO C 280 -27.21 12.24 -13.46
C PRO C 280 -27.17 10.74 -13.21
N SER C 281 -28.34 10.12 -13.28
CA SER C 281 -28.47 8.71 -13.02
C SER C 281 -29.45 8.08 -13.99
N TYR C 282 -29.19 6.82 -14.33
CA TYR C 282 -30.12 5.98 -15.07
C TYR C 282 -30.12 4.65 -14.34
N ARG C 283 -31.21 4.29 -13.68
CA ARG C 283 -31.10 3.27 -12.63
C ARG C 283 -30.79 1.91 -13.21
N GLN C 284 -30.08 1.08 -12.43
CA GLN C 284 -29.77 -0.30 -12.73
C GLN C 284 -30.42 -1.19 -11.68
N GLN C 285 -30.58 -2.46 -12.01
CA GLN C 285 -31.07 -3.43 -11.05
C GLN C 285 -29.95 -3.82 -10.08
N ARG C 286 -30.32 -4.29 -8.89
CA ARG C 286 -29.34 -4.62 -7.86
C ARG C 286 -29.26 -6.13 -7.68
N VAL C 287 -28.11 -6.69 -8.04
CA VAL C 287 -27.89 -8.14 -8.01
C VAL C 287 -26.94 -8.41 -6.86
N SER C 288 -27.19 -9.49 -6.12
CA SER C 288 -26.43 -9.74 -4.90
C SER C 288 -25.60 -11.01 -5.03
N THR C 289 -24.34 -10.94 -4.65
CA THR C 289 -23.41 -12.05 -4.90
C THR C 289 -23.70 -13.23 -3.98
N THR C 290 -24.60 -13.06 -3.02
CA THR C 290 -25.09 -14.21 -2.28
C THR C 290 -26.35 -14.71 -2.97
N VAL C 291 -26.26 -15.88 -3.58
CA VAL C 291 -27.24 -16.28 -4.59
C VAL C 291 -28.61 -16.48 -3.97
N THR C 292 -28.68 -16.55 -2.65
CA THR C 292 -29.99 -16.74 -2.03
C THR C 292 -30.76 -15.43 -1.96
N GLN C 293 -30.05 -14.33 -1.88
CA GLN C 293 -30.69 -13.02 -1.84
C GLN C 293 -31.45 -12.69 -3.12
N ASN C 294 -30.88 -13.06 -4.25
CA ASN C 294 -31.50 -12.79 -5.55
C ASN C 294 -32.83 -13.49 -5.72
N ASN C 295 -33.73 -12.86 -6.45
CA ASN C 295 -35.05 -13.42 -6.72
C ASN C 295 -34.88 -14.69 -7.55
N ASN C 296 -35.70 -15.70 -7.28
CA ASN C 296 -35.60 -16.96 -7.99
C ASN C 296 -36.31 -16.96 -9.34
N SER C 297 -35.78 -16.20 -10.29
CA SER C 297 -36.33 -16.11 -11.63
C SER C 297 -35.25 -15.57 -12.55
N GLU C 298 -35.38 -15.79 -13.85
CA GLU C 298 -34.37 -15.33 -14.79
C GLU C 298 -34.66 -13.91 -15.23
N PHE C 299 -34.07 -12.95 -14.53
CA PHE C 299 -34.26 -11.54 -14.80
C PHE C 299 -33.06 -10.87 -15.47
N ALA C 300 -32.11 -11.65 -15.97
CA ALA C 300 -30.91 -11.05 -16.54
C ALA C 300 -31.20 -10.13 -17.72
N TRP C 301 -32.08 -10.54 -18.63
CA TRP C 301 -32.38 -9.66 -19.75
C TRP C 301 -33.70 -8.92 -19.56
N PRO C 302 -34.67 -9.59 -18.91
CA PRO C 302 -35.97 -8.97 -18.68
C PRO C 302 -35.89 -7.74 -17.78
N GLY C 303 -35.08 -7.81 -16.73
CA GLY C 303 -34.93 -6.71 -15.80
C GLY C 303 -33.80 -5.74 -16.06
N ALA C 304 -32.99 -6.01 -17.08
CA ALA C 304 -31.86 -5.14 -17.40
C ALA C 304 -32.25 -3.80 -17.98
N SER C 305 -31.58 -2.74 -17.54
CA SER C 305 -31.83 -1.41 -18.06
C SER C 305 -31.34 -1.39 -19.49
N SER C 306 -32.04 -0.70 -20.38
CA SER C 306 -31.60 -0.68 -21.76
C SER C 306 -32.13 0.53 -22.50
N TRP C 307 -31.50 0.84 -23.62
CA TRP C 307 -31.93 1.95 -24.46
C TRP C 307 -32.22 1.46 -25.86
N ALA C 308 -33.32 1.94 -26.42
CA ALA C 308 -33.84 1.45 -27.69
C ALA C 308 -33.45 2.39 -28.81
N LEU C 309 -32.96 1.82 -29.91
CA LEU C 309 -32.57 2.60 -31.07
C LEU C 309 -33.10 1.91 -32.32
N ASN C 310 -33.97 2.60 -33.06
CA ASN C 310 -34.52 2.11 -34.32
C ASN C 310 -35.08 0.70 -34.16
N GLY C 311 -35.80 0.49 -33.06
CA GLY C 311 -36.45 -0.77 -32.81
C GLY C 311 -35.58 -1.85 -32.18
N ARG C 312 -34.27 -1.68 -32.20
CA ARG C 312 -33.36 -2.63 -31.58
C ARG C 312 -33.01 -2.17 -30.17
N ASN C 313 -33.38 -2.99 -29.19
CA ASN C 313 -33.12 -2.69 -27.79
C ASN C 313 -31.70 -3.11 -27.45
N SER C 314 -30.87 -2.14 -27.10
CA SER C 314 -29.50 -2.39 -26.71
C SER C 314 -29.42 -2.29 -25.19
N LEU C 315 -28.75 -3.26 -24.57
CA LEU C 315 -28.55 -3.19 -23.14
C LEU C 315 -27.74 -1.96 -22.80
N MET C 316 -27.98 -1.39 -21.61
CA MET C 316 -27.25 -0.23 -21.17
C MET C 316 -26.02 -0.74 -20.44
N ASN C 317 -24.87 -0.62 -21.07
CA ASN C 317 -23.65 -1.13 -20.52
C ASN C 317 -22.50 -0.23 -20.91
N PRO C 318 -21.61 0.08 -19.96
CA PRO C 318 -21.87 0.02 -18.53
C PRO C 318 -22.84 1.11 -18.10
N GLY C 319 -23.05 2.10 -18.97
CA GLY C 319 -23.98 3.17 -18.68
C GLY C 319 -23.28 4.38 -18.11
N PRO C 320 -24.04 5.37 -17.66
CA PRO C 320 -23.41 6.54 -17.05
C PRO C 320 -22.61 6.15 -15.82
N ALA C 321 -21.73 7.05 -15.39
CA ALA C 321 -20.89 6.76 -14.24
C ALA C 321 -21.70 6.95 -12.96
N MET C 322 -21.85 5.87 -12.19
CA MET C 322 -22.58 5.90 -10.93
C MET C 322 -21.96 4.88 -10.00
N ALA C 323 -21.91 5.20 -8.72
CA ALA C 323 -21.33 4.29 -7.76
C ALA C 323 -22.13 3.00 -7.70
N SER C 324 -21.45 1.91 -7.35
CA SER C 324 -22.08 0.60 -7.39
C SER C 324 -22.99 0.36 -6.20
N HIS C 325 -22.57 0.74 -5.01
CA HIS C 325 -23.32 0.39 -3.81
C HIS C 325 -23.09 1.44 -2.74
N LYS C 326 -24.12 1.62 -1.91
CA LYS C 326 -24.00 2.49 -0.76
C LYS C 326 -22.86 2.03 0.13
N GLU C 327 -22.28 2.96 0.87
CA GLU C 327 -21.20 2.67 1.79
C GLU C 327 -21.59 1.55 2.74
N GLY C 328 -20.71 0.57 2.90
CA GLY C 328 -20.94 -0.55 3.78
C GLY C 328 -21.67 -1.72 3.12
N GLU C 329 -22.02 -1.58 1.85
CA GLU C 329 -22.67 -2.66 1.13
C GLU C 329 -21.61 -3.17 0.20
N ASP C 330 -21.19 -4.42 0.37
CA ASP C 330 -20.14 -4.95 -0.48
C ASP C 330 -20.55 -6.18 -1.24
N ARG C 331 -21.80 -6.59 -1.10
CA ARG C 331 -22.27 -7.75 -1.83
C ARG C 331 -23.24 -7.39 -2.94
N PHE C 332 -23.55 -6.12 -3.11
CA PHE C 332 -24.48 -5.69 -4.14
C PHE C 332 -23.79 -4.93 -5.24
N PHE C 333 -24.06 -5.31 -6.49
CA PHE C 333 -23.47 -4.61 -7.63
C PHE C 333 -24.53 -4.34 -8.67
N PRO C 334 -24.39 -3.25 -9.43
CA PRO C 334 -25.39 -2.99 -10.46
C PRO C 334 -25.33 -4.10 -11.47
N LEU C 335 -26.47 -4.54 -11.96
CA LEU C 335 -26.50 -5.68 -12.87
C LEU C 335 -25.72 -5.47 -14.16
N SER C 336 -25.85 -4.33 -14.81
CA SER C 336 -25.10 -4.11 -16.05
C SER C 336 -24.16 -2.91 -16.07
N GLY C 337 -23.96 -2.28 -14.92
CA GLY C 337 -23.14 -1.09 -14.84
C GLY C 337 -21.67 -1.18 -14.50
N SER C 338 -21.15 -2.38 -14.30
CA SER C 338 -19.75 -2.53 -13.93
C SER C 338 -18.93 -3.31 -14.94
N LEU C 339 -17.74 -2.80 -15.27
CA LEU C 339 -16.87 -3.52 -16.19
C LEU C 339 -16.56 -4.85 -15.53
N ILE C 340 -16.92 -5.94 -16.19
CA ILE C 340 -16.70 -7.28 -15.65
C ILE C 340 -15.66 -7.95 -16.50
N PHE C 341 -14.48 -8.15 -15.93
CA PHE C 341 -13.38 -8.87 -16.58
C PHE C 341 -13.56 -10.35 -16.33
N GLY C 342 -12.53 -11.13 -16.62
CA GLY C 342 -12.51 -12.52 -16.25
C GLY C 342 -11.10 -13.03 -16.01
N LYS C 343 -11.01 -14.02 -15.14
CA LYS C 343 -9.72 -14.51 -14.66
C LYS C 343 -9.07 -15.39 -15.73
N GLN C 344 -7.76 -15.57 -15.58
CA GLN C 344 -7.02 -16.41 -16.51
C GLN C 344 -7.62 -17.81 -16.55
N GLY C 345 -7.87 -18.29 -17.76
CA GLY C 345 -8.46 -19.61 -17.93
C GLY C 345 -9.97 -19.65 -17.81
N THR C 346 -10.65 -18.52 -17.96
CA THR C 346 -12.09 -18.50 -17.80
C THR C 346 -12.77 -18.67 -19.16
N GLY C 347 -13.76 -19.57 -19.19
CA GLY C 347 -14.39 -19.90 -20.45
C GLY C 347 -15.20 -18.76 -21.03
N ARG C 348 -15.71 -18.99 -22.24
CA ARG C 348 -16.46 -17.95 -22.93
C ARG C 348 -17.92 -17.90 -22.49
N ASP C 349 -18.49 -19.05 -22.12
CA ASP C 349 -19.93 -19.16 -21.97
C ASP C 349 -20.32 -19.66 -20.59
N ASN C 350 -21.09 -18.84 -19.87
CA ASN C 350 -21.73 -19.22 -18.62
C ASN C 350 -20.73 -19.72 -17.59
N VAL C 351 -19.67 -18.95 -17.36
CA VAL C 351 -18.70 -19.31 -16.35
C VAL C 351 -19.20 -18.89 -14.97
N ASP C 352 -18.66 -19.55 -13.95
CA ASP C 352 -19.13 -19.35 -12.58
C ASP C 352 -18.83 -17.94 -12.11
N ALA C 353 -19.51 -17.53 -11.05
CA ALA C 353 -19.38 -16.17 -10.54
C ALA C 353 -17.95 -15.87 -10.09
N ASP C 354 -17.25 -16.87 -9.56
CA ASP C 354 -15.91 -16.61 -9.06
C ASP C 354 -14.87 -16.71 -10.16
N LYS C 355 -15.30 -16.93 -11.40
CA LYS C 355 -14.35 -16.94 -12.52
C LYS C 355 -14.26 -15.58 -13.20
N VAL C 356 -14.95 -14.56 -12.67
CA VAL C 356 -14.93 -13.22 -13.26
C VAL C 356 -14.59 -12.20 -12.18
N MET C 357 -14.08 -11.05 -12.61
CA MET C 357 -13.73 -9.99 -11.68
C MET C 357 -14.62 -8.79 -11.89
N ILE C 358 -15.52 -8.55 -10.94
CA ILE C 358 -16.53 -7.51 -11.05
C ILE C 358 -16.00 -6.26 -10.38
N THR C 359 -15.55 -5.31 -11.20
CA THR C 359 -14.95 -4.07 -10.72
C THR C 359 -15.82 -3.25 -9.77
N ASN C 360 -15.15 -2.50 -8.90
CA ASN C 360 -15.83 -1.67 -7.91
C ASN C 360 -15.69 -0.19 -8.23
N GLU C 361 -16.81 0.53 -8.26
CA GLU C 361 -16.80 1.95 -8.56
C GLU C 361 -17.18 2.80 -7.35
N GLU C 362 -16.91 2.29 -6.16
CA GLU C 362 -17.22 2.93 -4.90
C GLU C 362 -16.61 4.32 -4.82
N GLU C 363 -15.39 4.47 -5.32
CA GLU C 363 -14.66 5.74 -5.28
C GLU C 363 -15.44 7.01 -5.64
N ILE C 364 -16.45 6.88 -6.50
CA ILE C 364 -17.22 8.03 -6.93
C ILE C 364 -18.57 8.22 -6.24
N LYS C 365 -18.80 7.54 -5.13
CA LYS C 365 -20.07 7.67 -4.42
C LYS C 365 -20.24 9.01 -3.77
N THR C 366 -19.19 9.83 -3.67
CA THR C 366 -19.32 11.12 -3.01
C THR C 366 -20.01 12.14 -3.92
N THR C 367 -19.60 12.23 -5.18
CA THR C 367 -20.25 13.14 -6.11
C THR C 367 -21.27 12.50 -7.04
N ASN C 368 -21.46 11.18 -6.99
CA ASN C 368 -22.38 10.56 -7.92
C ASN C 368 -23.45 9.75 -7.21
N PRO C 369 -24.65 9.68 -7.76
CA PRO C 369 -25.68 8.84 -7.15
C PRO C 369 -25.38 7.37 -7.34
N VAL C 370 -25.85 6.57 -6.39
CA VAL C 370 -25.63 5.13 -6.44
C VAL C 370 -26.36 4.56 -7.65
N ALA C 371 -25.78 3.53 -8.26
CA ALA C 371 -26.36 3.01 -9.50
C ALA C 371 -27.67 2.29 -9.26
N THR C 372 -27.85 1.66 -8.10
CA THR C 372 -29.04 0.88 -7.82
C THR C 372 -30.11 1.68 -7.08
N GLU C 373 -29.91 2.98 -6.90
CA GLU C 373 -30.81 3.81 -6.12
C GLU C 373 -31.43 4.89 -6.99
N SER C 374 -32.56 5.41 -6.53
CA SER C 374 -33.21 6.50 -7.23
C SER C 374 -32.42 7.78 -7.07
N TYR C 375 -32.65 8.72 -7.98
CA TYR C 375 -31.94 9.98 -7.92
C TYR C 375 -32.50 10.88 -6.83
N GLY C 376 -33.79 10.78 -6.55
CA GLY C 376 -34.40 11.66 -5.57
C GLY C 376 -35.91 11.56 -5.65
N GLN C 377 -36.58 12.63 -5.22
CA GLN C 377 -38.03 12.72 -5.29
C GLN C 377 -38.44 14.07 -5.86
N VAL C 378 -39.70 14.14 -6.30
CA VAL C 378 -40.31 15.36 -6.79
C VAL C 378 -41.77 15.36 -6.36
N ALA C 379 -42.39 16.54 -6.42
CA ALA C 379 -43.79 16.67 -6.07
C ALA C 379 -44.66 16.23 -7.23
N THR C 380 -45.70 15.45 -6.95
CA THR C 380 -46.62 15.00 -7.99
C THR C 380 -47.93 15.77 -8.05
N ASN C 381 -48.17 16.74 -7.16
CA ASN C 381 -49.45 17.44 -7.18
C ASN C 381 -49.33 18.74 -6.39
N HIS C 382 -50.43 19.47 -6.34
CA HIS C 382 -50.57 20.65 -5.50
C HIS C 382 -51.35 20.27 -4.25
N GLN C 383 -50.75 20.50 -3.08
CA GLN C 383 -51.50 20.31 -1.86
C GLN C 383 -52.59 21.37 -1.75
N SER C 384 -53.57 21.09 -0.91
CA SER C 384 -54.65 22.02 -0.63
C SER C 384 -55.37 21.49 0.60
N ALA C 385 -56.48 22.13 0.95
CA ALA C 385 -57.28 21.65 2.07
C ALA C 385 -57.73 20.22 1.86
N GLN C 386 -58.04 19.85 0.62
CA GLN C 386 -58.60 18.55 0.30
C GLN C 386 -57.57 17.53 -0.16
N ALA C 387 -56.30 17.89 -0.29
CA ALA C 387 -55.33 17.02 -0.92
C ALA C 387 -54.05 16.98 -0.12
N GLN C 388 -53.56 15.78 0.18
CA GLN C 388 -52.28 15.64 0.84
C GLN C 388 -51.13 15.89 -0.11
N ALA C 389 -49.96 16.15 0.45
CA ALA C 389 -48.76 16.31 -0.35
C ALA C 389 -48.22 14.94 -0.74
N GLN C 390 -48.15 14.70 -2.04
CA GLN C 390 -47.70 13.41 -2.57
C GLN C 390 -46.44 13.64 -3.38
N THR C 391 -45.52 12.68 -3.28
CA THR C 391 -44.27 12.72 -4.03
C THR C 391 -44.03 11.37 -4.66
N GLY C 392 -43.10 11.33 -5.61
CA GLY C 392 -42.78 10.09 -6.27
C GLY C 392 -41.33 10.10 -6.71
N TRP C 393 -40.78 8.91 -6.83
CA TRP C 393 -39.35 8.75 -6.99
C TRP C 393 -38.95 9.14 -8.40
N VAL C 394 -37.71 9.62 -8.54
CA VAL C 394 -37.14 9.95 -9.84
C VAL C 394 -36.18 8.83 -10.22
N GLN C 395 -36.57 8.03 -11.22
CA GLN C 395 -35.77 6.86 -11.55
C GLN C 395 -34.68 7.17 -12.56
N ASN C 396 -34.76 8.32 -13.23
CA ASN C 396 -33.67 8.79 -14.09
C ASN C 396 -33.72 10.30 -14.15
N GLN C 397 -32.55 10.92 -14.27
CA GLN C 397 -32.48 12.37 -14.36
C GLN C 397 -31.41 12.74 -15.36
N GLY C 398 -31.76 13.63 -16.29
CA GLY C 398 -30.78 14.17 -17.20
C GLY C 398 -29.92 15.21 -16.53
N ILE C 399 -29.20 15.96 -17.35
CA ILE C 399 -28.37 17.03 -16.84
C ILE C 399 -29.24 18.19 -16.41
N LEU C 400 -28.91 18.78 -15.26
CA LEU C 400 -29.47 20.02 -14.76
C LEU C 400 -28.35 21.01 -14.51
N PRO C 401 -28.62 22.31 -14.64
CA PRO C 401 -27.61 23.31 -14.28
C PRO C 401 -27.09 23.09 -12.87
N GLY C 402 -25.77 23.14 -12.74
CA GLY C 402 -25.14 23.02 -11.45
C GLY C 402 -24.81 21.61 -11.01
N MET C 403 -24.94 20.62 -11.88
CA MET C 403 -24.52 19.28 -11.51
C MET C 403 -23.01 19.13 -11.65
N VAL C 404 -22.45 18.24 -10.84
CA VAL C 404 -21.08 17.79 -11.00
C VAL C 404 -21.04 16.28 -10.85
N TRP C 405 -20.11 15.64 -11.56
CA TRP C 405 -20.02 14.19 -11.53
C TRP C 405 -18.60 13.77 -11.83
N GLN C 406 -18.27 12.54 -11.46
CA GLN C 406 -17.01 11.90 -11.75
C GLN C 406 -17.17 10.85 -12.83
N ASP C 407 -16.27 10.86 -13.81
CA ASP C 407 -16.35 9.89 -14.88
C ASP C 407 -15.90 8.52 -14.40
N ARG C 408 -15.99 7.53 -15.27
CA ARG C 408 -15.68 6.16 -14.87
C ARG C 408 -14.18 5.94 -14.87
N ASP C 409 -13.73 5.09 -13.95
CA ASP C 409 -12.31 4.88 -13.73
C ASP C 409 -11.70 4.01 -14.81
N VAL C 410 -10.42 4.25 -15.10
CA VAL C 410 -9.67 3.43 -16.05
C VAL C 410 -8.96 2.33 -15.27
N TYR C 411 -8.90 1.14 -15.85
CA TYR C 411 -8.35 0.00 -15.18
C TYR C 411 -7.13 -0.50 -15.93
N LEU C 412 -6.29 -1.26 -15.22
CA LEU C 412 -5.09 -1.80 -15.84
C LEU C 412 -5.43 -2.55 -17.12
N GLN C 413 -6.54 -3.28 -17.11
CA GLN C 413 -6.96 -4.04 -18.28
C GLN C 413 -7.90 -3.27 -19.20
N GLY C 414 -8.40 -2.12 -18.77
CA GLY C 414 -9.45 -1.43 -19.50
C GLY C 414 -8.93 -0.65 -20.68
N PRO C 415 -9.84 -0.12 -21.49
CA PRO C 415 -9.42 0.57 -22.71
C PRO C 415 -8.83 1.92 -22.40
N ILE C 416 -8.15 2.50 -23.40
CA ILE C 416 -7.52 3.80 -23.23
C ILE C 416 -8.35 4.91 -23.85
N TRP C 417 -8.51 4.88 -25.16
CA TRP C 417 -9.18 5.96 -25.89
C TRP C 417 -10.37 5.43 -26.64
N ALA C 418 -11.20 6.35 -27.11
CA ALA C 418 -12.30 6.04 -27.99
C ALA C 418 -12.43 7.14 -29.02
N LYS C 419 -13.12 6.84 -30.12
CA LYS C 419 -13.39 7.84 -31.15
C LYS C 419 -14.74 8.46 -30.89
N ILE C 420 -14.76 9.76 -30.64
CA ILE C 420 -16.04 10.46 -30.55
C ILE C 420 -16.74 10.38 -31.89
N PRO C 421 -17.88 9.72 -32.00
CA PRO C 421 -18.54 9.59 -33.30
C PRO C 421 -18.77 10.97 -33.91
N HIS C 422 -18.81 11.03 -35.22
CA HIS C 422 -18.87 12.31 -35.91
C HIS C 422 -20.34 12.66 -36.11
N THR C 423 -20.83 13.63 -35.35
CA THR C 423 -22.23 14.00 -35.33
C THR C 423 -22.33 15.52 -35.21
N ASP C 424 -23.54 16.04 -35.37
CA ASP C 424 -23.74 17.48 -35.24
C ASP C 424 -23.63 17.93 -33.79
N GLY C 425 -23.79 17.02 -32.84
CA GLY C 425 -23.70 17.41 -31.45
C GLY C 425 -23.36 16.24 -30.55
N ASN C 426 -22.80 16.60 -29.38
CA ASN C 426 -22.52 15.64 -28.33
C ASN C 426 -22.38 16.39 -27.01
N PHE C 427 -22.54 15.66 -25.91
CA PHE C 427 -22.36 16.24 -24.59
C PHE C 427 -21.37 15.41 -23.79
N HIS C 428 -20.31 16.05 -23.31
CA HIS C 428 -19.28 15.46 -22.48
C HIS C 428 -18.85 14.14 -23.11
N PRO C 429 -18.12 14.22 -24.20
CA PRO C 429 -17.87 13.04 -25.03
C PRO C 429 -17.07 11.92 -24.38
N SER C 430 -16.50 12.15 -23.20
CA SER C 430 -15.69 11.12 -22.56
C SER C 430 -16.42 9.78 -22.58
N PRO C 431 -15.78 8.70 -23.03
CA PRO C 431 -16.51 7.46 -23.27
C PRO C 431 -16.98 6.83 -21.97
N LEU C 432 -18.07 6.06 -22.09
CA LEU C 432 -18.70 5.52 -20.90
C LEU C 432 -17.94 4.36 -20.29
N MET C 433 -17.10 3.68 -21.06
CA MET C 433 -16.26 2.64 -20.46
C MET C 433 -14.99 3.19 -19.85
N GLY C 434 -14.77 4.48 -19.89
CA GLY C 434 -13.60 5.07 -19.26
C GLY C 434 -12.49 5.31 -20.26
N GLY C 435 -11.68 6.31 -19.96
CA GLY C 435 -10.64 6.72 -20.86
C GLY C 435 -10.94 8.02 -21.56
N PHE C 436 -10.13 8.31 -22.56
CA PHE C 436 -10.03 9.63 -23.16
C PHE C 436 -10.80 9.67 -24.47
N GLY C 437 -11.92 10.38 -24.49
CA GLY C 437 -12.67 10.58 -25.72
C GLY C 437 -11.96 11.56 -26.64
N MET C 438 -11.89 11.22 -27.91
CA MET C 438 -11.14 11.99 -28.89
C MET C 438 -11.87 11.99 -30.23
N LYS C 439 -11.76 13.08 -30.98
CA LYS C 439 -12.35 13.11 -32.31
C LYS C 439 -11.39 12.66 -33.40
N HIS C 440 -10.11 12.51 -33.09
CA HIS C 440 -9.11 11.99 -34.02
C HIS C 440 -8.20 11.08 -33.22
N PRO C 441 -8.64 9.87 -32.91
CA PRO C 441 -7.84 8.97 -32.11
C PRO C 441 -6.71 8.39 -32.92
N PRO C 442 -5.81 7.60 -32.32
CA PRO C 442 -4.72 7.01 -33.08
C PRO C 442 -5.24 6.20 -34.25
N PRO C 443 -4.65 6.37 -35.42
CA PRO C 443 -5.19 5.74 -36.62
C PRO C 443 -5.08 4.22 -36.55
N GLN C 444 -5.99 3.56 -37.25
CA GLN C 444 -5.91 2.12 -37.37
C GLN C 444 -4.75 1.74 -38.26
N ILE C 445 -4.18 0.57 -38.00
CA ILE C 445 -3.04 0.07 -38.75
C ILE C 445 -3.47 -1.25 -39.36
N LEU C 446 -3.63 -1.28 -40.68
CA LEU C 446 -4.13 -2.46 -41.37
C LEU C 446 -2.96 -3.17 -42.05
N ILE C 447 -2.95 -4.50 -41.99
CA ILE C 447 -1.83 -5.26 -42.52
C ILE C 447 -2.34 -6.58 -43.06
N LYS C 448 -1.78 -7.02 -44.18
CA LYS C 448 -2.18 -8.27 -44.81
C LYS C 448 -0.98 -8.91 -45.48
N ASN C 449 -1.11 -10.19 -45.79
CA ASN C 449 -0.11 -10.91 -46.56
C ASN C 449 -0.49 -10.87 -48.03
N THR C 450 0.40 -10.37 -48.86
CA THR C 450 0.09 -10.23 -50.28
C THR C 450 -0.12 -11.60 -50.90
N PRO C 451 -1.25 -11.83 -51.59
CA PRO C 451 -1.52 -13.17 -52.11
C PRO C 451 -0.54 -13.57 -53.19
N VAL C 452 -0.04 -14.79 -53.10
CA VAL C 452 0.93 -15.29 -54.06
C VAL C 452 0.47 -16.63 -54.63
N PHE C 468 -4.14 -20.21 -54.65
CA PHE C 468 -3.07 -19.38 -54.11
C PHE C 468 -2.07 -20.24 -53.34
N ILE C 469 -1.28 -19.61 -52.47
CA ILE C 469 -0.23 -20.31 -51.76
C ILE C 469 -0.43 -20.14 -50.26
N THR C 470 -0.24 -21.21 -49.51
CA THR C 470 -0.32 -21.14 -48.06
C THR C 470 0.86 -20.36 -47.50
N GLN C 471 0.55 -19.32 -46.73
CA GLN C 471 1.56 -18.31 -46.41
C GLN C 471 1.21 -17.67 -45.08
N TYR C 472 2.24 -17.30 -44.32
CA TYR C 472 2.05 -16.48 -43.13
C TYR C 472 3.35 -15.77 -42.85
N SER C 473 3.26 -14.72 -42.03
CA SER C 473 4.39 -13.86 -41.75
C SER C 473 4.45 -13.56 -40.25
N THR C 474 5.60 -13.04 -39.83
CA THR C 474 5.87 -12.80 -38.42
C THR C 474 6.93 -11.72 -38.30
N GLY C 475 7.07 -11.19 -37.10
CA GLY C 475 7.98 -10.09 -36.91
C GLY C 475 7.86 -9.46 -35.55
N GLN C 476 8.22 -8.19 -35.47
CA GLN C 476 8.21 -7.44 -34.23
C GLN C 476 7.23 -6.29 -34.35
N VAL C 477 6.76 -5.79 -33.21
CA VAL C 477 5.92 -4.60 -33.12
C VAL C 477 6.34 -3.82 -31.89
N SER C 478 6.52 -2.52 -32.04
CA SER C 478 6.84 -1.66 -30.92
C SER C 478 5.93 -0.44 -30.92
N VAL C 479 5.48 -0.04 -29.74
CA VAL C 479 4.61 1.12 -29.59
C VAL C 479 5.07 1.92 -28.38
N GLU C 480 5.29 3.22 -28.59
CA GLU C 480 5.86 4.09 -27.58
C GLU C 480 4.94 5.29 -27.37
N ILE C 481 4.36 5.40 -26.18
CA ILE C 481 3.45 6.48 -25.86
C ILE C 481 4.07 7.33 -24.76
N GLU C 482 4.15 8.63 -24.99
CA GLU C 482 4.68 9.57 -24.01
C GLU C 482 3.53 10.11 -23.18
N TRP C 483 3.50 9.74 -21.91
CA TRP C 483 2.42 10.10 -21.01
C TRP C 483 2.82 11.34 -20.23
N GLU C 484 1.86 12.23 -20.01
CA GLU C 484 2.07 13.43 -19.22
C GLU C 484 1.37 13.26 -17.88
N LEU C 485 1.95 13.78 -16.81
CA LEU C 485 1.46 13.52 -15.48
C LEU C 485 1.06 14.81 -14.79
N GLN C 486 0.27 14.67 -13.73
CA GLN C 486 -0.09 15.77 -12.86
C GLN C 486 0.23 15.37 -11.43
N LYS C 487 1.19 16.04 -10.82
CA LYS C 487 1.75 15.61 -9.55
C LYS C 487 0.78 15.86 -8.40
N GLU C 488 1.00 15.16 -7.30
CA GLU C 488 0.11 15.19 -6.14
C GLU C 488 0.59 16.23 -5.14
N ASN C 489 -0.19 17.31 -5.00
CA ASN C 489 0.18 18.48 -4.25
C ASN C 489 -0.42 18.54 -2.84
N SER C 490 -1.16 17.51 -2.43
CA SER C 490 -2.07 17.64 -1.30
C SER C 490 -1.36 17.93 0.00
N LYS C 491 -2.07 18.59 0.91
CA LYS C 491 -1.60 18.95 2.25
C LYS C 491 -2.07 17.98 3.32
N ARG C 492 -2.73 16.89 2.94
CA ARG C 492 -3.27 15.94 3.92
C ARG C 492 -2.22 15.52 4.93
N TRP C 493 -2.61 15.49 6.21
CA TRP C 493 -1.64 15.15 7.25
C TRP C 493 -1.46 13.65 7.40
N ASN C 494 -2.54 12.89 7.39
CA ASN C 494 -2.41 11.46 7.66
C ASN C 494 -2.16 10.68 6.38
N PRO C 495 -1.57 9.49 6.48
CA PRO C 495 -1.11 8.79 5.27
C PRO C 495 -2.25 8.34 4.37
N GLU C 496 -1.94 8.26 3.08
CA GLU C 496 -2.94 7.96 2.06
C GLU C 496 -3.31 6.49 2.07
N ILE C 497 -4.07 6.10 1.05
CA ILE C 497 -4.21 4.70 0.68
C ILE C 497 -3.30 4.44 -0.52
N GLN C 498 -2.66 3.28 -0.53
CA GLN C 498 -1.70 2.95 -1.56
C GLN C 498 -1.99 1.54 -2.06
N TYR C 499 -1.54 1.24 -3.27
CA TYR C 499 -1.75 -0.10 -3.81
C TYR C 499 -0.53 -0.94 -3.44
N THR C 500 -0.73 -1.92 -2.58
CA THR C 500 0.37 -2.68 -2.03
C THR C 500 0.14 -4.16 -2.26
N SER C 501 1.21 -4.88 -2.58
CA SER C 501 1.13 -6.33 -2.64
C SER C 501 0.98 -6.88 -1.24
N ASN C 502 0.44 -8.09 -1.15
CA ASN C 502 0.05 -8.65 0.14
C ASN C 502 1.12 -9.60 0.64
N TYR C 503 1.27 -9.66 1.96
CA TYR C 503 2.33 -10.48 2.56
C TYR C 503 2.07 -11.95 2.95
N TYR C 504 0.86 -12.48 2.76
CA TYR C 504 0.65 -13.86 3.12
C TYR C 504 1.50 -14.76 2.25
N LYS C 505 2.13 -15.77 2.84
CA LYS C 505 2.99 -16.68 2.08
C LYS C 505 2.17 -17.58 1.16
N SER C 506 2.50 -17.59 -0.12
CA SER C 506 1.76 -18.38 -1.11
C SER C 506 2.65 -19.02 -2.16
N ASN C 507 2.07 -19.99 -2.88
CA ASN C 507 2.77 -20.72 -3.93
C ASN C 507 3.20 -19.91 -5.15
N ASN C 508 2.39 -18.94 -5.55
CA ASN C 508 2.65 -18.16 -6.74
C ASN C 508 2.73 -16.69 -6.36
N VAL C 509 3.51 -15.93 -7.12
CA VAL C 509 3.52 -14.50 -6.94
C VAL C 509 2.50 -13.86 -7.88
N GLU C 510 1.74 -12.90 -7.37
CA GLU C 510 0.75 -12.25 -8.19
C GLU C 510 1.41 -11.56 -9.38
N PHE C 511 0.74 -11.63 -10.53
CA PHE C 511 1.21 -11.02 -11.77
C PHE C 511 2.51 -11.67 -12.26
N ALA C 512 2.66 -12.97 -12.02
CA ALA C 512 3.82 -13.69 -12.50
C ALA C 512 3.39 -15.08 -12.98
N VAL C 513 4.30 -15.75 -13.67
CA VAL C 513 3.98 -17.01 -14.32
C VAL C 513 4.06 -18.15 -13.32
N ASN C 514 3.19 -19.15 -13.50
CA ASN C 514 3.27 -20.33 -12.67
C ASN C 514 4.08 -21.41 -13.37
N THR C 515 4.09 -22.60 -12.77
CA THR C 515 4.98 -23.67 -13.21
C THR C 515 4.72 -24.09 -14.65
N GLU C 516 3.59 -23.66 -15.21
CA GLU C 516 3.27 -24.04 -16.57
C GLU C 516 3.65 -22.94 -17.56
N GLY C 517 4.16 -21.82 -17.09
CA GLY C 517 4.46 -20.69 -17.93
C GLY C 517 3.27 -19.83 -18.32
N VAL C 518 2.20 -19.86 -17.53
CA VAL C 518 0.99 -19.14 -17.87
C VAL C 518 0.88 -17.87 -17.04
N TYR C 519 1.00 -16.72 -17.69
CA TYR C 519 0.93 -15.42 -17.03
C TYR C 519 -0.52 -15.10 -16.70
N SER C 520 -0.76 -14.61 -15.49
CA SER C 520 -2.11 -14.39 -15.03
C SER C 520 -2.17 -13.13 -14.16
N GLU C 521 -3.18 -12.31 -14.42
CA GLU C 521 -3.43 -11.10 -13.62
C GLU C 521 -4.52 -11.38 -12.60
N PRO C 522 -4.20 -11.38 -11.31
CA PRO C 522 -5.17 -11.86 -10.31
C PRO C 522 -6.36 -10.96 -10.10
N ARG C 523 -6.19 -9.64 -10.13
CA ARG C 523 -7.28 -8.74 -9.81
C ARG C 523 -7.16 -7.48 -10.64
N PRO C 524 -8.25 -6.77 -10.88
CA PRO C 524 -8.15 -5.50 -11.60
C PRO C 524 -7.55 -4.45 -10.70
N ILE C 525 -6.68 -3.62 -11.27
CA ILE C 525 -6.15 -2.48 -10.56
C ILE C 525 -6.68 -1.24 -11.22
N GLY C 526 -7.68 -0.62 -10.61
CA GLY C 526 -8.24 0.62 -11.10
C GLY C 526 -7.52 1.73 -10.36
N THR C 527 -7.48 2.91 -10.96
CA THR C 527 -6.75 4.00 -10.31
C THR C 527 -7.72 5.06 -9.78
N ARG C 528 -8.05 4.90 -8.49
CA ARG C 528 -8.29 6.03 -7.60
C ARG C 528 -7.80 5.59 -6.21
N TYR C 529 -6.73 6.21 -5.75
CA TYR C 529 -6.17 5.98 -4.43
C TYR C 529 -5.88 7.26 -3.66
N LEU C 530 -5.06 8.15 -4.20
CA LEU C 530 -4.91 9.48 -3.64
C LEU C 530 -6.25 10.18 -3.50
N THR C 531 -6.35 11.07 -2.52
CA THR C 531 -7.58 11.75 -2.22
C THR C 531 -7.41 13.25 -2.45
N ARG C 532 -8.51 13.95 -2.70
CA ARG C 532 -8.48 15.36 -2.98
C ARG C 532 -9.78 16.00 -2.54
N ASN C 533 -9.71 17.26 -2.10
CA ASN C 533 -10.89 17.95 -1.63
C ASN C 533 -11.88 18.14 -2.77
N LEU C 534 -13.15 18.32 -2.40
CA LEU C 534 -14.21 18.44 -3.37
C LEU C 534 -14.36 19.88 -3.86
N SER D 41 40.75 -14.33 -26.15
CA SER D 41 40.30 -15.71 -26.32
C SER D 41 39.03 -15.76 -27.15
N THR D 42 38.82 -16.87 -27.85
CA THR D 42 37.70 -17.03 -28.76
C THR D 42 37.20 -18.47 -28.71
N ARG D 43 35.88 -18.63 -28.73
CA ARG D 43 35.26 -19.94 -28.73
C ARG D 43 34.10 -19.94 -29.71
N THR D 44 33.61 -21.14 -30.03
CA THR D 44 32.44 -21.31 -30.86
C THR D 44 31.31 -21.88 -30.01
N TRP D 45 30.16 -21.22 -30.02
CA TRP D 45 29.09 -21.52 -29.08
C TRP D 45 27.86 -22.05 -29.80
N ALA D 46 27.04 -22.76 -29.06
CA ALA D 46 25.77 -23.28 -29.56
C ALA D 46 24.68 -22.93 -28.57
N LEU D 47 23.60 -22.34 -29.06
CA LEU D 47 22.51 -21.87 -28.20
C LEU D 47 21.23 -22.64 -28.50
N PRO D 48 20.71 -23.40 -27.56
CA PRO D 48 19.43 -24.08 -27.76
C PRO D 48 18.27 -23.14 -27.45
N THR D 49 17.07 -23.72 -27.44
CA THR D 49 15.87 -22.99 -27.09
C THR D 49 15.30 -23.53 -25.79
N TYR D 50 15.38 -22.73 -24.73
CA TYR D 50 15.04 -23.19 -23.40
C TYR D 50 13.57 -22.97 -23.09
N ASN D 51 13.00 -23.93 -22.36
CA ASN D 51 11.65 -23.83 -21.82
C ASN D 51 10.60 -23.61 -22.90
N ASN D 52 10.90 -23.97 -24.13
CA ASN D 52 9.98 -23.73 -25.25
C ASN D 52 9.47 -22.30 -25.23
N HIS D 53 10.38 -21.35 -24.99
CA HIS D 53 10.05 -19.93 -24.90
C HIS D 53 9.06 -19.63 -23.78
N LEU D 54 9.33 -20.08 -22.56
CA LEU D 54 8.48 -19.82 -21.42
C LEU D 54 9.30 -19.43 -20.21
N TYR D 55 8.74 -18.55 -19.38
CA TYR D 55 9.22 -18.40 -18.02
C TYR D 55 8.50 -19.39 -17.14
N LYS D 56 9.26 -20.13 -16.35
CA LYS D 56 8.67 -21.15 -15.50
C LYS D 56 9.11 -20.97 -14.06
N GLN D 57 8.14 -20.99 -13.16
CA GLN D 57 8.40 -21.05 -11.73
C GLN D 57 9.10 -22.36 -11.41
N ILE D 58 10.09 -22.29 -10.52
CA ILE D 58 10.72 -23.50 -10.01
C ILE D 58 10.88 -23.41 -8.50
N SER D 59 10.25 -24.33 -7.80
CA SER D 59 10.44 -24.49 -6.37
C SER D 59 10.84 -25.94 -6.15
N ASN D 60 11.37 -26.23 -4.96
CA ASN D 60 11.81 -27.58 -4.68
C ASN D 60 10.65 -28.57 -4.79
N SER D 61 9.41 -28.08 -4.68
CA SER D 61 8.26 -28.96 -4.80
C SER D 61 8.25 -29.66 -6.14
N THR D 62 8.78 -29.02 -7.18
CA THR D 62 8.96 -29.71 -8.45
C THR D 62 10.08 -30.74 -8.36
N SER D 63 11.07 -30.50 -7.52
CA SER D 63 12.18 -31.43 -7.31
C SER D 63 11.92 -32.41 -6.18
N GLY D 64 10.72 -32.40 -5.60
CA GLY D 64 10.37 -33.33 -4.55
C GLY D 64 10.28 -32.73 -3.16
N GLY D 65 10.82 -31.53 -2.95
CA GLY D 65 10.69 -30.82 -1.70
C GLY D 65 11.88 -30.87 -0.79
N SER D 66 12.72 -31.90 -0.90
CA SER D 66 13.99 -32.01 -0.18
C SER D 66 13.73 -31.74 1.31
N SER D 67 14.59 -31.00 2.01
CA SER D 67 14.35 -30.62 3.39
C SER D 67 14.52 -29.13 3.53
N ASN D 68 14.26 -28.59 4.73
CA ASN D 68 14.17 -27.14 4.91
C ASN D 68 15.44 -26.41 4.51
N ASP D 69 16.60 -26.94 4.89
CA ASP D 69 17.86 -26.32 4.50
C ASP D 69 17.99 -26.19 2.99
N ASN D 70 17.40 -27.11 2.24
CA ASN D 70 17.52 -27.15 0.79
C ASN D 70 16.36 -26.51 0.05
N ALA D 71 15.43 -25.88 0.76
CA ALA D 71 14.25 -25.33 0.11
C ALA D 71 14.60 -24.07 -0.69
N TYR D 72 14.02 -23.97 -1.89
CA TYR D 72 14.29 -22.82 -2.74
C TYR D 72 13.08 -22.52 -3.60
N PHE D 73 12.86 -21.22 -3.83
CA PHE D 73 11.83 -20.74 -4.73
C PHE D 73 12.48 -19.83 -5.76
N GLY D 74 12.08 -19.97 -7.02
CA GLY D 74 12.66 -19.15 -8.05
C GLY D 74 12.02 -19.40 -9.39
N TYR D 75 12.55 -18.70 -10.39
CA TYR D 75 12.03 -18.76 -11.75
C TYR D 75 13.15 -19.17 -12.69
N SER D 76 12.79 -19.77 -13.81
CA SER D 76 13.74 -20.15 -14.84
C SER D 76 13.33 -19.52 -16.16
N THR D 77 14.30 -18.98 -16.88
CA THR D 77 14.03 -18.12 -18.02
C THR D 77 14.47 -18.80 -19.31
N PRO D 78 13.87 -18.45 -20.44
CA PRO D 78 14.37 -18.95 -21.73
C PRO D 78 15.72 -18.38 -22.11
N TRP D 79 16.17 -17.32 -21.46
CA TRP D 79 17.40 -16.66 -21.81
C TRP D 79 18.62 -17.42 -21.30
N GLY D 80 19.66 -17.48 -22.12
CA GLY D 80 20.95 -17.98 -21.70
C GLY D 80 21.94 -16.84 -21.49
N TYR D 81 23.05 -17.16 -20.84
CA TYR D 81 24.03 -16.14 -20.53
C TYR D 81 25.43 -16.67 -20.78
N PHE D 82 26.32 -15.75 -21.16
CA PHE D 82 27.74 -16.06 -21.31
C PHE D 82 28.45 -15.90 -19.97
N ASP D 83 29.21 -16.91 -19.59
CA ASP D 83 30.00 -16.87 -18.37
C ASP D 83 31.44 -17.23 -18.72
N PHE D 84 32.33 -16.25 -18.70
CA PHE D 84 33.77 -16.50 -18.85
C PHE D 84 34.52 -16.39 -17.52
N ASN D 85 33.80 -16.36 -16.41
CA ASN D 85 34.31 -15.98 -15.08
C ASN D 85 35.50 -16.77 -14.57
N ARG D 86 35.89 -17.86 -15.24
CA ARG D 86 36.96 -18.71 -14.74
C ARG D 86 38.27 -18.40 -15.48
N PHE D 87 39.39 -18.55 -14.76
CA PHE D 87 40.69 -18.20 -15.32
C PHE D 87 41.01 -18.99 -16.58
N HIS D 88 40.90 -20.31 -16.54
CA HIS D 88 41.37 -21.11 -17.67
C HIS D 88 40.64 -20.77 -18.95
N CYS D 89 39.51 -20.06 -18.86
CA CYS D 89 38.89 -19.52 -20.06
C CYS D 89 39.84 -18.59 -20.79
N HIS D 90 40.78 -17.99 -20.07
CA HIS D 90 41.72 -17.06 -20.68
C HIS D 90 43.12 -17.67 -20.72
N ILE D 118 27.36 -14.94 -36.35
CA ILE D 118 26.11 -15.51 -35.86
C ILE D 118 25.49 -16.39 -36.93
N GLN D 119 25.06 -17.58 -36.55
CA GLN D 119 24.43 -18.51 -37.47
C GLN D 119 23.18 -19.06 -36.82
N VAL D 120 22.16 -19.34 -37.62
CA VAL D 120 20.89 -19.85 -37.14
C VAL D 120 20.51 -21.08 -37.95
N LYS D 121 20.00 -22.10 -37.27
CA LYS D 121 19.57 -23.33 -37.92
C LYS D 121 18.15 -23.62 -37.48
N GLU D 122 17.41 -24.36 -38.29
CA GLU D 122 16.13 -24.91 -37.88
C GLU D 122 16.14 -26.42 -38.06
N VAL D 123 15.31 -27.11 -37.31
CA VAL D 123 15.29 -28.57 -37.27
C VAL D 123 13.89 -29.04 -37.63
N THR D 124 13.79 -29.80 -38.71
CA THR D 124 12.54 -30.41 -39.12
C THR D 124 12.71 -31.92 -39.16
N ASP D 125 11.68 -32.62 -38.69
CA ASP D 125 11.64 -34.07 -38.80
C ASP D 125 10.74 -34.40 -39.99
N ASN D 126 11.35 -34.83 -41.09
CA ASN D 126 10.65 -35.19 -42.31
C ASN D 126 10.80 -36.69 -42.47
N ASN D 127 9.67 -37.39 -42.62
CA ASN D 127 9.61 -38.85 -42.53
C ASN D 127 10.05 -39.20 -41.11
N GLY D 128 11.08 -40.01 -40.91
CA GLY D 128 11.55 -40.31 -39.58
C GLY D 128 12.84 -39.60 -39.21
N VAL D 129 13.46 -38.92 -40.18
CA VAL D 129 14.79 -38.35 -40.02
C VAL D 129 14.67 -36.84 -39.87
N LYS D 130 15.59 -36.26 -39.12
CA LYS D 130 15.63 -34.82 -38.90
C LYS D 130 16.56 -34.16 -39.91
N THR D 131 16.20 -32.97 -40.36
CA THR D 131 16.96 -32.25 -41.36
C THR D 131 17.21 -30.82 -40.89
N ILE D 132 18.48 -30.43 -40.89
CA ILE D 132 18.90 -29.10 -40.44
C ILE D 132 19.10 -28.24 -41.68
N ALA D 133 18.53 -27.04 -41.66
CA ALA D 133 18.62 -26.12 -42.79
C ALA D 133 18.71 -24.69 -42.30
N ASN D 134 19.56 -23.92 -42.96
CA ASN D 134 19.72 -22.52 -42.62
C ASN D 134 18.39 -21.78 -42.65
N ASN D 135 18.16 -20.94 -41.65
CA ASN D 135 17.08 -19.98 -41.64
C ASN D 135 17.73 -18.61 -41.64
N LEU D 136 17.64 -17.90 -42.77
CA LEU D 136 18.38 -16.66 -42.91
C LEU D 136 17.72 -15.48 -42.21
N THR D 137 16.39 -15.43 -42.17
CA THR D 137 15.69 -14.28 -41.65
C THR D 137 15.54 -14.28 -40.13
N SER D 138 16.04 -15.30 -39.45
CA SER D 138 15.90 -15.36 -38.00
C SER D 138 16.80 -14.32 -37.32
N THR D 139 16.42 -13.97 -36.09
CA THR D 139 17.13 -12.98 -35.31
C THR D 139 17.51 -13.58 -33.96
N VAL D 140 18.59 -13.04 -33.39
CA VAL D 140 19.07 -13.42 -32.07
C VAL D 140 19.13 -12.17 -31.21
N GLN D 141 18.47 -12.22 -30.05
CA GLN D 141 18.41 -11.10 -29.12
C GLN D 141 19.51 -11.24 -28.09
N VAL D 142 20.29 -10.19 -27.90
CA VAL D 142 21.32 -10.19 -26.89
C VAL D 142 21.42 -8.80 -26.29
N PHE D 143 21.52 -8.73 -24.96
CA PHE D 143 21.77 -7.46 -24.31
C PHE D 143 22.73 -7.68 -23.16
N THR D 144 23.25 -6.59 -22.64
CA THR D 144 23.99 -6.58 -21.40
C THR D 144 23.13 -5.94 -20.33
N ASP D 145 23.28 -6.41 -19.10
CA ASP D 145 22.70 -5.72 -17.96
C ASP D 145 23.85 -4.96 -17.31
N SER D 146 23.94 -3.68 -17.64
CA SER D 146 24.98 -2.83 -17.08
C SER D 146 24.47 -1.97 -15.93
N ASP D 147 23.17 -2.03 -15.64
CA ASP D 147 22.60 -1.37 -14.47
C ASP D 147 22.48 -2.32 -13.30
N TYR D 148 22.82 -3.59 -13.49
CA TYR D 148 22.82 -4.57 -12.41
C TYR D 148 21.45 -4.69 -11.79
N GLN D 149 20.42 -4.67 -12.64
CA GLN D 149 19.04 -4.77 -12.20
C GLN D 149 18.49 -6.18 -12.23
N LEU D 150 19.21 -7.12 -12.78
CA LEU D 150 18.89 -8.54 -12.68
C LEU D 150 19.60 -9.17 -11.51
N PRO D 151 19.14 -10.31 -11.03
CA PRO D 151 19.97 -11.14 -10.16
C PRO D 151 21.25 -11.51 -10.88
N TYR D 152 22.36 -11.53 -10.14
CA TYR D 152 23.67 -11.75 -10.73
C TYR D 152 24.19 -13.10 -10.26
N VAL D 153 24.19 -14.08 -11.18
CA VAL D 153 24.54 -15.46 -10.84
C VAL D 153 25.95 -15.82 -11.27
N LEU D 154 26.71 -14.90 -11.85
CA LEU D 154 28.05 -15.26 -12.32
C LEU D 154 29.04 -15.49 -11.19
N GLY D 155 28.66 -15.26 -9.93
CA GLY D 155 29.61 -15.38 -8.86
C GLY D 155 29.49 -16.65 -8.04
N SER D 156 28.65 -17.59 -8.47
CA SER D 156 28.43 -18.82 -7.74
C SER D 156 29.29 -19.98 -8.24
N ALA D 157 30.18 -19.74 -9.20
CA ALA D 157 31.09 -20.76 -9.69
C ALA D 157 30.34 -21.91 -10.34
N HIS D 158 29.32 -21.59 -11.13
CA HIS D 158 28.59 -22.62 -11.84
C HIS D 158 29.36 -23.11 -13.06
N GLU D 159 28.97 -24.29 -13.53
CA GLU D 159 29.49 -24.83 -14.78
C GLU D 159 28.91 -24.03 -15.94
N GLY D 160 29.30 -24.38 -17.16
CA GLY D 160 28.83 -23.66 -18.32
C GLY D 160 29.72 -22.53 -18.78
N CYS D 161 30.91 -22.42 -18.21
CA CYS D 161 31.89 -21.45 -18.69
C CYS D 161 32.40 -21.84 -20.07
N LEU D 162 33.04 -20.88 -20.72
CA LEU D 162 33.83 -21.20 -21.90
C LEU D 162 34.79 -22.35 -21.58
N PRO D 163 35.06 -23.24 -22.53
CA PRO D 163 35.86 -24.42 -22.21
C PRO D 163 37.32 -24.04 -22.08
N PRO D 164 38.11 -24.85 -21.37
CA PRO D 164 39.54 -24.54 -21.24
C PRO D 164 40.32 -24.71 -22.52
N PHE D 165 39.84 -25.55 -23.44
CA PHE D 165 40.60 -25.89 -24.63
C PHE D 165 39.94 -25.29 -25.86
N PRO D 166 40.64 -24.44 -26.60
CA PRO D 166 39.97 -23.62 -27.64
C PRO D 166 39.30 -24.42 -28.73
N ALA D 167 39.64 -25.69 -28.94
CA ALA D 167 38.99 -26.48 -29.98
C ALA D 167 37.65 -27.04 -29.52
N ASP D 168 37.23 -26.75 -28.30
CA ASP D 168 35.96 -27.25 -27.79
C ASP D 168 34.82 -26.31 -28.13
N VAL D 169 33.68 -26.90 -28.46
CA VAL D 169 32.43 -26.17 -28.66
C VAL D 169 31.53 -26.46 -27.49
N PHE D 170 30.90 -25.44 -26.94
CA PHE D 170 30.19 -25.56 -25.68
C PHE D 170 28.72 -25.15 -25.84
N MET D 171 27.92 -25.60 -24.89
CA MET D 171 26.50 -25.27 -24.82
C MET D 171 26.31 -24.12 -23.84
N ILE D 172 25.47 -23.16 -24.22
CA ILE D 172 25.29 -21.95 -23.41
C ILE D 172 24.28 -22.23 -22.31
N PRO D 173 24.62 -21.96 -21.05
CA PRO D 173 23.75 -22.36 -19.94
C PRO D 173 22.46 -21.58 -19.88
N GLN D 174 21.52 -22.09 -19.09
CA GLN D 174 20.24 -21.45 -18.90
C GLN D 174 20.29 -20.50 -17.72
N TYR D 175 19.64 -19.35 -17.85
CA TYR D 175 19.64 -18.35 -16.79
C TYR D 175 18.36 -18.41 -15.99
N GLY D 176 18.50 -18.66 -14.69
CA GLY D 176 17.35 -18.63 -13.81
C GLY D 176 17.81 -18.11 -12.47
N TYR D 177 16.84 -17.65 -11.68
CA TYR D 177 17.19 -16.91 -10.48
C TYR D 177 16.29 -17.32 -9.34
N LEU D 178 16.88 -17.35 -8.16
CA LEU D 178 16.16 -17.63 -6.93
C LEU D 178 15.80 -16.34 -6.24
N THR D 179 14.63 -16.33 -5.61
CA THR D 179 14.16 -15.18 -4.87
C THR D 179 13.77 -15.64 -3.47
N LEU D 180 13.17 -14.74 -2.69
CA LEU D 180 12.79 -15.07 -1.32
C LEU D 180 11.80 -16.21 -1.27
N ASN D 181 11.88 -17.04 -0.24
CA ASN D 181 11.01 -18.19 -0.14
C ASN D 181 10.98 -18.79 1.24
N ASP D 182 9.82 -19.26 1.66
CA ASP D 182 9.73 -19.98 2.92
C ASP D 182 9.38 -21.37 2.42
N GLY D 183 10.24 -22.35 2.66
CA GLY D 183 9.99 -23.68 2.13
C GLY D 183 9.98 -23.50 0.63
N SER D 184 8.95 -23.99 -0.05
CA SER D 184 8.81 -23.80 -1.48
C SER D 184 7.91 -22.63 -1.83
N GLN D 185 7.16 -22.10 -0.88
CA GLN D 185 6.24 -21.00 -1.12
C GLN D 185 6.96 -19.66 -1.12
N ALA D 186 6.36 -18.69 -1.81
CA ALA D 186 6.95 -17.38 -1.99
C ALA D 186 6.26 -16.35 -1.11
N VAL D 187 7.05 -15.50 -0.47
CA VAL D 187 6.51 -14.43 0.37
C VAL D 187 6.12 -13.26 -0.53
N GLY D 188 5.61 -12.20 0.07
CA GLY D 188 5.20 -11.05 -0.71
C GLY D 188 6.35 -10.19 -1.18
N ARG D 189 7.54 -10.40 -0.61
CA ARG D 189 8.70 -9.62 -1.00
C ARG D 189 9.37 -10.19 -2.24
N SER D 190 8.84 -11.31 -2.75
CA SER D 190 9.45 -11.97 -3.89
C SER D 190 9.42 -11.08 -5.11
N SER D 191 10.42 -11.22 -5.97
CA SER D 191 10.51 -10.46 -7.21
C SER D 191 10.34 -11.40 -8.38
N PHE D 192 9.75 -10.89 -9.45
CA PHE D 192 9.72 -11.60 -10.72
C PHE D 192 10.25 -10.70 -11.81
N TYR D 193 11.41 -11.06 -12.35
CA TYR D 193 12.04 -10.25 -13.38
C TYR D 193 11.74 -10.85 -14.73
N CYS D 194 11.17 -10.05 -15.62
CA CYS D 194 10.92 -10.46 -16.99
C CYS D 194 12.02 -9.85 -17.85
N LEU D 195 12.96 -10.69 -18.29
CA LEU D 195 14.09 -10.17 -19.05
C LEU D 195 13.66 -9.57 -20.38
N GLU D 196 12.46 -9.91 -20.86
CA GLU D 196 11.98 -9.29 -22.07
C GLU D 196 11.74 -7.81 -21.90
N TYR D 197 11.74 -7.32 -20.66
CA TYR D 197 11.40 -5.94 -20.35
C TYR D 197 12.60 -5.01 -20.37
N PHE D 198 13.76 -5.52 -20.72
CA PHE D 198 15.05 -4.90 -20.97
C PHE D 198 15.24 -4.69 -22.47
N PRO D 199 15.69 -3.50 -22.88
CA PRO D 199 16.00 -3.29 -24.30
C PRO D 199 17.22 -4.10 -24.69
N SER D 200 17.10 -4.82 -25.80
CA SER D 200 18.15 -5.70 -26.28
C SER D 200 18.32 -5.51 -27.78
N GLN D 201 19.50 -5.87 -28.25
CA GLN D 201 19.83 -5.74 -29.66
C GLN D 201 19.55 -7.04 -30.39
N MET D 202 18.80 -6.93 -31.49
CA MET D 202 18.35 -8.09 -32.25
C MET D 202 19.24 -8.29 -33.46
N LEU D 203 19.87 -9.47 -33.54
CA LEU D 203 20.93 -9.74 -34.50
C LEU D 203 20.47 -10.82 -35.47
N ARG D 204 20.48 -10.52 -36.77
CA ARG D 204 20.38 -11.55 -37.78
C ARG D 204 21.75 -12.14 -38.05
N THR D 205 21.84 -12.95 -39.12
CA THR D 205 23.06 -13.67 -39.39
C THR D 205 24.21 -12.77 -39.86
N GLY D 206 23.91 -11.54 -40.29
CA GLY D 206 24.97 -10.64 -40.70
C GLY D 206 25.38 -9.60 -39.69
N ASN D 207 24.54 -9.35 -38.69
CA ASN D 207 24.82 -8.35 -37.68
C ASN D 207 25.76 -8.88 -36.62
N ASN D 208 26.43 -7.97 -35.92
CA ASN D 208 27.33 -8.31 -34.84
C ASN D 208 27.01 -7.46 -33.61
N PHE D 209 27.60 -7.84 -32.48
CA PHE D 209 27.39 -7.17 -31.21
C PHE D 209 28.72 -7.05 -30.48
N GLN D 210 29.00 -5.87 -29.95
CA GLN D 210 30.23 -5.67 -29.21
C GLN D 210 30.05 -4.56 -28.18
N PHE D 211 30.81 -4.66 -27.10
CA PHE D 211 30.85 -3.61 -26.10
C PHE D 211 32.18 -3.74 -25.36
N SER D 212 32.50 -2.71 -24.59
CA SER D 212 33.72 -2.70 -23.79
C SER D 212 33.36 -2.48 -22.34
N TYR D 213 34.31 -2.79 -21.46
CA TYR D 213 34.11 -2.66 -20.03
C TYR D 213 35.40 -2.18 -19.38
N GLU D 214 35.25 -1.50 -18.25
CA GLU D 214 36.37 -0.97 -17.49
C GLU D 214 36.27 -1.46 -16.06
N PHE D 215 37.20 -2.29 -15.63
CA PHE D 215 37.18 -2.79 -14.27
C PHE D 215 37.40 -1.67 -13.27
N GLU D 216 36.60 -1.66 -12.21
CA GLU D 216 36.84 -0.70 -11.14
C GLU D 216 38.11 -1.10 -10.39
N ASN D 217 38.67 -0.13 -9.67
CA ASN D 217 39.97 -0.34 -9.08
C ASN D 217 39.89 -1.34 -7.94
N VAL D 218 40.68 -2.41 -8.05
CA VAL D 218 40.68 -3.49 -7.05
C VAL D 218 42.12 -3.84 -6.73
N PRO D 219 42.37 -4.37 -5.53
CA PRO D 219 43.75 -4.62 -5.13
C PRO D 219 44.34 -5.80 -5.88
N PHE D 220 45.65 -5.71 -6.15
CA PHE D 220 46.37 -6.81 -6.78
C PHE D 220 46.17 -8.09 -6.00
N HIS D 221 45.86 -9.18 -6.70
CA HIS D 221 45.90 -10.47 -6.04
C HIS D 221 47.35 -10.82 -5.73
N SER D 222 47.55 -11.47 -4.60
CA SER D 222 48.89 -11.71 -4.07
C SER D 222 49.31 -13.14 -4.35
N SER D 223 50.34 -13.30 -5.16
CA SER D 223 50.99 -14.59 -5.35
C SER D 223 52.40 -14.49 -4.80
N TYR D 224 52.62 -15.10 -3.64
CA TYR D 224 53.91 -15.17 -2.95
C TYR D 224 53.78 -15.81 -1.58
N TYR D 276 51.70 -7.78 16.22
CA TYR D 276 50.55 -8.23 15.45
C TYR D 276 50.20 -9.67 15.78
N ILE D 277 49.05 -10.13 15.31
CA ILE D 277 48.55 -11.45 15.64
C ILE D 277 47.98 -12.09 14.38
N PRO D 278 47.81 -13.42 14.38
CA PRO D 278 47.30 -14.08 13.18
C PRO D 278 45.84 -13.78 12.92
N GLY D 279 45.43 -14.05 11.69
CA GLY D 279 44.10 -13.73 11.22
C GLY D 279 43.01 -14.52 11.94
N PRO D 280 41.77 -14.19 11.65
CA PRO D 280 40.64 -14.86 12.31
C PRO D 280 40.54 -16.32 11.92
N SER D 281 39.76 -17.06 12.70
CA SER D 281 39.54 -18.48 12.44
C SER D 281 38.15 -18.89 12.86
N TYR D 282 37.59 -19.82 12.08
CA TYR D 282 36.34 -20.49 12.40
C TYR D 282 36.66 -21.97 12.20
N ARG D 283 36.75 -22.75 13.29
CA ARG D 283 37.41 -24.06 13.18
C ARG D 283 36.63 -25.01 12.28
N GLN D 284 37.37 -25.81 11.51
CA GLN D 284 36.83 -26.83 10.64
C GLN D 284 37.17 -28.22 11.19
N GLN D 285 36.30 -29.19 10.86
CA GLN D 285 36.56 -30.57 11.24
C GLN D 285 37.67 -31.17 10.39
N ARG D 286 38.41 -32.13 10.96
CA ARG D 286 39.59 -32.69 10.32
C ARG D 286 39.30 -34.07 9.78
N VAL D 287 39.41 -34.22 8.45
CA VAL D 287 39.26 -35.50 7.78
C VAL D 287 40.62 -35.91 7.25
N SER D 288 40.93 -37.20 7.32
CA SER D 288 42.20 -37.72 6.84
C SER D 288 41.98 -38.56 5.59
N THR D 289 42.94 -38.51 4.66
CA THR D 289 42.81 -39.27 3.43
C THR D 289 43.09 -40.75 3.64
N THR D 290 43.76 -41.12 4.72
CA THR D 290 43.89 -42.53 5.07
C THR D 290 42.67 -42.92 5.87
N VAL D 291 41.87 -43.84 5.33
CA VAL D 291 40.53 -44.04 5.87
C VAL D 291 40.57 -44.75 7.22
N THR D 292 41.66 -45.43 7.53
CA THR D 292 41.72 -46.12 8.80
C THR D 292 41.80 -45.11 9.95
N GLN D 293 42.45 -43.98 9.70
CA GLN D 293 42.57 -42.93 10.71
C GLN D 293 41.22 -42.31 11.06
N ASN D 294 40.38 -42.12 10.05
CA ASN D 294 39.06 -41.52 10.26
C ASN D 294 38.13 -42.42 11.05
N ASN D 295 37.26 -41.80 11.84
CA ASN D 295 36.31 -42.52 12.68
C ASN D 295 35.30 -43.28 11.84
N ASN D 296 34.88 -44.45 12.31
CA ASN D 296 33.91 -45.29 11.62
C ASN D 296 32.46 -44.85 11.88
N SER D 297 32.11 -43.65 11.41
CA SER D 297 30.76 -43.13 11.58
C SER D 297 30.52 -42.08 10.52
N GLU D 298 29.26 -41.72 10.29
CA GLU D 298 28.97 -40.72 9.27
C GLU D 298 28.96 -39.35 9.88
N PHE D 299 30.09 -38.66 9.78
CA PHE D 299 30.23 -37.32 10.34
C PHE D 299 30.31 -36.28 9.24
N ALA D 300 29.95 -36.65 8.02
CA ALA D 300 30.02 -35.73 6.90
C ALA D 300 29.12 -34.51 7.06
N TRP D 301 27.88 -34.71 7.50
CA TRP D 301 27.00 -33.56 7.68
C TRP D 301 26.92 -33.08 9.12
N PRO D 302 26.82 -34.00 10.08
CA PRO D 302 26.74 -33.58 11.47
C PRO D 302 28.00 -32.86 11.95
N GLY D 303 29.16 -33.38 11.59
CA GLY D 303 30.43 -32.80 11.98
C GLY D 303 30.76 -31.43 11.42
N ALA D 304 30.41 -31.21 10.16
CA ALA D 304 30.72 -29.96 9.46
C ALA D 304 30.24 -28.66 10.12
N SER D 305 31.08 -27.64 10.02
CA SER D 305 30.81 -26.31 10.54
C SER D 305 29.81 -25.61 9.62
N SER D 306 28.85 -24.90 10.19
CA SER D 306 27.86 -24.24 9.36
C SER D 306 27.37 -22.92 9.92
N TRP D 307 26.87 -22.06 9.04
CA TRP D 307 26.30 -20.79 9.46
C TRP D 307 24.84 -20.83 9.08
N ALA D 308 23.98 -20.60 10.05
CA ALA D 308 22.54 -20.70 9.90
C ALA D 308 21.95 -19.33 9.67
N LEU D 309 21.04 -19.24 8.71
CA LEU D 309 20.42 -17.98 8.32
C LEU D 309 18.93 -18.20 8.19
N ASN D 310 18.15 -17.46 8.98
CA ASN D 310 16.69 -17.52 8.89
C ASN D 310 16.17 -18.94 9.11
N GLY D 311 16.87 -19.70 9.95
CA GLY D 311 16.47 -21.05 10.25
C GLY D 311 16.85 -22.08 9.21
N ARG D 312 17.71 -21.74 8.26
CA ARG D 312 18.22 -22.70 7.31
C ARG D 312 19.72 -22.88 7.52
N ASN D 313 20.10 -24.04 8.04
CA ASN D 313 21.50 -24.37 8.25
C ASN D 313 22.18 -24.55 6.92
N SER D 314 23.25 -23.79 6.69
CA SER D 314 23.99 -23.82 5.45
C SER D 314 25.45 -24.08 5.75
N LEU D 315 26.05 -25.02 5.03
CA LEU D 315 27.42 -25.42 5.31
C LEU D 315 28.36 -24.23 5.20
N MET D 316 29.45 -24.25 5.97
CA MET D 316 30.45 -23.20 5.87
C MET D 316 31.46 -23.66 4.83
N ASN D 317 31.38 -23.04 3.66
CA ASN D 317 32.24 -23.44 2.55
C ASN D 317 32.59 -22.23 1.72
N PRO D 318 33.86 -22.10 1.32
CA PRO D 318 35.01 -22.74 1.94
C PRO D 318 35.27 -22.17 3.33
N GLY D 319 34.68 -21.01 3.63
CA GLY D 319 34.88 -20.37 4.89
C GLY D 319 35.96 -19.31 4.82
N PRO D 320 36.40 -18.80 5.96
CA PRO D 320 37.53 -17.86 5.96
C PRO D 320 38.76 -18.53 5.38
N ALA D 321 39.72 -17.71 4.97
CA ALA D 321 40.96 -18.24 4.44
C ALA D 321 41.83 -18.71 5.60
N MET D 322 42.13 -20.00 5.63
CA MET D 322 42.91 -20.60 6.70
C MET D 322 43.79 -21.70 6.12
N ALA D 323 44.95 -21.89 6.74
CA ALA D 323 45.83 -22.97 6.33
C ALA D 323 45.13 -24.31 6.45
N SER D 324 45.49 -25.25 5.56
CA SER D 324 44.77 -26.51 5.50
C SER D 324 45.19 -27.47 6.59
N HIS D 325 46.46 -27.45 6.99
CA HIS D 325 46.98 -28.44 7.92
C HIS D 325 48.23 -27.92 8.59
N LYS D 326 48.57 -28.52 9.73
CA LYS D 326 49.81 -28.20 10.39
C LYS D 326 50.99 -28.60 9.51
N GLU D 327 52.13 -27.95 9.75
CA GLU D 327 53.33 -28.29 9.01
C GLU D 327 53.75 -29.72 9.26
N GLY D 328 53.93 -30.47 8.19
CA GLY D 328 54.37 -31.85 8.28
C GLY D 328 53.30 -32.88 8.09
N GLU D 329 52.02 -32.52 8.21
CA GLU D 329 50.93 -33.47 8.00
C GLU D 329 50.18 -33.04 6.75
N ASP D 330 50.39 -33.76 5.66
CA ASP D 330 49.71 -33.47 4.41
C ASP D 330 48.53 -34.40 4.12
N ARG D 331 48.23 -35.34 5.01
CA ARG D 331 47.15 -36.27 4.76
C ARG D 331 45.84 -35.85 5.40
N PHE D 332 45.81 -34.70 6.05
CA PHE D 332 44.60 -34.20 6.70
C PHE D 332 44.05 -32.98 5.99
N PHE D 333 42.77 -33.00 5.66
CA PHE D 333 42.15 -31.85 5.00
C PHE D 333 40.88 -31.48 5.74
N PRO D 334 40.60 -30.18 5.85
CA PRO D 334 39.40 -29.69 6.54
C PRO D 334 38.17 -30.21 5.83
N LEU D 335 37.13 -30.58 6.56
CA LEU D 335 35.98 -31.17 5.92
C LEU D 335 35.29 -30.29 4.89
N SER D 336 35.08 -29.02 5.20
CA SER D 336 34.44 -28.11 4.25
C SER D 336 35.26 -26.87 3.92
N GLY D 337 36.54 -26.90 4.26
CA GLY D 337 37.40 -25.74 4.07
C GLY D 337 38.23 -25.55 2.82
N SER D 338 38.13 -26.45 1.85
CA SER D 338 38.96 -26.31 0.65
C SER D 338 38.20 -26.46 -0.66
N LEU D 339 38.76 -25.89 -1.72
CA LEU D 339 38.17 -25.99 -3.04
C LEU D 339 38.60 -27.32 -3.61
N ILE D 340 37.65 -28.23 -3.79
CA ILE D 340 37.92 -29.56 -4.30
C ILE D 340 37.45 -29.63 -5.74
N PHE D 341 38.39 -29.84 -6.66
CA PHE D 341 38.09 -29.93 -8.08
C PHE D 341 38.07 -31.38 -8.53
N GLY D 342 37.21 -31.68 -9.50
CA GLY D 342 37.17 -33.01 -10.07
C GLY D 342 38.12 -33.17 -11.25
N LYS D 343 38.65 -34.38 -11.39
CA LYS D 343 39.51 -34.70 -12.52
C LYS D 343 38.67 -34.83 -13.78
N GLN D 344 39.35 -34.77 -14.92
CA GLN D 344 38.67 -34.87 -16.21
C GLN D 344 37.81 -36.13 -16.26
N GLY D 345 36.52 -35.95 -16.56
CA GLY D 345 35.60 -37.06 -16.64
C GLY D 345 35.20 -37.64 -15.30
N THR D 346 35.03 -36.82 -14.27
CA THR D 346 34.63 -37.32 -12.96
C THR D 346 33.11 -37.40 -12.88
N GLY D 347 32.63 -38.49 -12.31
CA GLY D 347 31.20 -38.68 -12.16
C GLY D 347 30.57 -37.62 -11.28
N ARG D 348 29.24 -37.55 -11.35
CA ARG D 348 28.52 -36.53 -10.61
C ARG D 348 28.28 -36.88 -9.15
N ASP D 349 27.94 -38.12 -8.84
CA ASP D 349 27.57 -38.47 -7.48
C ASP D 349 28.48 -39.55 -6.91
N ASN D 350 28.89 -39.37 -5.66
CA ASN D 350 29.58 -40.39 -4.87
C ASN D 350 30.80 -40.95 -5.60
N VAL D 351 31.65 -40.04 -6.05
CA VAL D 351 32.94 -40.40 -6.62
C VAL D 351 33.90 -40.67 -5.48
N ASP D 352 34.91 -41.49 -5.75
CA ASP D 352 35.88 -41.85 -4.74
C ASP D 352 36.83 -40.68 -4.47
N ALA D 353 37.77 -40.92 -3.56
CA ALA D 353 38.71 -39.86 -3.18
C ALA D 353 39.66 -39.51 -4.32
N ASP D 354 40.24 -40.52 -4.98
CA ASP D 354 41.22 -40.25 -6.03
C ASP D 354 40.58 -39.69 -7.29
N LYS D 355 39.26 -39.60 -7.36
CA LYS D 355 38.60 -38.98 -8.49
C LYS D 355 38.48 -37.47 -8.38
N VAL D 356 38.85 -36.87 -7.25
CA VAL D 356 38.74 -35.44 -7.06
C VAL D 356 40.10 -34.87 -6.68
N MET D 357 40.34 -33.64 -7.11
CA MET D 357 41.57 -32.92 -6.81
C MET D 357 41.29 -31.99 -5.65
N ILE D 358 41.92 -32.25 -4.51
CA ILE D 358 41.74 -31.45 -3.31
C ILE D 358 42.88 -30.45 -3.25
N THR D 359 42.55 -29.17 -3.31
CA THR D 359 43.57 -28.14 -3.15
C THR D 359 43.91 -27.96 -1.67
N ASN D 360 45.15 -27.56 -1.41
CA ASN D 360 45.58 -27.27 -0.06
C ASN D 360 46.06 -25.83 0.01
N GLU D 361 45.76 -25.18 1.13
CA GLU D 361 46.06 -23.77 1.36
C GLU D 361 47.38 -23.55 2.09
N GLU D 362 48.18 -24.60 2.28
CA GLU D 362 49.31 -24.53 3.20
C GLU D 362 50.25 -23.36 2.95
N GLU D 363 50.18 -22.71 1.78
CA GLU D 363 51.01 -21.54 1.55
C GLU D 363 50.79 -20.44 2.58
N ILE D 364 49.58 -20.32 3.11
CA ILE D 364 49.21 -19.19 3.96
C ILE D 364 49.39 -19.55 5.43
N LYS D 365 49.98 -20.72 5.70
CA LYS D 365 50.18 -21.15 7.08
C LYS D 365 51.02 -20.15 7.89
N THR D 366 51.78 -19.28 7.23
CA THR D 366 52.59 -18.32 7.96
C THR D 366 51.74 -17.31 8.71
N THR D 367 50.85 -16.61 8.02
CA THR D 367 50.05 -15.56 8.64
C THR D 367 48.64 -15.99 9.01
N ASN D 368 48.26 -17.24 8.79
CA ASN D 368 46.89 -17.61 9.08
C ASN D 368 46.82 -18.83 9.98
N PRO D 369 45.80 -18.93 10.82
CA PRO D 369 45.67 -20.10 11.68
C PRO D 369 45.36 -21.34 10.87
N VAL D 370 45.54 -22.50 11.50
CA VAL D 370 45.26 -23.76 10.84
C VAL D 370 43.76 -24.03 10.91
N ALA D 371 43.18 -24.46 9.80
CA ALA D 371 41.73 -24.60 9.72
C ALA D 371 41.21 -25.71 10.61
N THR D 372 42.07 -26.64 11.01
CA THR D 372 41.66 -27.74 11.88
C THR D 372 42.03 -27.51 13.33
N GLU D 373 42.60 -26.35 13.67
CA GLU D 373 43.11 -26.09 15.00
C GLU D 373 42.42 -24.90 15.62
N SER D 374 42.52 -24.81 16.94
CA SER D 374 41.95 -23.69 17.67
C SER D 374 42.84 -22.46 17.53
N TYR D 375 42.22 -21.29 17.64
CA TYR D 375 42.99 -20.06 17.49
C TYR D 375 43.97 -19.89 18.64
N GLY D 376 43.68 -20.48 19.79
CA GLY D 376 44.51 -20.27 20.96
C GLY D 376 43.73 -20.56 22.23
N GLN D 377 44.18 -19.94 23.32
CA GLN D 377 43.55 -20.14 24.62
C GLN D 377 43.17 -18.82 25.26
N VAL D 378 42.22 -18.88 26.19
CA VAL D 378 41.79 -17.77 27.02
C VAL D 378 41.51 -18.29 28.41
N ALA D 379 41.96 -17.53 29.41
CA ALA D 379 41.76 -17.91 30.80
C ALA D 379 40.28 -17.77 31.15
N THR D 380 39.72 -18.79 31.79
CA THR D 380 38.29 -18.80 32.08
C THR D 380 37.91 -18.43 33.50
N ASN D 381 38.86 -18.15 34.40
CA ASN D 381 38.46 -17.80 35.76
C ASN D 381 39.56 -16.99 36.42
N HIS D 382 39.29 -16.57 37.65
CA HIS D 382 40.23 -15.83 38.48
C HIS D 382 40.95 -16.78 39.41
N GLN D 383 42.26 -16.93 39.22
CA GLN D 383 43.03 -17.75 40.14
C GLN D 383 43.05 -17.09 41.52
N SER D 384 43.26 -17.91 42.53
CA SER D 384 43.45 -17.45 43.90
C SER D 384 43.96 -18.64 44.69
N ALA D 385 44.18 -18.43 45.99
CA ALA D 385 44.64 -19.54 46.82
C ALA D 385 43.61 -20.66 46.85
N GLN D 386 42.36 -20.38 46.51
CA GLN D 386 41.31 -21.40 46.51
C GLN D 386 41.02 -22.00 45.14
N ALA D 387 41.63 -21.51 44.07
CA ALA D 387 41.31 -22.00 42.74
C ALA D 387 42.54 -22.02 41.85
N GLN D 388 42.72 -23.09 41.08
CA GLN D 388 43.79 -23.14 40.12
C GLN D 388 43.43 -22.36 38.86
N ALA D 389 44.45 -21.79 38.24
CA ALA D 389 44.23 -21.05 37.00
C ALA D 389 43.70 -21.98 35.92
N GLN D 390 42.58 -21.61 35.33
CA GLN D 390 41.96 -22.40 34.29
C GLN D 390 42.07 -21.67 32.97
N THR D 391 42.10 -22.43 31.88
CA THR D 391 42.09 -21.89 30.53
C THR D 391 41.10 -22.69 29.69
N GLY D 392 40.82 -22.18 28.51
CA GLY D 392 39.91 -22.86 27.59
C GLY D 392 40.36 -22.63 26.17
N TRP D 393 39.73 -23.35 25.26
CA TRP D 393 40.09 -23.28 23.86
C TRP D 393 39.21 -22.29 23.13
N VAL D 394 39.80 -21.57 22.18
CA VAL D 394 39.06 -20.62 21.36
C VAL D 394 38.79 -21.29 20.03
N GLN D 395 37.53 -21.67 19.80
CA GLN D 395 37.21 -22.35 18.56
C GLN D 395 37.09 -21.37 17.40
N ASN D 396 36.38 -20.26 17.61
CA ASN D 396 36.25 -19.22 16.60
C ASN D 396 36.66 -17.89 17.18
N GLN D 397 37.27 -17.04 16.36
CA GLN D 397 37.70 -15.72 16.78
C GLN D 397 37.39 -14.73 15.68
N GLY D 398 36.63 -13.68 16.00
CA GLY D 398 36.39 -12.62 15.07
C GLY D 398 37.62 -11.78 14.84
N ILE D 399 37.45 -10.74 14.01
CA ILE D 399 38.55 -9.82 13.77
C ILE D 399 38.91 -9.13 15.08
N LEU D 400 40.21 -8.97 15.32
CA LEU D 400 40.72 -8.10 16.36
C LEU D 400 41.59 -7.02 15.74
N PRO D 401 41.79 -5.90 16.41
CA PRO D 401 42.79 -4.95 15.95
C PRO D 401 44.16 -5.60 15.92
N GLY D 402 44.89 -5.36 14.84
CA GLY D 402 46.23 -5.88 14.70
C GLY D 402 46.34 -7.21 14.01
N MET D 403 45.24 -7.81 13.58
CA MET D 403 45.32 -9.04 12.81
C MET D 403 45.74 -8.76 11.37
N VAL D 404 46.61 -9.62 10.86
CA VAL D 404 47.02 -9.58 9.46
C VAL D 404 46.82 -10.99 8.89
N TRP D 405 46.38 -11.05 7.64
CA TRP D 405 46.07 -12.34 7.06
C TRP D 405 46.20 -12.29 5.55
N GLN D 406 46.44 -13.45 4.96
CA GLN D 406 46.44 -13.65 3.52
C GLN D 406 45.06 -14.10 3.08
N ASP D 407 44.64 -13.65 1.90
CA ASP D 407 43.41 -14.16 1.34
C ASP D 407 43.68 -15.48 0.62
N ARG D 408 42.61 -16.10 0.12
CA ARG D 408 42.72 -17.39 -0.52
C ARG D 408 43.29 -17.25 -1.92
N ASP D 409 44.02 -18.26 -2.35
CA ASP D 409 44.67 -18.26 -3.65
C ASP D 409 43.65 -18.48 -4.76
N VAL D 410 44.03 -18.12 -5.97
CA VAL D 410 43.24 -18.42 -7.16
C VAL D 410 43.98 -19.47 -7.98
N TYR D 411 43.20 -20.30 -8.67
CA TYR D 411 43.74 -21.41 -9.42
C TYR D 411 43.35 -21.28 -10.89
N LEU D 412 44.03 -22.05 -11.73
CA LEU D 412 43.72 -22.05 -13.15
C LEU D 412 42.26 -22.36 -13.40
N GLN D 413 41.63 -23.15 -12.54
CA GLN D 413 40.21 -23.48 -12.65
C GLN D 413 39.32 -22.52 -11.86
N GLY D 414 39.89 -21.66 -11.02
CA GLY D 414 39.12 -20.90 -10.09
C GLY D 414 38.39 -19.73 -10.72
N PRO D 415 37.39 -19.19 -10.03
CA PRO D 415 36.63 -18.06 -10.57
C PRO D 415 37.45 -16.78 -10.48
N ILE D 416 37.28 -15.89 -11.46
CA ILE D 416 38.06 -14.66 -11.48
C ILE D 416 37.45 -13.61 -10.57
N TRP D 417 36.13 -13.44 -10.62
CA TRP D 417 35.50 -12.39 -9.83
C TRP D 417 34.19 -12.86 -9.25
N ALA D 418 33.66 -12.04 -8.36
CA ALA D 418 32.31 -12.21 -7.83
C ALA D 418 31.79 -10.83 -7.41
N LYS D 419 30.48 -10.70 -7.37
CA LYS D 419 29.84 -9.43 -7.08
C LYS D 419 29.64 -9.25 -5.59
N ILE D 420 29.98 -8.08 -5.08
CA ILE D 420 29.75 -7.76 -3.68
C ILE D 420 28.26 -7.51 -3.47
N PRO D 421 27.55 -8.33 -2.70
CA PRO D 421 26.13 -8.08 -2.48
C PRO D 421 25.91 -6.68 -1.97
N HIS D 422 24.95 -5.99 -2.56
CA HIS D 422 24.76 -4.59 -2.21
C HIS D 422 24.10 -4.53 -0.84
N THR D 423 24.80 -3.94 0.13
CA THR D 423 24.31 -3.87 1.49
C THR D 423 24.77 -2.56 2.13
N ASP D 424 24.39 -2.36 3.39
CA ASP D 424 24.87 -1.21 4.14
C ASP D 424 26.28 -1.43 4.65
N GLY D 425 26.70 -2.67 4.75
CA GLY D 425 28.01 -2.94 5.31
C GLY D 425 28.62 -4.22 4.80
N ASN D 426 29.95 -4.25 4.85
CA ASN D 426 30.74 -5.40 4.49
C ASN D 426 32.11 -5.23 5.13
N PHE D 427 32.85 -6.32 5.25
CA PHE D 427 34.21 -6.24 5.75
C PHE D 427 35.13 -7.07 4.87
N HIS D 428 36.15 -6.42 4.31
CA HIS D 428 37.13 -7.02 3.44
C HIS D 428 36.39 -7.82 2.37
N PRO D 429 35.76 -7.16 1.43
CA PRO D 429 34.78 -7.82 0.56
C PRO D 429 35.34 -8.91 -0.34
N SER D 430 36.66 -9.01 -0.47
CA SER D 430 37.26 -9.99 -1.36
C SER D 430 36.68 -11.38 -1.09
N PRO D 431 36.18 -12.07 -2.10
CA PRO D 431 35.31 -13.23 -1.85
C PRO D 431 36.06 -14.38 -1.23
N LEU D 432 35.28 -15.31 -0.66
CA LEU D 432 35.88 -16.42 0.06
C LEU D 432 36.32 -17.56 -0.84
N MET D 433 35.80 -17.64 -2.06
CA MET D 433 36.31 -18.64 -2.99
C MET D 433 37.46 -18.12 -3.82
N GLY D 434 37.92 -16.91 -3.57
CA GLY D 434 39.04 -16.35 -4.29
C GLY D 434 38.57 -15.47 -5.45
N GLY D 435 39.52 -14.72 -5.98
CA GLY D 435 39.22 -13.79 -7.03
C GLY D 435 39.08 -12.36 -6.52
N PHE D 436 38.45 -11.54 -7.35
CA PHE D 436 38.34 -10.11 -7.10
C PHE D 436 36.89 -9.76 -6.84
N GLY D 437 36.57 -9.44 -5.58
CA GLY D 437 35.24 -8.97 -5.26
C GLY D 437 35.04 -7.54 -5.75
N MET D 438 33.93 -7.32 -6.44
CA MET D 438 33.70 -6.06 -7.11
C MET D 438 32.25 -5.63 -6.92
N LYS D 439 32.03 -4.33 -6.72
CA LYS D 439 30.68 -3.82 -6.60
C LYS D 439 30.01 -3.68 -7.95
N HIS D 440 30.78 -3.49 -9.01
CA HIS D 440 30.27 -3.49 -10.38
C HIS D 440 31.13 -4.44 -11.19
N PRO D 441 30.87 -5.74 -11.11
CA PRO D 441 31.62 -6.69 -11.90
C PRO D 441 31.25 -6.53 -13.36
N PRO D 442 31.89 -7.27 -14.26
CA PRO D 442 31.44 -7.29 -15.65
C PRO D 442 29.98 -7.68 -15.73
N PRO D 443 29.22 -7.05 -16.61
CA PRO D 443 27.78 -7.29 -16.65
C PRO D 443 27.45 -8.68 -17.17
N GLN D 444 26.22 -9.09 -16.91
CA GLN D 444 25.71 -10.32 -17.51
C GLN D 444 25.23 -10.05 -18.93
N ILE D 445 25.63 -10.95 -19.83
CA ILE D 445 25.25 -10.85 -21.24
C ILE D 445 24.21 -11.92 -21.49
N LEU D 446 22.96 -11.51 -21.67
CA LEU D 446 21.87 -12.45 -21.84
C LEU D 446 21.52 -12.54 -23.32
N ILE D 447 21.12 -13.74 -23.75
CA ILE D 447 20.90 -13.99 -25.17
C ILE D 447 19.81 -15.05 -25.31
N LYS D 448 19.04 -14.96 -26.40
CA LYS D 448 18.05 -15.98 -26.71
C LYS D 448 17.74 -15.96 -28.19
N ASN D 449 17.09 -17.02 -28.65
CA ASN D 449 16.60 -17.11 -30.01
C ASN D 449 15.19 -16.53 -30.11
N THR D 450 15.03 -15.45 -30.87
CA THR D 450 13.73 -14.84 -31.01
C THR D 450 12.73 -15.87 -31.54
N PRO D 451 11.65 -16.15 -30.81
CA PRO D 451 10.76 -17.24 -31.21
C PRO D 451 10.08 -16.93 -32.53
N VAL D 452 10.13 -17.89 -33.44
CA VAL D 452 9.43 -17.79 -34.71
C VAL D 452 8.33 -18.85 -34.68
N PRO D 453 7.07 -18.46 -34.55
CA PRO D 453 6.02 -19.46 -34.34
C PRO D 453 5.81 -20.32 -35.56
N ALA D 454 5.17 -21.46 -35.35
CA ALA D 454 4.67 -22.23 -36.47
C ALA D 454 3.47 -21.50 -37.08
N ASP D 455 2.84 -22.13 -38.06
CA ASP D 455 1.76 -21.47 -38.77
C ASP D 455 0.59 -21.17 -37.83
N PRO D 456 0.09 -19.96 -37.80
CA PRO D 456 -1.05 -19.64 -36.96
C PRO D 456 -2.33 -20.13 -37.61
N PRO D 457 -3.39 -20.33 -36.83
CA PRO D 457 -4.67 -20.74 -37.43
C PRO D 457 -5.23 -19.65 -38.31
N THR D 458 -6.22 -20.03 -39.12
CA THR D 458 -6.87 -19.09 -40.02
C THR D 458 -8.01 -18.32 -39.36
N ALA D 459 -8.27 -18.55 -38.08
CA ALA D 459 -9.25 -17.81 -37.30
C ALA D 459 -8.62 -17.34 -36.00
N PHE D 460 -8.89 -16.09 -35.64
CA PHE D 460 -8.27 -15.50 -34.46
C PHE D 460 -8.61 -16.29 -33.21
N ASN D 461 -7.58 -16.60 -32.43
CA ASN D 461 -7.74 -17.23 -31.13
C ASN D 461 -6.89 -16.47 -30.14
N LYS D 462 -7.53 -15.84 -29.15
CA LYS D 462 -6.84 -14.85 -28.33
C LYS D 462 -5.66 -15.47 -27.59
N ASP D 463 -5.67 -16.79 -27.43
CA ASP D 463 -4.61 -17.45 -26.69
C ASP D 463 -3.27 -17.18 -27.35
N LYS D 464 -2.21 -17.13 -26.55
CA LYS D 464 -0.89 -16.95 -27.12
C LYS D 464 -0.50 -18.18 -27.93
N LEU D 465 0.36 -17.98 -28.92
CA LEU D 465 0.74 -19.08 -29.79
C LEU D 465 1.68 -20.02 -29.06
N ASN D 466 1.28 -21.28 -28.94
CA ASN D 466 2.06 -22.30 -28.25
C ASN D 466 2.86 -23.20 -29.19
N SER D 467 2.78 -22.98 -30.50
CA SER D 467 3.44 -23.84 -31.47
C SER D 467 4.54 -23.07 -32.17
N PHE D 468 5.79 -23.44 -31.91
CA PHE D 468 6.94 -22.72 -32.44
C PHE D 468 7.81 -23.65 -33.28
N ILE D 469 8.50 -23.06 -34.25
CA ILE D 469 9.42 -23.80 -35.10
C ILE D 469 10.64 -24.20 -34.28
N THR D 470 10.98 -25.49 -34.28
CA THR D 470 12.18 -25.95 -33.60
C THR D 470 13.40 -25.27 -34.19
N GLN D 471 14.19 -24.63 -33.34
CA GLN D 471 15.23 -23.76 -33.84
C GLN D 471 16.35 -23.63 -32.83
N TYR D 472 17.57 -23.47 -33.33
CA TYR D 472 18.71 -23.14 -32.47
C TYR D 472 19.71 -22.34 -33.31
N SER D 473 20.64 -21.68 -32.63
CA SER D 473 21.58 -20.80 -33.31
C SER D 473 22.98 -20.98 -32.74
N THR D 474 23.98 -20.68 -33.56
CA THR D 474 25.38 -20.85 -33.21
C THR D 474 26.20 -19.68 -33.74
N GLY D 475 27.45 -19.59 -33.32
CA GLY D 475 28.29 -18.49 -33.73
C GLY D 475 29.58 -18.45 -32.94
N GLN D 476 30.18 -17.26 -32.85
CA GLN D 476 31.47 -17.10 -32.21
C GLN D 476 31.35 -16.13 -31.05
N VAL D 477 32.36 -16.12 -30.18
CA VAL D 477 32.36 -15.18 -29.07
C VAL D 477 33.44 -14.11 -29.25
N TYR E 224 45.64 11.86 25.37
CA TYR E 224 44.62 12.30 26.32
C TYR E 224 43.92 11.13 26.99
N ALA E 225 42.99 11.45 27.88
CA ALA E 225 42.15 10.48 28.56
C ALA E 225 40.75 11.04 28.72
N HIS E 226 39.76 10.21 28.43
CA HIS E 226 38.38 10.67 28.36
C HIS E 226 37.87 11.08 29.73
N SER E 227 37.02 12.10 29.73
CA SER E 227 36.37 12.57 30.95
C SER E 227 34.98 11.97 31.14
N GLN E 228 34.52 11.15 30.19
CA GLN E 228 33.27 10.43 30.31
C GLN E 228 33.52 8.97 30.04
N SER E 229 32.54 8.14 30.37
CA SER E 229 32.60 6.71 30.14
C SER E 229 31.55 6.33 29.11
N LEU E 230 31.80 5.22 28.42
CA LEU E 230 31.02 4.87 27.23
C LEU E 230 29.55 4.67 27.56
N ASP E 231 29.24 4.19 28.76
CA ASP E 231 27.88 3.91 29.15
C ASP E 231 27.17 5.10 29.77
N ARG E 232 27.89 6.13 30.19
CA ARG E 232 27.32 7.30 30.85
C ARG E 232 27.10 8.49 29.93
N LEU E 233 27.25 8.33 28.61
CA LEU E 233 27.09 9.44 27.68
C LEU E 233 25.72 10.11 27.74
N MET E 234 24.76 9.53 28.45
CA MET E 234 23.39 10.01 28.53
C MET E 234 23.29 11.33 29.29
N ASN E 235 22.15 11.99 29.11
CA ASN E 235 21.75 13.10 29.98
C ASN E 235 21.11 12.53 31.24
N PRO E 236 21.62 12.85 32.43
CA PRO E 236 21.04 12.28 33.65
C PRO E 236 19.67 12.82 34.01
N LEU E 237 19.20 13.89 33.39
CA LEU E 237 18.01 14.57 33.89
C LEU E 237 16.73 14.22 33.13
N ILE E 238 16.78 13.43 32.08
CA ILE E 238 15.63 13.21 31.22
C ILE E 238 15.42 11.72 31.03
N ASP E 239 14.15 11.32 30.88
CA ASP E 239 13.81 9.97 30.46
C ASP E 239 14.05 9.80 28.97
N GLN E 240 14.41 8.58 28.57
CA GLN E 240 14.35 8.19 27.17
C GLN E 240 12.92 7.80 26.82
N TYR E 241 12.58 7.91 25.55
CA TYR E 241 11.25 7.49 25.12
C TYR E 241 11.20 6.00 24.88
N LEU E 242 12.32 5.32 24.97
CA LEU E 242 12.36 3.88 24.79
C LEU E 242 11.97 3.17 26.08
N TYR E 243 11.48 1.94 25.93
CA TYR E 243 11.03 1.09 27.03
C TYR E 243 11.90 -0.15 27.09
N TYR E 244 11.89 -0.78 28.27
CA TYR E 244 12.57 -2.06 28.45
C TYR E 244 11.64 -2.98 29.21
N LEU E 245 12.00 -4.26 29.29
CA LEU E 245 11.16 -5.23 29.98
C LEU E 245 11.60 -5.30 31.43
N SER E 246 10.79 -4.74 32.31
CA SER E 246 11.18 -4.66 33.72
C SER E 246 10.81 -5.92 34.48
N LYS E 247 9.61 -6.44 34.27
CA LYS E 247 9.05 -7.46 35.15
C LYS E 247 8.39 -8.56 34.35
N THR E 248 8.88 -9.79 34.50
CA THR E 248 8.35 -10.92 33.76
C THR E 248 7.37 -11.79 34.54
N ILE E 249 7.13 -11.51 35.82
CA ILE E 249 6.12 -12.26 36.59
C ILE E 249 5.44 -11.30 37.56
N ASN E 250 4.16 -11.53 37.83
CA ASN E 250 3.48 -10.74 38.83
C ASN E 250 4.10 -10.90 40.21
N GLY E 251 4.16 -12.14 40.70
CA GLY E 251 4.75 -12.39 41.99
C GLY E 251 4.97 -13.87 42.19
N SER E 252 5.46 -14.22 43.38
CA SER E 252 5.71 -15.61 43.69
C SER E 252 4.41 -16.40 43.62
N GLY E 253 4.48 -17.58 43.01
CA GLY E 253 3.32 -18.41 42.81
C GLY E 253 3.55 -19.36 41.66
N GLN E 254 2.46 -19.80 41.07
CA GLN E 254 2.49 -20.70 39.93
C GLN E 254 1.60 -20.14 38.82
N ASN E 255 2.09 -20.22 37.58
CA ASN E 255 1.40 -19.68 36.42
C ASN E 255 1.20 -18.16 36.55
N GLN E 256 2.28 -17.49 36.96
CA GLN E 256 2.27 -16.05 37.17
C GLN E 256 2.82 -15.25 36.00
N GLN E 257 3.13 -15.89 34.87
CA GLN E 257 3.81 -15.20 33.78
C GLN E 257 3.06 -13.94 33.37
N THR E 258 3.82 -12.86 33.13
CA THR E 258 3.27 -11.61 32.64
C THR E 258 4.40 -10.81 31.99
N LEU E 259 4.01 -9.80 31.24
CA LEU E 259 4.95 -8.85 30.65
C LEU E 259 4.60 -7.44 31.09
N LYS E 260 5.57 -6.77 31.69
CA LYS E 260 5.42 -5.39 32.14
C LYS E 260 6.63 -4.62 31.67
N PHE E 261 6.41 -3.46 31.06
CA PHE E 261 7.50 -2.67 30.51
C PHE E 261 7.61 -1.36 31.29
N SER E 262 8.79 -0.77 31.29
CA SER E 262 9.05 0.44 32.04
C SER E 262 9.79 1.43 31.17
N VAL E 263 9.85 2.69 31.61
CA VAL E 263 10.60 3.68 30.86
C VAL E 263 12.04 3.68 31.32
N ALA E 264 12.96 3.49 30.38
CA ALA E 264 14.38 3.59 30.71
C ALA E 264 14.72 5.04 31.01
N GLY E 265 15.24 5.29 32.21
CA GLY E 265 15.42 6.65 32.66
C GLY E 265 16.54 6.83 33.66
N PRO E 266 16.68 8.05 34.16
CA PRO E 266 17.75 8.35 35.12
C PRO E 266 17.77 7.43 36.33
N SER E 267 16.61 6.94 36.75
CA SER E 267 16.58 6.03 37.89
C SER E 267 17.37 4.77 37.60
N ASN E 268 17.06 4.08 36.52
CA ASN E 268 17.79 2.87 36.13
C ASN E 268 18.51 3.18 34.83
N MET E 269 19.82 3.44 34.92
CA MET E 269 20.60 3.78 33.74
C MET E 269 21.13 2.55 33.03
N ALA E 270 21.34 1.46 33.76
CA ALA E 270 21.99 0.29 33.17
C ALA E 270 21.19 -0.26 31.99
N VAL E 271 19.88 -0.03 31.98
CA VAL E 271 19.04 -0.71 31.01
C VAL E 271 18.76 0.17 29.81
N GLN E 272 19.33 1.38 29.78
CA GLN E 272 19.03 2.29 28.68
C GLN E 272 19.66 1.83 27.38
N GLY E 273 19.01 2.16 26.28
CA GLY E 273 19.55 1.81 24.97
C GLY E 273 20.71 2.73 24.61
N ARG E 274 21.74 2.14 24.02
CA ARG E 274 22.97 2.84 23.73
C ARG E 274 23.39 2.62 22.28
N ASN E 275 23.96 3.66 21.69
CA ASN E 275 24.36 3.63 20.30
C ASN E 275 25.72 2.99 20.09
N TYR E 276 26.55 2.89 21.13
CA TYR E 276 27.89 2.38 20.95
C TYR E 276 28.27 1.52 22.15
N ILE E 277 29.16 0.56 21.90
CA ILE E 277 29.51 -0.49 22.86
C ILE E 277 31.02 -0.60 22.91
N PRO E 278 31.58 -1.11 24.00
CA PRO E 278 33.02 -1.08 24.18
C PRO E 278 33.75 -2.02 23.23
N GLY E 279 35.06 -1.82 23.11
CA GLY E 279 35.88 -2.53 22.16
C GLY E 279 36.02 -4.01 22.45
N PRO E 280 36.79 -4.70 21.60
CA PRO E 280 36.95 -6.14 21.75
C PRO E 280 37.84 -6.52 22.91
N SER E 281 37.74 -7.79 23.32
CA SER E 281 38.49 -8.28 24.47
C SER E 281 38.92 -9.72 24.25
N TYR E 282 40.14 -10.01 24.70
CA TYR E 282 40.67 -11.38 24.71
C TYR E 282 41.25 -11.58 26.12
N ARG E 283 40.61 -12.41 26.94
CA ARG E 283 40.83 -12.32 28.39
C ARG E 283 42.26 -12.73 28.76
N GLN E 284 42.72 -12.23 29.90
CA GLN E 284 44.02 -12.54 30.49
C GLN E 284 43.82 -13.16 31.86
N GLN E 285 44.88 -13.78 32.38
CA GLN E 285 44.85 -14.27 33.74
C GLN E 285 45.24 -13.15 34.70
N ARG E 286 44.62 -13.15 35.88
CA ARG E 286 44.74 -12.05 36.82
C ARG E 286 45.73 -12.40 37.93
N VAL E 287 46.88 -11.76 37.92
CA VAL E 287 47.95 -12.04 38.87
C VAL E 287 47.99 -10.92 39.90
N SER E 288 47.84 -11.29 41.16
CA SER E 288 47.88 -10.34 42.26
C SER E 288 49.32 -10.07 42.66
N THR E 289 49.63 -8.80 42.90
CA THR E 289 50.98 -8.42 43.32
C THR E 289 51.29 -8.84 44.74
N THR E 290 50.29 -9.17 45.54
CA THR E 290 50.50 -9.75 46.87
C THR E 290 50.54 -11.26 46.69
N VAL E 291 51.70 -11.86 46.95
CA VAL E 291 51.96 -13.22 46.50
C VAL E 291 51.04 -14.23 47.19
N THR E 292 50.57 -13.91 48.39
CA THR E 292 49.71 -14.86 49.10
C THR E 292 48.36 -15.04 48.41
N GLN E 293 47.90 -13.98 47.76
CA GLN E 293 46.62 -14.04 47.05
C GLN E 293 46.68 -15.05 45.90
N ASN E 294 47.82 -15.09 45.21
CA ASN E 294 48.01 -16.01 44.09
C ASN E 294 47.97 -17.45 44.54
N ASN E 295 47.44 -18.31 43.68
CA ASN E 295 47.34 -19.75 43.97
C ASN E 295 48.74 -20.35 44.09
N ASN E 296 48.90 -21.31 44.98
CA ASN E 296 50.19 -21.94 45.19
C ASN E 296 50.44 -23.07 44.19
N SER E 297 50.72 -22.69 42.95
CA SER E 297 51.01 -23.63 41.87
C SER E 297 51.72 -22.89 40.74
N GLU E 298 52.18 -23.64 39.75
CA GLU E 298 52.89 -23.06 38.62
C GLU E 298 51.95 -22.74 37.46
N PHE E 299 51.29 -21.59 37.54
CA PHE E 299 50.34 -21.17 36.51
C PHE E 299 50.95 -20.15 35.57
N ALA E 300 52.26 -19.94 35.65
CA ALA E 300 52.92 -18.95 34.80
C ALA E 300 52.80 -19.24 33.31
N TRP E 301 52.98 -20.50 32.92
CA TRP E 301 52.89 -20.86 31.50
C TRP E 301 51.55 -21.49 31.10
N PRO E 302 51.07 -22.45 31.91
CA PRO E 302 49.80 -23.10 31.59
C PRO E 302 48.64 -22.12 31.63
N GLY E 303 48.67 -21.24 32.62
CA GLY E 303 47.65 -20.22 32.80
C GLY E 303 47.51 -19.17 31.72
N ALA E 304 48.63 -18.74 31.17
CA ALA E 304 48.65 -17.67 30.18
C ALA E 304 47.88 -17.93 28.89
N SER E 305 47.23 -16.89 28.40
CA SER E 305 46.46 -16.95 27.16
C SER E 305 47.36 -16.67 25.97
N SER E 306 47.33 -17.57 24.99
CA SER E 306 48.18 -17.43 23.82
C SER E 306 47.51 -17.83 22.52
N TRP E 307 48.15 -17.47 21.42
CA TRP E 307 47.67 -17.78 20.09
C TRP E 307 48.63 -18.76 19.44
N ALA E 308 48.08 -19.84 18.91
CA ALA E 308 48.86 -20.91 18.31
C ALA E 308 48.89 -20.74 16.79
N LEU E 309 50.09 -20.82 16.22
CA LEU E 309 50.27 -20.63 14.79
C LEU E 309 51.16 -21.74 14.28
N ASN E 310 50.69 -22.44 13.24
CA ASN E 310 51.45 -23.50 12.59
C ASN E 310 51.83 -24.60 13.58
N GLY E 311 50.98 -24.80 14.59
CA GLY E 311 51.25 -25.75 15.64
C GLY E 311 52.22 -25.27 16.69
N ARG E 312 52.69 -24.04 16.60
CA ARG E 312 53.58 -23.46 17.60
C ARG E 312 52.82 -22.47 18.46
N ASN E 313 52.61 -22.82 19.73
CA ASN E 313 51.94 -21.95 20.68
C ASN E 313 52.80 -20.72 20.94
N SER E 314 52.21 -19.54 20.77
CA SER E 314 52.90 -18.29 21.00
C SER E 314 52.09 -17.47 21.99
N LEU E 315 52.76 -17.04 23.07
CA LEU E 315 52.09 -16.31 24.12
C LEU E 315 51.44 -15.05 23.57
N MET E 316 50.32 -14.66 24.16
CA MET E 316 49.59 -13.47 23.71
C MET E 316 50.18 -12.29 24.45
N ASN E 317 50.97 -11.48 23.75
CA ASN E 317 51.66 -10.38 24.38
C ASN E 317 51.75 -9.22 23.39
N PRO E 318 51.53 -7.99 23.86
CA PRO E 318 50.85 -7.67 25.12
C PRO E 318 49.36 -7.99 25.04
N GLY E 319 48.84 -8.15 23.84
CA GLY E 319 47.44 -8.41 23.64
C GLY E 319 46.72 -7.15 23.19
N PRO E 320 45.43 -7.26 22.85
CA PRO E 320 44.67 -6.07 22.50
C PRO E 320 44.69 -5.07 23.64
N ALA E 321 44.52 -3.81 23.31
CA ALA E 321 44.52 -2.76 24.32
C ALA E 321 43.27 -2.93 25.19
N MET E 322 43.47 -3.11 26.48
CA MET E 322 42.39 -3.28 27.43
C MET E 322 42.82 -2.72 28.78
N ALA E 323 41.85 -2.25 29.55
CA ALA E 323 42.16 -1.76 30.89
C ALA E 323 42.74 -2.90 31.74
N SER E 324 43.68 -2.56 32.61
CA SER E 324 44.36 -3.59 33.38
C SER E 324 43.50 -4.10 34.52
N HIS E 325 42.64 -3.24 35.08
CA HIS E 325 41.90 -3.61 36.27
C HIS E 325 40.67 -2.72 36.39
N LYS E 326 39.71 -3.20 37.17
CA LYS E 326 38.55 -2.38 37.48
C LYS E 326 38.97 -1.21 38.35
N GLU E 327 38.11 -0.20 38.41
CA GLU E 327 38.37 0.92 39.30
C GLU E 327 38.50 0.42 40.74
N GLY E 328 39.59 0.79 41.39
CA GLY E 328 39.80 0.51 42.79
C GLY E 328 40.75 -0.61 43.09
N GLU E 329 41.08 -1.45 42.12
CA GLU E 329 41.96 -2.60 42.36
C GLU E 329 43.29 -2.29 41.67
N ASP E 330 44.29 -1.93 42.45
CA ASP E 330 45.61 -1.62 41.92
C ASP E 330 46.60 -2.76 42.06
N ARG E 331 46.23 -3.83 42.75
CA ARG E 331 47.16 -4.92 43.01
C ARG E 331 47.01 -6.07 42.02
N PHE E 332 46.11 -5.95 41.05
CA PHE E 332 45.91 -6.98 40.05
C PHE E 332 46.35 -6.46 38.69
N PHE E 333 47.16 -7.26 38.00
CA PHE E 333 47.56 -6.94 36.64
C PHE E 333 47.36 -8.17 35.77
N PRO E 334 46.94 -7.98 34.52
CA PRO E 334 46.84 -9.12 33.61
C PRO E 334 48.22 -9.71 33.37
N LEU E 335 48.26 -11.04 33.35
CA LEU E 335 49.52 -11.77 33.32
C LEU E 335 50.41 -11.27 32.20
N SER E 336 49.97 -11.46 30.95
CA SER E 336 50.74 -11.04 29.78
C SER E 336 50.30 -9.69 29.24
N GLY E 337 49.40 -8.99 29.91
CA GLY E 337 48.83 -7.79 29.33
C GLY E 337 49.54 -6.49 29.65
N SER E 338 50.82 -6.54 30.01
CA SER E 338 51.53 -5.33 30.38
C SER E 338 52.71 -5.04 29.46
N ASN E 360 50.41 0.87 34.19
CA ASN E 360 49.14 0.23 33.94
C ASN E 360 48.31 1.04 32.95
N GLU E 361 47.31 0.39 32.37
CA GLU E 361 46.51 0.95 31.29
C GLU E 361 45.21 1.61 31.75
N GLU E 362 45.01 1.79 33.06
CA GLU E 362 43.70 2.16 33.59
C GLU E 362 43.06 3.36 32.89
N GLU E 363 43.86 4.21 32.24
CA GLU E 363 43.30 5.42 31.65
C GLU E 363 42.25 5.11 30.58
N ILE E 364 42.35 3.96 29.93
CA ILE E 364 41.50 3.63 28.80
C ILE E 364 40.28 2.83 29.26
N LYS E 365 40.13 2.67 30.57
CA LYS E 365 39.05 1.84 31.09
C LYS E 365 37.67 2.36 30.72
N THR E 366 37.56 3.61 30.25
CA THR E 366 36.26 4.18 29.93
C THR E 366 35.58 3.42 28.80
N THR E 367 36.22 3.36 27.64
CA THR E 367 35.65 2.68 26.48
C THR E 367 36.17 1.27 26.26
N ASN E 368 37.17 0.82 27.01
CA ASN E 368 37.79 -0.47 26.80
C ASN E 368 37.46 -1.43 27.93
N PRO E 369 37.02 -2.65 27.63
CA PRO E 369 36.76 -3.62 28.68
C PRO E 369 38.02 -3.92 29.48
N VAL E 370 37.83 -4.42 30.71
CA VAL E 370 38.98 -4.77 31.54
C VAL E 370 39.59 -6.04 31.00
N ALA E 371 40.91 -6.15 31.07
CA ALA E 371 41.61 -7.28 30.46
C ALA E 371 41.33 -8.58 31.19
N THR E 372 41.17 -8.53 32.50
CA THR E 372 41.00 -9.73 33.31
C THR E 372 39.54 -10.08 33.56
N GLU E 373 38.60 -9.37 32.95
CA GLU E 373 37.18 -9.60 33.16
C GLU E 373 36.53 -10.06 31.86
N SER E 374 35.40 -10.75 32.00
CA SER E 374 34.65 -11.17 30.83
C SER E 374 34.12 -9.96 30.09
N TYR E 375 33.86 -10.12 28.79
CA TYR E 375 33.31 -9.03 28.01
C TYR E 375 31.84 -8.83 28.34
N GLY E 376 31.18 -9.86 28.85
CA GLY E 376 29.75 -9.76 29.09
C GLY E 376 29.16 -11.12 29.33
N GLN E 377 27.88 -11.22 29.02
CA GLN E 377 27.17 -12.50 29.02
C GLN E 377 26.35 -12.62 27.75
N VAL E 378 25.98 -13.84 27.40
CA VAL E 378 25.17 -14.14 26.23
C VAL E 378 24.20 -15.26 26.59
N ALA E 379 22.99 -15.18 26.06
CA ALA E 379 22.00 -16.22 26.32
C ALA E 379 22.39 -17.50 25.61
N THR E 380 22.48 -18.60 26.35
CA THR E 380 22.85 -19.86 25.74
C THR E 380 21.67 -20.58 25.11
N ASN E 381 20.52 -20.59 25.77
CA ASN E 381 19.40 -21.40 25.32
C ASN E 381 18.13 -20.57 25.24
N HIS E 382 17.14 -21.13 24.56
CA HIS E 382 15.80 -20.58 24.59
C HIS E 382 15.18 -20.82 25.94
N GLN E 383 14.12 -20.10 26.25
CA GLN E 383 13.33 -20.32 27.44
C GLN E 383 11.99 -20.89 27.04
N SER E 384 11.38 -21.65 27.95
CA SER E 384 10.03 -22.14 27.79
C SER E 384 9.51 -22.46 29.18
N ALA E 385 8.30 -23.01 29.26
CA ALA E 385 7.75 -23.36 30.56
C ALA E 385 8.61 -24.41 31.25
N GLN E 386 9.28 -25.27 30.47
CA GLN E 386 10.11 -26.30 31.05
C GLN E 386 11.50 -25.79 31.43
N ALA E 387 12.11 -24.98 30.58
CA ALA E 387 13.53 -24.64 30.68
C ALA E 387 13.71 -23.23 31.20
N GLN E 388 14.73 -23.04 32.03
CA GLN E 388 15.06 -21.72 32.53
C GLN E 388 15.88 -20.93 31.52
N ALA E 389 15.81 -19.60 31.63
CA ALA E 389 16.66 -18.76 30.83
C ALA E 389 18.09 -18.82 31.35
N GLN E 390 19.04 -19.11 30.46
CA GLN E 390 20.42 -19.29 30.83
C GLN E 390 21.27 -18.24 30.13
N THR E 391 22.44 -17.94 30.69
CA THR E 391 23.39 -17.02 30.10
C THR E 391 24.79 -17.54 30.31
N GLY E 392 25.58 -17.58 29.24
CA GLY E 392 26.98 -17.98 29.31
C GLY E 392 27.87 -16.76 29.33
N TRP E 393 29.10 -16.96 29.80
CA TRP E 393 30.09 -15.89 29.79
C TRP E 393 30.72 -15.74 28.41
N VAL E 394 31.28 -14.57 28.15
CA VAL E 394 32.00 -14.30 26.91
C VAL E 394 33.46 -14.10 27.26
N GLN E 395 34.30 -15.06 26.90
CA GLN E 395 35.71 -14.96 27.25
C GLN E 395 36.46 -14.10 26.23
N ASN E 396 36.09 -14.19 24.96
CA ASN E 396 36.64 -13.32 23.93
C ASN E 396 35.53 -12.84 23.02
N GLN E 397 35.65 -11.61 22.54
CA GLN E 397 34.72 -11.03 21.60
C GLN E 397 35.49 -10.26 20.55
N GLY E 398 35.29 -10.60 19.28
CA GLY E 398 35.90 -9.86 18.20
C GLY E 398 35.14 -8.59 17.90
N ILE E 399 35.54 -7.94 16.80
CA ILE E 399 34.90 -6.70 16.43
C ILE E 399 33.43 -6.93 16.09
N LEU E 400 32.58 -6.02 16.53
CA LEU E 400 31.19 -5.91 16.14
C LEU E 400 30.96 -4.51 15.61
N PRO E 401 29.91 -4.30 14.82
CA PRO E 401 29.60 -2.94 14.37
C PRO E 401 29.16 -2.09 15.56
N GLY E 402 29.75 -0.91 15.67
CA GLY E 402 29.41 0.01 16.74
C GLY E 402 30.42 0.07 17.86
N MET E 403 31.40 -0.81 17.90
CA MET E 403 32.41 -0.77 18.94
C MET E 403 33.33 0.42 18.74
N VAL E 404 33.68 1.06 19.84
CA VAL E 404 34.76 2.03 19.88
C VAL E 404 35.77 1.55 20.90
N TRP E 405 37.01 1.96 20.73
CA TRP E 405 38.07 1.52 21.64
C TRP E 405 39.22 2.50 21.57
N GLN E 406 40.03 2.50 22.62
CA GLN E 406 41.26 3.25 22.67
C GLN E 406 42.46 2.32 22.53
N ASP E 407 43.44 2.74 21.73
CA ASP E 407 44.65 1.96 21.63
C ASP E 407 45.49 2.14 22.89
N ARG E 408 46.62 1.46 22.95
CA ARG E 408 47.42 1.42 24.16
C ARG E 408 48.12 2.75 24.41
N THR E 423 50.64 -7.57 3.60
CA THR E 423 49.83 -8.75 3.29
C THR E 423 48.60 -8.40 2.48
N ASP E 424 47.61 -9.29 2.49
CA ASP E 424 46.38 -9.03 1.76
C ASP E 424 45.47 -8.08 2.53
N GLY E 425 45.35 -8.28 3.83
CA GLY E 425 44.44 -7.47 4.61
C GLY E 425 44.91 -7.32 6.03
N ASN E 426 44.39 -6.29 6.68
CA ASN E 426 44.62 -6.04 8.09
C ASN E 426 43.50 -5.15 8.60
N PHE E 427 43.30 -5.17 9.91
CA PHE E 427 42.28 -4.32 10.51
C PHE E 427 42.90 -3.48 11.60
N HIS E 428 42.78 -2.17 11.47
CA HIS E 428 43.31 -1.20 12.41
C HIS E 428 44.77 -1.53 12.66
N PRO E 429 45.63 -1.27 11.69
CA PRO E 429 47.02 -1.73 11.74
C PRO E 429 47.83 -1.23 12.92
N SER E 430 47.32 -0.24 13.65
CA SER E 430 48.08 0.37 14.73
C SER E 430 48.64 -0.71 15.66
N PRO E 431 49.96 -0.75 15.86
CA PRO E 431 50.57 -1.94 16.45
C PRO E 431 50.28 -2.06 17.94
N LEU E 432 50.52 -3.25 18.46
CA LEU E 432 50.35 -3.52 19.87
C LEU E 432 51.68 -3.30 20.59
N GLY F 20 7.60 45.28 19.35
CA GLY F 20 6.34 45.74 18.81
C GLY F 20 6.17 45.49 17.31
N SER F 21 7.16 44.84 16.71
CA SER F 21 7.11 44.46 15.30
C SER F 21 7.70 43.06 15.15
N SER F 22 6.96 42.20 14.47
CA SER F 22 7.29 40.78 14.42
C SER F 22 8.68 40.55 13.86
N SER F 23 9.41 39.61 14.47
CA SER F 23 10.78 39.29 14.07
C SER F 23 10.87 38.09 13.14
N GLY F 24 9.74 37.49 12.75
CA GLY F 24 9.78 36.37 11.84
C GLY F 24 8.38 35.96 11.45
N ASN F 25 8.31 35.03 10.50
CA ASN F 25 7.04 34.50 10.04
C ASN F 25 6.92 33.03 10.43
N TRP F 26 5.80 32.43 10.03
CA TRP F 26 5.51 31.04 10.35
C TRP F 26 5.77 30.19 9.12
N HIS F 27 6.80 29.36 9.16
CA HIS F 27 7.11 28.45 8.07
C HIS F 27 6.97 27.02 8.55
N CYS F 28 5.93 26.33 8.07
CA CYS F 28 5.86 24.88 8.10
C CYS F 28 5.31 24.43 6.76
N ASP F 29 6.06 23.59 6.06
CA ASP F 29 5.63 22.94 4.84
C ASP F 29 6.78 22.12 4.30
N SER F 30 6.55 21.35 3.24
CA SER F 30 7.57 20.53 2.65
C SER F 30 7.54 20.67 1.14
N GLN F 31 8.67 21.05 0.57
CA GLN F 31 8.81 21.15 -0.88
C GLN F 31 9.45 19.88 -1.37
N TRP F 32 8.89 19.30 -2.42
CA TRP F 32 9.48 18.16 -3.09
C TRP F 32 10.00 18.63 -4.44
N LEU F 33 11.31 18.77 -4.56
CA LEU F 33 11.93 19.29 -5.78
C LEU F 33 12.86 18.19 -6.29
N GLY F 34 12.48 17.56 -7.39
CA GLY F 34 13.34 16.55 -7.98
C GLY F 34 13.73 15.49 -6.97
N ASP F 35 15.04 15.35 -6.77
CA ASP F 35 15.63 14.35 -5.89
C ASP F 35 15.85 14.87 -4.47
N ARG F 36 15.40 16.08 -4.15
CA ARG F 36 15.65 16.64 -2.83
C ARG F 36 14.34 17.00 -2.15
N VAL F 37 14.36 17.01 -0.83
CA VAL F 37 13.19 17.34 -0.01
C VAL F 37 13.58 18.41 0.98
N ILE F 38 12.81 19.48 1.04
CA ILE F 38 13.06 20.57 1.97
C ILE F 38 11.91 20.60 2.97
N THR F 39 12.18 20.19 4.20
CA THR F 39 11.15 20.13 5.22
C THR F 39 11.39 21.17 6.29
N THR F 40 10.49 22.16 6.33
CA THR F 40 10.53 23.19 7.35
C THR F 40 9.54 22.80 8.42
N SER F 41 9.86 23.10 9.68
CA SER F 41 8.95 22.91 10.78
C SER F 41 9.11 24.04 11.78
N THR F 42 7.99 24.59 12.24
CA THR F 42 7.97 25.65 13.23
C THR F 42 7.08 25.21 14.38
N ARG F 43 7.49 25.55 15.61
CA ARG F 43 6.73 25.20 16.80
C ARG F 43 6.78 26.37 17.76
N THR F 44 5.97 26.28 18.82
CA THR F 44 6.00 27.23 19.92
C THR F 44 6.59 26.55 21.15
N TRP F 45 7.51 27.23 21.82
CA TRP F 45 8.26 26.65 22.93
C TRP F 45 8.03 27.45 24.20
N ALA F 46 8.33 26.82 25.33
CA ALA F 46 8.26 27.48 26.63
C ALA F 46 9.44 27.04 27.47
N LEU F 47 10.16 28.01 28.01
CA LEU F 47 11.40 27.76 28.75
C LEU F 47 11.26 28.21 30.19
N PRO F 48 11.18 27.30 31.15
CA PRO F 48 11.15 27.70 32.56
C PRO F 48 12.55 28.10 33.01
N THR F 49 12.67 28.33 34.31
CA THR F 49 13.97 28.61 34.90
C THR F 49 14.36 27.43 35.79
N TYR F 50 15.33 26.65 35.34
CA TYR F 50 15.77 25.46 36.05
C TYR F 50 16.79 25.83 37.11
N ASN F 51 16.77 25.08 38.21
CA ASN F 51 17.76 25.22 39.28
C ASN F 51 17.79 26.62 39.86
N ASN F 52 16.74 27.40 39.66
CA ASN F 52 16.67 28.76 40.18
C ASN F 52 17.97 29.52 39.96
N HIS F 53 18.51 29.41 38.75
CA HIS F 53 19.77 30.02 38.36
C HIS F 53 20.96 29.48 39.13
N LEU F 54 21.13 28.15 39.20
CA LEU F 54 22.24 27.54 39.90
C LEU F 54 22.80 26.36 39.11
N TYR F 55 24.02 25.96 39.47
CA TYR F 55 24.56 24.66 39.10
C TYR F 55 24.61 23.77 40.32
N LYS F 56 24.15 22.53 40.18
CA LYS F 56 24.04 21.65 41.34
C LYS F 56 24.57 20.27 41.02
N GLN F 57 25.58 19.84 41.78
CA GLN F 57 26.01 18.45 41.78
C GLN F 57 24.83 17.53 42.00
N ILE F 58 24.78 16.43 41.27
CA ILE F 58 23.83 15.36 41.51
C ILE F 58 24.54 14.03 41.41
N SER F 59 24.03 13.03 42.10
CA SER F 59 24.60 11.70 42.03
C SER F 59 23.54 10.69 42.46
N ASN F 60 23.90 9.42 42.43
CA ASN F 60 22.98 8.36 42.81
C ASN F 60 22.61 8.45 44.28
N SER F 61 23.54 8.95 45.10
CA SER F 61 23.32 9.00 46.54
C SER F 61 22.17 9.92 46.90
N THR F 62 22.01 11.02 46.16
CA THR F 62 20.82 11.85 46.31
C THR F 62 19.56 11.06 46.01
N SER F 63 19.63 10.13 45.05
CA SER F 63 18.51 9.26 44.72
C SER F 63 18.56 7.93 45.44
N GLY F 64 19.59 7.70 46.28
CA GLY F 64 19.70 6.51 47.09
C GLY F 64 20.71 5.49 46.60
N GLY F 65 21.01 5.49 45.30
CA GLY F 65 22.12 4.73 44.76
C GLY F 65 22.23 3.28 45.22
N SER F 66 21.14 2.53 45.14
CA SER F 66 21.14 1.16 45.67
C SER F 66 22.07 0.23 44.89
N SER F 67 22.10 0.35 43.56
CA SER F 67 22.82 -0.61 42.73
C SER F 67 24.09 0.02 42.20
N ASN F 68 25.13 -0.80 42.02
CA ASN F 68 26.39 -0.30 41.49
C ASN F 68 26.37 -0.24 39.96
N ASP F 69 25.37 -0.84 39.33
CA ASP F 69 25.24 -0.72 37.88
C ASP F 69 24.73 0.67 37.51
N ASN F 70 23.85 1.23 38.33
CA ASN F 70 23.19 2.50 38.07
C ASN F 70 23.90 3.67 38.71
N ALA F 71 25.05 3.45 39.34
CA ALA F 71 25.76 4.51 40.05
C ALA F 71 26.32 5.55 39.08
N TYR F 72 25.96 6.81 39.30
CA TYR F 72 26.39 7.86 38.39
C TYR F 72 26.80 9.09 39.19
N PHE F 73 27.49 10.00 38.51
CA PHE F 73 27.89 11.28 39.08
C PHE F 73 27.89 12.32 37.97
N GLY F 74 27.45 13.53 38.30
CA GLY F 74 27.38 14.57 37.30
C GLY F 74 26.72 15.82 37.84
N TYR F 75 26.58 16.80 36.96
CA TYR F 75 26.04 18.09 37.37
C TYR F 75 24.76 18.38 36.61
N SER F 76 23.95 19.28 37.16
CA SER F 76 22.75 19.76 36.51
C SER F 76 22.86 21.26 36.34
N THR F 77 22.59 21.73 35.12
CA THR F 77 22.79 23.11 34.73
C THR F 77 21.45 23.75 34.46
N PRO F 78 21.34 25.07 34.61
CA PRO F 78 20.04 25.72 34.36
C PRO F 78 19.61 25.69 32.91
N TRP F 79 20.54 25.50 31.99
CA TRP F 79 20.28 25.67 30.57
C TRP F 79 19.31 24.61 30.06
N GLY F 80 18.52 24.99 29.05
CA GLY F 80 17.77 24.05 28.25
C GLY F 80 18.39 23.88 26.88
N TYR F 81 17.91 22.87 26.16
CA TYR F 81 18.44 22.65 24.83
C TYR F 81 17.30 22.28 23.90
N PHE F 82 17.38 22.78 22.67
CA PHE F 82 16.44 22.39 21.62
C PHE F 82 16.88 21.09 21.00
N ASP F 83 15.98 20.11 20.96
CA ASP F 83 16.28 18.80 20.40
C ASP F 83 15.22 18.45 19.39
N PHE F 84 15.58 18.48 18.10
CA PHE F 84 14.70 18.05 17.01
C PHE F 84 15.05 16.66 16.48
N ASN F 85 15.91 15.94 17.17
CA ASN F 85 16.64 14.77 16.71
C ASN F 85 15.76 13.60 16.22
N ARG F 86 14.45 13.62 16.42
CA ARG F 86 13.58 12.53 15.97
C ARG F 86 13.01 12.84 14.60
N PHE F 87 12.79 11.81 13.78
CA PHE F 87 12.26 12.03 12.44
C PHE F 87 10.92 12.75 12.44
N HIS F 88 9.94 12.27 13.20
CA HIS F 88 8.60 12.83 13.07
C HIS F 88 8.55 14.33 13.31
N CYS F 89 9.56 14.90 13.96
CA CYS F 89 9.62 16.34 14.07
C CYS F 89 9.62 17.00 12.70
N HIS F 90 10.36 16.42 11.75
CA HIS F 90 10.53 17.05 10.45
C HIS F 90 9.58 16.53 9.37
N PHE F 91 8.87 15.43 9.60
CA PHE F 91 8.02 14.83 8.58
C PHE F 91 6.62 14.62 9.12
N SER F 92 5.63 15.01 8.34
CA SER F 92 4.28 14.60 8.61
C SER F 92 4.04 13.21 8.04
N PRO F 93 3.17 12.42 8.67
CA PRO F 93 3.02 11.03 8.24
C PRO F 93 2.80 10.87 6.75
N ARG F 94 2.21 11.86 6.08
CA ARG F 94 2.10 11.79 4.64
C ARG F 94 3.46 11.92 3.98
N ASP F 95 4.23 12.93 4.39
CA ASP F 95 5.57 13.10 3.85
C ASP F 95 6.43 11.88 4.13
N TRP F 96 6.16 11.19 5.23
CA TRP F 96 6.91 9.97 5.51
C TRP F 96 6.49 8.86 4.58
N GLN F 97 5.18 8.65 4.44
CA GLN F 97 4.68 7.68 3.48
C GLN F 97 5.20 7.99 2.09
N ARG F 98 5.18 9.26 1.72
CA ARG F 98 5.68 9.65 0.41
C ARG F 98 7.17 9.38 0.30
N LEU F 99 7.89 9.47 1.42
CA LEU F 99 9.33 9.26 1.40
C LEU F 99 9.68 7.78 1.23
N ILE F 100 9.15 6.93 2.11
CA ILE F 100 9.58 5.54 2.15
C ILE F 100 9.08 4.74 0.96
N ASN F 101 7.98 5.14 0.35
CA ASN F 101 7.42 4.38 -0.76
C ASN F 101 8.16 4.62 -2.06
N ASN F 102 8.58 5.85 -2.33
CA ASN F 102 9.13 6.21 -3.62
C ASN F 102 10.65 6.26 -3.65
N ASN F 103 11.35 5.92 -2.58
CA ASN F 103 12.79 6.15 -2.52
C ASN F 103 13.54 4.93 -2.02
N TRP F 104 14.75 4.75 -2.51
CA TRP F 104 15.67 3.76 -1.99
C TRP F 104 16.67 4.30 -0.98
N GLY F 105 16.60 5.58 -0.64
CA GLY F 105 17.54 6.10 0.34
C GLY F 105 17.39 7.60 0.51
N PHE F 106 17.92 8.09 1.62
CA PHE F 106 17.88 9.51 1.92
C PHE F 106 18.98 9.83 2.90
N ARG F 107 19.25 11.11 3.04
CA ARG F 107 20.28 11.60 3.95
C ARG F 107 20.26 13.11 3.99
N PRO F 108 20.43 13.71 5.17
CA PRO F 108 20.38 15.17 5.26
C PRO F 108 21.57 15.82 4.59
N LYS F 109 21.33 16.99 4.02
CA LYS F 109 22.39 17.79 3.43
C LYS F 109 22.65 19.07 4.21
N ARG F 110 21.68 19.97 4.28
CA ARG F 110 21.84 21.25 4.96
C ARG F 110 20.84 21.38 6.09
N LEU F 111 21.17 22.25 7.03
CA LEU F 111 20.35 22.50 8.21
C LEU F 111 20.28 24.00 8.44
N ASN F 112 19.07 24.54 8.42
CA ASN F 112 18.86 25.96 8.66
C ASN F 112 17.98 26.09 9.88
N PHE F 113 18.27 27.08 10.73
CA PHE F 113 17.65 27.19 12.03
C PHE F 113 17.42 28.67 12.34
N LYS F 114 16.23 28.99 12.87
CA LYS F 114 15.89 30.36 13.20
C LYS F 114 15.12 30.39 14.51
N LEU F 115 15.35 31.45 15.28
CA LEU F 115 14.75 31.60 16.60
C LEU F 115 14.22 33.02 16.72
N PHE F 116 12.93 33.16 16.98
CA PHE F 116 12.31 34.47 16.85
C PHE F 116 11.09 34.55 17.75
N ASN F 117 10.46 35.73 17.76
CA ASN F 117 9.26 36.00 18.55
C ASN F 117 9.48 35.68 20.03
N ILE F 118 10.54 36.26 20.60
CA ILE F 118 10.84 36.02 22.00
C ILE F 118 9.89 36.81 22.88
N GLN F 119 9.40 36.17 23.95
CA GLN F 119 8.46 36.78 24.87
C GLN F 119 8.87 36.39 26.28
N VAL F 120 9.09 37.38 27.14
CA VAL F 120 9.59 37.16 28.49
C VAL F 120 8.53 37.63 29.47
N LYS F 121 7.95 36.69 30.22
CA LYS F 121 6.89 36.97 31.16
C LYS F 121 7.42 36.94 32.57
N GLU F 122 6.85 37.76 33.45
CA GLU F 122 7.13 37.73 34.87
C GLU F 122 5.85 37.43 35.63
N VAL F 123 5.95 36.56 36.63
CA VAL F 123 4.80 36.14 37.42
C VAL F 123 4.92 36.75 38.80
N THR F 124 3.93 37.54 39.19
CA THR F 124 3.88 38.14 40.50
C THR F 124 2.72 37.54 41.28
N ASP F 125 2.92 37.32 42.57
CA ASP F 125 1.85 36.92 43.47
C ASP F 125 1.42 38.14 44.27
N ASN F 126 0.24 38.67 43.94
CA ASN F 126 -0.35 39.79 44.65
C ASN F 126 -1.51 39.23 45.48
N ASN F 127 -1.44 39.41 46.79
CA ASN F 127 -2.34 38.75 47.74
C ASN F 127 -2.11 37.25 47.55
N GLY F 128 -3.13 36.45 47.26
CA GLY F 128 -2.93 35.03 47.06
C GLY F 128 -3.08 34.58 45.62
N VAL F 129 -3.20 35.54 44.70
CA VAL F 129 -3.44 35.24 43.29
C VAL F 129 -2.24 35.69 42.48
N LYS F 130 -2.06 35.06 41.32
CA LYS F 130 -0.88 35.29 40.48
C LYS F 130 -1.23 36.13 39.27
N THR F 131 -0.30 36.99 38.88
CA THR F 131 -0.47 37.90 37.75
C THR F 131 0.73 37.76 36.81
N ILE F 132 0.44 37.70 35.51
CA ILE F 132 1.46 37.54 34.48
C ILE F 132 1.49 38.81 33.64
N ALA F 133 2.67 39.43 33.56
CA ALA F 133 2.84 40.65 32.81
C ALA F 133 4.20 40.65 32.11
N ASN F 134 4.29 41.45 31.06
CA ASN F 134 5.49 41.48 30.25
C ASN F 134 6.66 42.05 31.03
N ASN F 135 7.87 41.78 30.56
CA ASN F 135 9.06 42.33 31.18
C ASN F 135 10.01 42.86 30.11
N SER F 138 13.66 42.20 29.55
CA SER F 138 14.77 41.30 29.82
C SER F 138 15.37 40.77 28.53
N THR F 139 16.31 39.83 28.66
CA THR F 139 16.98 39.22 27.52
C THR F 139 16.98 37.70 27.68
N VAL F 140 17.32 37.02 26.59
CA VAL F 140 17.41 35.58 26.55
C VAL F 140 18.77 35.18 26.01
N GLN F 141 19.48 34.33 26.74
CA GLN F 141 20.78 33.82 26.34
C GLN F 141 20.59 32.57 25.48
N VAL F 142 21.16 32.59 24.28
CA VAL F 142 21.15 31.43 23.42
C VAL F 142 22.46 31.39 22.65
N PHE F 143 23.06 30.20 22.56
CA PHE F 143 24.26 30.02 21.76
C PHE F 143 24.34 28.56 21.36
N THR F 144 25.12 28.29 20.32
CA THR F 144 25.40 26.94 19.90
C THR F 144 26.85 26.58 20.18
N ASP F 145 27.08 25.32 20.50
CA ASP F 145 28.45 24.82 20.65
C ASP F 145 28.77 24.07 19.36
N SER F 146 29.55 24.72 18.50
CA SER F 146 29.97 24.13 17.25
C SER F 146 31.38 23.56 17.31
N ASP F 147 32.07 23.72 18.43
CA ASP F 147 33.38 23.10 18.63
C ASP F 147 33.29 21.82 19.44
N TYR F 148 32.10 21.43 19.87
CA TYR F 148 31.86 20.14 20.51
C TYR F 148 32.67 20.02 21.80
N GLN F 149 32.73 21.12 22.53
CA GLN F 149 33.48 21.19 23.78
C GLN F 149 32.65 20.79 24.99
N LEU F 150 31.35 20.72 24.84
CA LEU F 150 30.40 20.27 25.84
C LEU F 150 30.13 18.78 25.69
N PRO F 151 29.66 18.12 26.75
CA PRO F 151 29.08 16.78 26.58
C PRO F 151 27.93 16.81 25.61
N TYR F 152 27.79 15.74 24.83
CA TYR F 152 26.78 15.68 23.78
C TYR F 152 25.67 14.73 24.22
N VAL F 153 24.53 15.30 24.59
CA VAL F 153 23.41 14.53 25.15
C VAL F 153 22.32 14.26 24.12
N LEU F 154 22.47 14.73 22.89
CA LEU F 154 21.41 14.57 21.91
C LEU F 154 21.35 13.18 21.32
N GLY F 155 22.30 12.30 21.64
CA GLY F 155 22.36 11.01 20.99
C GLY F 155 21.76 9.87 21.76
N SER F 156 21.27 10.14 22.97
CA SER F 156 20.77 9.08 23.84
C SER F 156 19.28 8.81 23.63
N ALA F 157 18.65 9.46 22.67
CA ALA F 157 17.22 9.30 22.42
C ALA F 157 16.40 9.73 23.61
N HIS F 158 16.73 10.89 24.16
CA HIS F 158 15.99 11.44 25.29
C HIS F 158 14.72 12.15 24.83
N GLU F 159 13.91 12.57 25.78
CA GLU F 159 12.66 13.28 25.51
C GLU F 159 12.92 14.79 25.39
N GLY F 160 11.86 15.57 25.27
CA GLY F 160 12.01 17.01 25.16
C GLY F 160 12.18 17.54 23.76
N CYS F 161 12.03 16.65 22.78
CA CYS F 161 12.13 17.02 21.38
C CYS F 161 10.86 17.74 20.90
N LEU F 162 10.93 18.39 19.75
CA LEU F 162 9.77 19.10 19.23
C LEU F 162 8.61 18.12 19.04
N PRO F 163 7.41 18.55 19.41
CA PRO F 163 6.22 17.70 19.31
C PRO F 163 5.96 17.28 17.87
N PRO F 164 5.48 16.05 17.68
CA PRO F 164 5.21 15.60 16.31
C PRO F 164 4.20 16.45 15.58
N PHE F 165 3.26 17.06 16.31
CA PHE F 165 2.10 17.76 15.78
C PHE F 165 2.24 19.26 15.97
N PRO F 166 2.17 20.06 14.91
CA PRO F 166 2.59 21.45 15.00
C PRO F 166 1.79 22.31 15.96
N ALA F 167 0.56 21.92 16.30
CA ALA F 167 -0.26 22.73 17.18
C ALA F 167 0.02 22.48 18.64
N ASP F 168 1.01 21.66 18.96
CA ASP F 168 1.39 21.43 20.34
C ASP F 168 2.46 22.42 20.78
N VAL F 169 2.28 22.97 21.97
CA VAL F 169 3.26 23.85 22.60
C VAL F 169 4.04 23.00 23.60
N PHE F 170 5.36 23.05 23.54
CA PHE F 170 6.16 22.09 24.28
C PHE F 170 7.09 22.82 25.24
N MET F 171 7.63 22.04 26.17
CA MET F 171 8.53 22.54 27.20
C MET F 171 9.96 22.13 26.84
N ILE F 172 10.92 22.99 27.18
CA ILE F 172 12.31 22.74 26.83
C ILE F 172 12.96 21.90 27.93
N PRO F 173 13.71 20.86 27.57
CA PRO F 173 14.31 19.98 28.58
C PRO F 173 15.51 20.63 29.25
N GLN F 174 15.80 20.14 30.46
CA GLN F 174 16.96 20.62 31.20
C GLN F 174 18.23 20.00 30.63
N TYR F 175 19.37 20.65 30.88
CA TYR F 175 20.63 20.15 30.38
C TYR F 175 21.54 19.76 31.52
N GLY F 176 21.96 18.51 31.53
CA GLY F 176 22.87 18.02 32.55
C GLY F 176 23.75 16.94 31.96
N TYR F 177 24.90 16.73 32.57
CA TYR F 177 25.90 15.88 31.96
C TYR F 177 26.57 15.03 33.01
N LEU F 178 26.74 13.76 32.67
CA LEU F 178 27.43 12.78 33.51
C LEU F 178 28.92 12.81 33.21
N THR F 179 29.72 12.62 34.26
CA THR F 179 31.16 12.55 34.07
C THR F 179 31.70 11.30 34.77
N LEU F 180 33.02 11.15 34.80
CA LEU F 180 33.62 9.96 35.40
C LEU F 180 33.24 9.85 36.87
N ASN F 181 32.89 8.65 37.29
CA ASN F 181 32.43 8.39 38.64
C ASN F 181 33.16 7.18 39.21
N ASP F 182 33.18 7.11 40.53
CA ASP F 182 33.44 5.89 41.26
C ASP F 182 32.29 5.72 42.24
N GLY F 183 31.45 4.72 42.01
CA GLY F 183 30.19 4.70 42.73
C GLY F 183 29.51 6.04 42.56
N SER F 184 29.10 6.63 43.67
CA SER F 184 28.60 8.00 43.65
C SER F 184 29.70 9.04 43.63
N GLN F 185 30.87 8.73 44.19
CA GLN F 185 31.93 9.71 44.35
C GLN F 185 32.56 10.07 43.02
N ALA F 186 33.16 11.25 42.97
CA ALA F 186 33.86 11.72 41.80
C ALA F 186 35.31 11.30 41.87
N VAL F 187 36.07 11.62 40.82
CA VAL F 187 37.50 11.34 40.77
C VAL F 187 38.21 12.56 40.21
N GLY F 188 39.53 12.57 40.38
CA GLY F 188 40.33 13.70 39.96
C GLY F 188 40.31 13.96 38.47
N ARG F 189 39.89 12.98 37.68
CA ARG F 189 39.85 13.16 36.23
C ARG F 189 38.49 13.66 35.75
N SER F 190 37.51 13.80 36.64
CA SER F 190 36.24 14.37 36.24
C SER F 190 36.40 15.83 35.85
N SER F 191 35.47 16.32 35.05
CA SER F 191 35.49 17.69 34.56
C SER F 191 34.23 18.41 35.02
N PHE F 192 34.33 19.73 35.12
CA PHE F 192 33.19 20.59 35.42
C PHE F 192 33.07 21.65 34.34
N TYR F 193 31.91 21.69 33.69
CA TYR F 193 31.68 22.63 32.60
C TYR F 193 30.66 23.67 33.03
N CYS F 194 31.10 24.92 33.13
CA CYS F 194 30.23 26.06 33.29
C CYS F 194 29.95 26.60 31.90
N LEU F 195 28.69 26.48 31.46
CA LEU F 195 28.35 26.80 30.07
C LEU F 195 28.55 28.26 29.74
N GLU F 196 28.85 29.10 30.72
CA GLU F 196 29.12 30.51 30.50
C GLU F 196 30.33 30.70 29.60
N PHE F 209 17.52 35.31 15.99
CA PHE F 209 18.71 34.45 15.98
C PHE F 209 18.60 33.34 14.96
N GLN F 210 19.54 33.32 14.00
CA GLN F 210 19.51 32.34 12.93
C GLN F 210 20.93 31.87 12.66
N PHE F 211 21.06 30.62 12.22
CA PHE F 211 22.34 30.12 11.74
C PHE F 211 22.07 28.98 10.77
N SER F 212 23.10 28.61 10.03
CA SER F 212 23.01 27.54 9.06
C SER F 212 24.03 26.47 9.40
N TYR F 213 23.84 25.29 8.81
CA TYR F 213 24.69 24.15 9.09
C TYR F 213 24.84 23.32 7.82
N GLU F 214 25.93 22.56 7.76
CA GLU F 214 26.22 21.68 6.64
C GLU F 214 26.52 20.29 7.17
N PHE F 215 25.65 19.34 6.90
CA PHE F 215 25.92 17.97 7.30
C PHE F 215 27.14 17.42 6.60
N GLU F 216 27.96 16.68 7.33
CA GLU F 216 29.09 16.02 6.71
C GLU F 216 28.60 14.82 5.91
N ASN F 217 29.45 14.38 4.98
CA ASN F 217 29.02 13.36 4.04
C ASN F 217 28.81 12.03 4.74
N VAL F 218 27.60 11.50 4.66
CA VAL F 218 27.25 10.23 5.30
C VAL F 218 26.56 9.35 4.28
N PRO F 219 26.63 8.03 4.46
CA PRO F 219 26.02 7.14 3.48
C PRO F 219 24.50 7.20 3.53
N PHE F 220 23.89 7.06 2.37
CA PHE F 220 22.45 7.06 2.19
C PHE F 220 21.85 5.97 3.05
N HIS F 221 20.90 6.31 3.91
CA HIS F 221 20.30 5.26 4.69
C HIS F 221 19.55 4.38 3.72
N SER F 222 19.69 3.07 3.88
CA SER F 222 19.03 2.14 2.99
C SER F 222 17.61 1.92 3.44
N SER F 223 16.66 2.10 2.53
CA SER F 223 15.27 1.88 2.88
C SER F 223 14.64 0.98 1.84
N TYR F 224 15.09 -0.26 1.82
CA TYR F 224 14.59 -1.27 0.91
C TYR F 224 14.85 -2.62 1.53
N ALA F 225 14.10 -3.63 1.12
CA ALA F 225 14.30 -4.96 1.66
C ALA F 225 14.84 -5.81 0.54
N HIS F 226 15.95 -6.50 0.78
CA HIS F 226 16.54 -7.31 -0.25
C HIS F 226 15.56 -8.39 -0.63
N SER F 227 15.35 -8.59 -1.92
CA SER F 227 14.44 -9.63 -2.37
C SER F 227 14.99 -11.01 -2.07
N GLN F 228 16.30 -11.17 -2.26
CA GLN F 228 16.97 -12.45 -2.06
C GLN F 228 17.75 -12.61 -0.77
N SER F 229 17.73 -13.82 -0.25
CA SER F 229 18.47 -14.18 0.96
C SER F 229 19.92 -14.44 0.57
N LEU F 230 20.80 -14.39 1.56
CA LEU F 230 22.23 -14.52 1.28
C LEU F 230 22.59 -15.90 0.75
N ASP F 231 21.89 -16.93 1.20
CA ASP F 231 22.22 -18.29 0.84
C ASP F 231 21.68 -18.72 -0.52
N ARG F 232 20.70 -18.00 -1.06
CA ARG F 232 20.06 -18.34 -2.33
C ARG F 232 20.60 -17.58 -3.52
N LEU F 233 21.72 -16.86 -3.38
CA LEU F 233 22.28 -16.08 -4.47
C LEU F 233 22.68 -16.92 -5.68
N MET F 234 22.63 -18.24 -5.58
CA MET F 234 23.06 -19.16 -6.63
C MET F 234 22.07 -19.19 -7.79
N ASN F 235 22.54 -19.72 -8.91
CA ASN F 235 21.70 -20.04 -10.06
C ASN F 235 21.05 -21.40 -9.85
N PRO F 236 19.72 -21.51 -9.81
CA PRO F 236 19.09 -22.80 -9.48
C PRO F 236 19.23 -23.85 -10.55
N LEU F 237 19.59 -23.50 -11.78
CA LEU F 237 19.55 -24.47 -12.86
C LEU F 237 20.86 -25.17 -13.12
N ILE F 238 21.97 -24.72 -12.53
CA ILE F 238 23.29 -25.17 -12.95
C ILE F 238 24.09 -25.61 -11.73
N ASP F 239 24.84 -26.70 -11.88
CA ASP F 239 25.69 -27.22 -10.83
C ASP F 239 26.89 -26.33 -10.62
N GLN F 240 27.47 -26.40 -9.42
CA GLN F 240 28.82 -25.91 -9.25
C GLN F 240 29.80 -26.96 -9.72
N TYR F 241 31.00 -26.53 -10.10
CA TYR F 241 32.06 -27.49 -10.39
C TYR F 241 32.83 -27.92 -9.16
N LEU F 242 32.49 -27.41 -7.98
CA LEU F 242 33.18 -27.80 -6.75
C LEU F 242 32.58 -29.08 -6.18
N TYR F 243 33.40 -29.80 -5.43
CA TYR F 243 33.03 -31.08 -4.82
C TYR F 243 33.01 -30.96 -3.31
N TYR F 244 32.16 -31.77 -2.67
CA TYR F 244 32.08 -31.82 -1.22
C TYR F 244 32.06 -33.28 -0.80
N LEU F 245 32.18 -33.52 0.51
CA LEU F 245 32.29 -34.87 1.04
C LEU F 245 30.90 -35.39 1.41
N SER F 246 30.39 -36.33 0.62
CA SER F 246 29.04 -36.87 0.81
C SER F 246 28.98 -38.01 1.83
N LYS F 247 29.89 -38.98 1.76
CA LYS F 247 29.82 -40.18 2.58
C LYS F 247 31.17 -40.45 3.23
N THR F 248 31.17 -40.63 4.54
CA THR F 248 32.37 -41.09 5.23
C THR F 248 32.36 -42.57 5.58
N ILE F 249 31.28 -43.30 5.29
CA ILE F 249 31.24 -44.75 5.50
C ILE F 249 30.41 -45.38 4.39
N ASN F 250 30.73 -46.64 4.08
CA ASN F 250 29.91 -47.39 3.12
C ASN F 250 28.57 -47.78 3.72
N GLY F 251 28.59 -48.45 4.87
CA GLY F 251 27.36 -48.91 5.48
C GLY F 251 27.62 -49.34 6.90
N SER F 252 26.56 -49.84 7.54
CA SER F 252 26.65 -50.25 8.93
C SER F 252 27.57 -51.46 9.08
N GLY F 253 28.46 -51.39 10.06
CA GLY F 253 29.36 -52.50 10.32
C GLY F 253 30.65 -51.98 10.92
N GLN F 254 31.68 -52.81 10.84
CA GLN F 254 33.01 -52.48 11.33
C GLN F 254 33.94 -52.18 10.18
N ASN F 255 34.84 -51.22 10.40
CA ASN F 255 35.89 -50.87 9.44
C ASN F 255 35.29 -50.53 8.08
N GLN F 256 34.21 -49.76 8.09
CA GLN F 256 33.50 -49.34 6.89
C GLN F 256 33.94 -47.98 6.37
N GLN F 257 35.01 -47.41 6.93
CA GLN F 257 35.46 -46.08 6.52
C GLN F 257 35.65 -45.99 5.02
N THR F 258 35.22 -44.86 4.46
CA THR F 258 35.44 -44.53 3.05
C THR F 258 35.34 -43.02 2.92
N LEU F 259 35.81 -42.51 1.80
CA LEU F 259 35.62 -41.11 1.45
C LEU F 259 34.98 -41.03 0.07
N LYS F 260 33.75 -40.51 0.03
CA LYS F 260 33.02 -40.33 -1.22
C LYS F 260 32.72 -38.85 -1.37
N PHE F 261 32.75 -38.36 -2.61
CA PHE F 261 32.50 -36.96 -2.89
C PHE F 261 31.37 -36.83 -3.91
N SER F 262 30.74 -35.66 -3.91
CA SER F 262 29.61 -35.42 -4.81
C SER F 262 29.71 -34.01 -5.36
N VAL F 263 28.87 -33.73 -6.34
CA VAL F 263 28.83 -32.39 -6.92
C VAL F 263 27.76 -31.57 -6.22
N ALA F 264 28.14 -30.38 -5.79
CA ALA F 264 27.21 -29.48 -5.11
C ALA F 264 26.34 -28.78 -6.14
N GLY F 265 25.03 -28.95 -6.03
CA GLY F 265 24.14 -28.45 -7.05
C GLY F 265 22.73 -28.21 -6.57
N PRO F 266 21.83 -27.92 -7.51
CA PRO F 266 20.46 -27.54 -7.14
C PRO F 266 19.75 -28.53 -6.26
N SER F 267 20.06 -29.81 -6.39
CA SER F 267 19.39 -30.80 -5.55
C SER F 267 19.71 -30.59 -4.08
N ASN F 268 20.97 -30.37 -3.74
CA ASN F 268 21.36 -30.07 -2.37
C ASN F 268 22.05 -28.71 -2.38
N MET F 269 21.36 -27.68 -1.88
CA MET F 269 21.90 -26.33 -1.88
C MET F 269 22.60 -25.93 -0.60
N ALA F 270 22.46 -26.71 0.46
CA ALA F 270 23.06 -26.29 1.71
C ALA F 270 24.57 -26.42 1.66
N VAL F 271 25.07 -27.26 0.75
CA VAL F 271 26.49 -27.61 0.74
C VAL F 271 27.29 -26.81 -0.27
N GLN F 272 26.67 -25.90 -1.01
CA GLN F 272 27.42 -25.23 -2.05
C GLN F 272 28.43 -24.25 -1.47
N GLY F 273 29.51 -24.04 -2.20
CA GLY F 273 30.47 -23.03 -1.82
C GLY F 273 29.93 -21.63 -2.08
N ARG F 274 30.03 -20.77 -1.07
CA ARG F 274 29.51 -19.42 -1.18
C ARG F 274 30.61 -18.43 -0.85
N ASN F 275 30.65 -17.35 -1.64
CA ASN F 275 31.64 -16.30 -1.51
C ASN F 275 31.42 -15.42 -0.29
N TYR F 276 30.20 -15.33 0.22
CA TYR F 276 29.90 -14.39 1.30
C TYR F 276 29.04 -15.06 2.34
N ILE F 277 29.14 -14.58 3.57
CA ILE F 277 28.53 -15.22 4.74
C ILE F 277 27.84 -14.14 5.57
N PRO F 278 26.83 -14.50 6.35
CA PRO F 278 26.02 -13.51 7.03
C PRO F 278 26.77 -12.78 8.13
N GLY F 279 26.21 -11.64 8.53
CA GLY F 279 26.88 -10.72 9.43
C GLY F 279 27.03 -11.24 10.84
N PRO F 280 27.65 -10.44 11.70
CA PRO F 280 27.93 -10.89 13.07
C PRO F 280 26.67 -11.03 13.90
N SER F 281 26.81 -11.75 15.01
CA SER F 281 25.68 -11.99 15.90
C SER F 281 26.16 -12.05 17.34
N TYR F 282 25.32 -11.55 18.24
CA TYR F 282 25.50 -11.67 19.68
C TYR F 282 24.13 -12.07 20.22
N ARG F 283 23.97 -13.29 20.71
CA ARG F 283 22.63 -13.86 20.84
C ARG F 283 21.82 -13.13 21.91
N GLN F 284 20.53 -13.00 21.68
CA GLN F 284 19.55 -12.44 22.61
C GLN F 284 18.66 -13.55 23.15
N GLN F 285 18.17 -13.35 24.37
CA GLN F 285 17.17 -14.27 24.92
C GLN F 285 15.85 -14.10 24.21
N ARG F 286 15.13 -15.21 24.01
CA ARG F 286 13.90 -15.23 23.25
C ARG F 286 12.70 -15.14 24.17
N VAL F 287 11.98 -14.02 24.11
CA VAL F 287 10.78 -13.81 24.90
C VAL F 287 9.59 -13.95 23.96
N SER F 288 8.51 -14.55 24.46
CA SER F 288 7.30 -14.77 23.68
C SER F 288 6.18 -13.87 24.17
N THR F 289 5.43 -13.31 23.22
CA THR F 289 4.34 -12.41 23.57
C THR F 289 3.08 -13.15 23.99
N THR F 290 3.06 -14.47 23.86
CA THR F 290 2.04 -15.27 24.52
C THR F 290 2.62 -15.73 25.84
N VAL F 291 2.11 -15.18 26.94
CA VAL F 291 2.85 -15.24 28.19
C VAL F 291 2.94 -16.66 28.74
N THR F 292 2.03 -17.55 28.35
CA THR F 292 2.08 -18.89 28.91
C THR F 292 3.20 -19.73 28.32
N GLN F 293 3.81 -19.28 27.23
CA GLN F 293 4.98 -19.98 26.70
C GLN F 293 6.26 -19.59 27.40
N ASN F 294 6.27 -18.45 28.09
CA ASN F 294 7.46 -18.00 28.81
C ASN F 294 7.68 -18.80 30.08
N ASN F 295 8.92 -18.88 30.52
CA ASN F 295 9.26 -19.60 31.73
C ASN F 295 8.66 -18.87 32.91
N ASN F 296 8.14 -19.61 33.89
CA ASN F 296 7.54 -18.98 35.06
C ASN F 296 8.57 -18.61 36.12
N SER F 297 9.41 -17.63 35.82
CA SER F 297 10.44 -17.16 36.73
C SER F 297 10.83 -15.75 36.33
N GLU F 298 11.47 -15.02 37.24
CA GLU F 298 11.91 -13.66 36.97
C GLU F 298 13.26 -13.65 36.28
N PHE F 299 13.24 -13.82 34.97
CA PHE F 299 14.48 -13.85 34.19
C PHE F 299 14.70 -12.56 33.43
N ALA F 300 13.98 -11.51 33.78
CA ALA F 300 14.11 -10.25 33.07
C ALA F 300 15.51 -9.65 33.13
N TRP F 301 16.14 -9.64 34.30
CA TRP F 301 17.50 -9.10 34.37
C TRP F 301 18.59 -10.16 34.36
N PRO F 302 18.36 -11.27 35.06
CA PRO F 302 19.37 -12.33 35.10
C PRO F 302 19.62 -12.96 33.73
N GLY F 303 18.55 -13.23 33.00
CA GLY F 303 18.62 -13.82 31.67
C GLY F 303 19.26 -13.00 30.57
N ALA F 304 19.00 -11.70 30.59
CA ALA F 304 19.46 -10.77 29.57
C ALA F 304 20.95 -10.62 29.27
N SER F 305 21.24 -10.47 27.98
CA SER F 305 22.56 -10.22 27.42
C SER F 305 23.08 -8.89 27.94
N SER F 306 24.39 -8.83 28.16
CA SER F 306 24.96 -7.61 28.72
C SER F 306 26.41 -7.50 28.31
N TRP F 307 26.93 -6.29 28.44
CA TRP F 307 28.35 -6.04 28.27
C TRP F 307 28.88 -5.31 29.49
N ALA F 308 29.77 -5.98 30.22
CA ALA F 308 30.37 -5.42 31.41
C ALA F 308 31.43 -4.42 31.01
N LEU F 309 31.42 -3.27 31.67
CA LEU F 309 32.43 -2.24 31.47
C LEU F 309 32.83 -1.70 32.83
N ASN F 310 34.11 -1.79 33.15
CA ASN F 310 34.66 -1.20 34.38
C ASN F 310 33.94 -1.76 35.62
N GLY F 311 33.38 -2.95 35.49
CA GLY F 311 32.68 -3.59 36.58
C GLY F 311 31.20 -3.27 36.67
N ARG F 312 30.65 -2.55 35.70
CA ARG F 312 29.23 -2.23 35.70
C ARG F 312 28.54 -2.97 34.56
N ASN F 313 27.75 -3.97 34.92
CA ASN F 313 27.00 -4.73 33.94
C ASN F 313 25.98 -3.82 33.28
N SER F 314 26.03 -3.74 31.95
CA SER F 314 25.15 -2.86 31.20
C SER F 314 24.41 -3.69 30.16
N LEU F 315 23.08 -3.60 30.17
CA LEU F 315 22.27 -4.37 29.26
C LEU F 315 22.68 -4.09 27.83
N MET F 316 22.56 -5.10 26.97
CA MET F 316 22.86 -4.92 25.55
C MET F 316 21.57 -4.47 24.89
N ASN F 317 21.52 -3.20 24.52
CA ASN F 317 20.32 -2.64 23.94
C ASN F 317 20.72 -1.59 22.92
N PRO F 318 20.09 -1.61 21.74
CA PRO F 318 19.40 -2.74 21.15
C PRO F 318 20.35 -3.84 20.69
N GLY F 319 21.64 -3.51 20.59
CA GLY F 319 22.62 -4.49 20.18
C GLY F 319 22.88 -4.41 18.69
N PRO F 320 23.68 -5.32 18.16
CA PRO F 320 23.92 -5.30 16.71
C PRO F 320 22.62 -5.50 15.96
N ALA F 321 22.64 -5.16 14.68
CA ALA F 321 21.42 -5.27 13.88
C ALA F 321 21.21 -6.73 13.53
N MET F 322 20.10 -7.29 13.99
CA MET F 322 19.80 -8.69 13.80
C MET F 322 18.29 -8.85 13.64
N ALA F 323 17.88 -9.84 12.86
CA ALA F 323 16.46 -10.06 12.65
C ALA F 323 15.81 -10.43 13.98
N SER F 324 14.50 -10.17 14.08
CA SER F 324 13.84 -10.38 15.35
C SER F 324 13.46 -11.83 15.56
N HIS F 325 13.09 -12.54 14.51
CA HIS F 325 12.54 -13.88 14.68
C HIS F 325 12.66 -14.65 13.38
N LYS F 326 12.65 -15.98 13.50
CA LYS F 326 12.49 -16.85 12.35
C LYS F 326 11.09 -16.68 11.78
N GLU F 327 10.91 -17.09 10.53
CA GLU F 327 9.59 -17.00 9.93
C GLU F 327 8.62 -17.93 10.63
N GLY F 328 7.48 -17.39 11.02
CA GLY F 328 6.50 -18.13 11.78
C GLY F 328 6.62 -17.98 13.28
N GLU F 329 7.78 -17.57 13.76
CA GLU F 329 8.06 -17.35 15.17
C GLU F 329 7.80 -15.92 15.55
N ASP F 330 7.14 -15.17 14.65
CA ASP F 330 7.02 -13.72 14.81
C ASP F 330 6.42 -13.33 16.16
N ARG F 331 5.78 -14.26 16.86
CA ARG F 331 5.28 -13.94 18.18
C ARG F 331 6.43 -13.72 19.17
N PHE F 332 7.56 -14.36 18.95
CA PHE F 332 8.73 -14.20 19.81
C PHE F 332 9.42 -12.89 19.49
N PHE F 333 10.05 -12.29 20.50
CA PHE F 333 10.90 -11.12 20.26
C PHE F 333 12.11 -11.20 21.16
N PRO F 334 13.25 -10.70 20.69
CA PRO F 334 14.44 -10.71 21.53
C PRO F 334 14.25 -9.80 22.73
N LEU F 335 14.71 -10.27 23.89
CA LEU F 335 14.46 -9.58 25.14
C LEU F 335 14.88 -8.11 25.07
N SER F 336 16.18 -7.85 24.95
CA SER F 336 16.70 -6.50 24.96
C SER F 336 16.97 -5.95 23.57
N GLY F 337 16.61 -6.68 22.52
CA GLY F 337 17.19 -6.37 21.21
C GLY F 337 16.30 -5.63 20.23
N SER F 338 15.27 -4.92 20.68
CA SER F 338 14.39 -4.20 19.77
C SER F 338 13.94 -2.90 20.39
N LEU F 339 13.88 -1.85 19.58
CA LEU F 339 13.34 -0.58 20.04
C LEU F 339 11.87 -0.75 20.38
N ILE F 340 11.49 -0.26 21.56
CA ILE F 340 10.10 -0.31 22.01
C ILE F 340 9.65 1.13 22.23
N PHE F 341 8.58 1.52 21.55
CA PHE F 341 8.02 2.84 21.71
C PHE F 341 6.68 2.74 22.45
N GLY F 342 6.38 3.73 23.27
CA GLY F 342 5.13 3.76 23.98
C GLY F 342 4.01 4.41 23.19
N LYS F 343 2.81 3.89 23.37
CA LYS F 343 1.64 4.49 22.75
C LYS F 343 1.30 5.79 23.45
N GLN F 344 0.50 6.61 22.78
CA GLN F 344 0.09 7.87 23.36
C GLN F 344 -0.60 7.66 24.70
N GLY F 345 -0.11 8.34 25.73
CA GLY F 345 -0.71 8.25 27.04
C GLY F 345 -0.16 7.14 27.92
N THR F 346 0.82 6.39 27.44
CA THR F 346 1.35 5.26 28.18
C THR F 346 1.99 5.72 29.49
N GLY F 347 1.67 5.01 30.57
CA GLY F 347 2.25 5.32 31.87
C GLY F 347 3.75 5.12 31.89
N ARG F 348 4.36 5.60 32.97
CA ARG F 348 5.82 5.55 33.06
C ARG F 348 6.36 4.20 33.51
N ASP F 349 5.75 3.56 34.50
CA ASP F 349 6.35 2.36 35.08
C ASP F 349 5.39 1.18 35.02
N ASN F 350 5.92 0.01 34.70
CA ASN F 350 5.20 -1.26 34.70
C ASN F 350 3.89 -1.17 33.92
N VAL F 351 4.00 -0.70 32.70
CA VAL F 351 2.87 -0.73 31.76
C VAL F 351 2.77 -2.12 31.17
N ASP F 352 1.58 -2.48 30.70
CA ASP F 352 1.36 -3.79 30.12
C ASP F 352 2.00 -3.87 28.73
N ALA F 353 1.78 -4.99 28.08
CA ALA F 353 2.39 -5.21 26.77
C ALA F 353 1.66 -4.44 25.67
N ASP F 354 0.35 -4.28 25.80
CA ASP F 354 -0.40 -3.58 24.76
C ASP F 354 -0.28 -2.08 24.85
N LYS F 355 0.37 -1.55 25.89
CA LYS F 355 0.64 -0.13 25.95
C LYS F 355 1.93 0.26 25.24
N VAL F 356 2.70 -0.71 24.75
CA VAL F 356 3.99 -0.43 24.10
C VAL F 356 4.00 -1.04 22.71
N MET F 357 4.69 -0.35 21.81
CA MET F 357 4.76 -0.73 20.41
C MET F 357 6.13 -1.32 20.14
N ILE F 358 6.19 -2.63 19.91
CA ILE F 358 7.46 -3.34 19.78
C ILE F 358 7.79 -3.43 18.30
N THR F 359 8.85 -2.74 17.89
CA THR F 359 9.31 -2.82 16.51
C THR F 359 9.99 -4.16 16.27
N ASN F 360 10.15 -4.53 15.00
CA ASN F 360 10.82 -5.79 14.70
C ASN F 360 11.55 -5.67 13.37
N GLU F 361 12.79 -6.12 13.34
CA GLU F 361 13.62 -6.06 12.15
C GLU F 361 13.43 -7.27 11.23
N GLU F 362 12.20 -7.54 10.84
CA GLU F 362 11.90 -8.66 9.96
C GLU F 362 12.54 -8.50 8.58
N GLU F 363 12.60 -7.27 8.10
CA GLU F 363 13.13 -6.98 6.76
C GLU F 363 14.58 -7.39 6.55
N ILE F 364 15.40 -7.27 7.59
CA ILE F 364 16.82 -7.58 7.48
C ILE F 364 17.18 -9.02 7.79
N LYS F 365 16.17 -9.89 7.87
CA LYS F 365 16.44 -11.30 8.16
C LYS F 365 17.30 -11.97 7.08
N THR F 366 17.10 -11.60 5.82
CA THR F 366 17.86 -12.16 4.72
C THR F 366 19.37 -12.15 4.91
N THR F 367 19.97 -11.01 5.20
CA THR F 367 21.43 -10.96 5.35
C THR F 367 21.92 -11.03 6.79
N ASN F 368 21.04 -11.06 7.77
CA ASN F 368 21.55 -11.06 9.13
C ASN F 368 21.06 -12.27 9.90
N PRO F 369 21.84 -12.77 10.85
CA PRO F 369 21.38 -13.88 11.67
C PRO F 369 20.22 -13.45 12.54
N VAL F 370 19.49 -14.44 13.04
CA VAL F 370 18.38 -14.15 13.93
C VAL F 370 18.90 -13.87 15.32
N ALA F 371 18.29 -12.90 16.00
CA ALA F 371 18.82 -12.46 17.29
C ALA F 371 18.65 -13.52 18.36
N THR F 372 17.68 -14.42 18.21
CA THR F 372 17.42 -15.44 19.22
C THR F 372 18.06 -16.79 18.88
N GLU F 373 18.80 -16.89 17.79
CA GLU F 373 19.36 -18.15 17.33
C GLU F 373 20.88 -18.07 17.22
N SER F 374 21.51 -19.24 17.23
CA SER F 374 22.96 -19.32 17.15
C SER F 374 23.46 -18.98 15.75
N TYR F 375 24.72 -18.58 15.67
CA TYR F 375 25.27 -18.20 14.38
C TYR F 375 25.67 -19.41 13.56
N GLY F 376 25.69 -20.59 14.18
CA GLY F 376 26.15 -21.76 13.48
C GLY F 376 26.68 -22.81 14.43
N GLN F 377 27.60 -23.63 13.93
CA GLN F 377 28.28 -24.62 14.75
C GLN F 377 29.74 -24.65 14.34
N VAL F 378 30.60 -25.06 15.27
CA VAL F 378 32.01 -25.26 14.97
C VAL F 378 32.46 -26.57 15.57
N ALA F 379 33.50 -27.15 14.97
CA ALA F 379 34.02 -28.43 15.41
C ALA F 379 34.82 -28.24 16.69
N THR F 380 34.54 -29.07 17.70
CA THR F 380 35.20 -28.93 18.99
C THR F 380 36.37 -29.87 19.22
N ASN F 381 36.66 -30.79 18.30
CA ASN F 381 37.75 -31.74 18.54
C ASN F 381 38.21 -32.34 17.22
N HIS F 382 39.23 -33.18 17.30
CA HIS F 382 39.77 -33.91 16.18
C HIS F 382 39.22 -35.33 16.21
N GLN F 383 38.50 -35.71 15.16
CA GLN F 383 38.03 -37.07 15.07
C GLN F 383 39.20 -38.02 14.91
N SER F 384 38.97 -39.28 15.24
CA SER F 384 39.94 -40.34 15.02
C SER F 384 39.20 -41.66 15.16
N ALA F 385 39.94 -42.75 15.13
CA ALA F 385 39.31 -44.06 15.24
C ALA F 385 38.55 -44.21 16.55
N GLN F 386 39.07 -43.64 17.64
CA GLN F 386 38.48 -43.83 18.95
C GLN F 386 37.56 -42.71 19.40
N ALA F 387 37.43 -41.63 18.62
CA ALA F 387 36.71 -40.45 19.08
C ALA F 387 35.77 -39.96 17.99
N GLN F 388 34.54 -39.63 18.38
CA GLN F 388 33.59 -39.10 17.44
C GLN F 388 33.85 -37.63 17.15
N ALA F 389 33.40 -37.19 15.99
CA ALA F 389 33.51 -35.78 15.64
C ALA F 389 32.45 -34.98 16.39
N GLN F 390 32.90 -34.01 17.19
CA GLN F 390 32.02 -33.27 18.07
C GLN F 390 32.00 -31.81 17.66
N THR F 391 30.81 -31.24 17.61
CA THR F 391 30.63 -29.83 17.27
C THR F 391 29.88 -29.14 18.38
N GLY F 392 29.96 -27.81 18.39
CA GLY F 392 29.30 -27.02 19.40
C GLY F 392 28.85 -25.71 18.82
N TRP F 393 27.94 -25.06 19.54
CA TRP F 393 27.27 -23.88 19.04
C TRP F 393 28.17 -22.66 19.14
N VAL F 394 27.88 -21.66 18.32
CA VAL F 394 28.52 -20.36 18.40
C VAL F 394 27.48 -19.37 18.90
N GLN F 395 27.64 -18.91 20.14
CA GLN F 395 26.67 -17.99 20.70
C GLN F 395 26.91 -16.56 20.24
N ASN F 396 28.17 -16.11 20.24
CA ASN F 396 28.51 -14.80 19.72
C ASN F 396 29.57 -14.94 18.65
N GLN F 397 29.49 -14.12 17.62
CA GLN F 397 30.44 -14.16 16.52
C GLN F 397 30.81 -12.74 16.13
N GLY F 398 32.10 -12.44 16.16
CA GLY F 398 32.57 -11.15 15.70
C GLY F 398 32.67 -11.11 14.19
N ILE F 399 33.22 -10.01 13.70
CA ILE F 399 33.40 -9.86 12.27
C ILE F 399 34.41 -10.89 11.77
N LEU F 400 34.10 -11.50 10.63
CA LEU F 400 35.02 -12.27 9.82
C LEU F 400 35.05 -11.67 8.41
N PRO F 401 36.15 -11.78 7.70
CA PRO F 401 36.18 -11.25 6.34
C PRO F 401 35.11 -11.91 5.48
N GLY F 402 34.43 -11.10 4.67
CA GLY F 402 33.39 -11.59 3.80
C GLY F 402 32.00 -11.52 4.36
N MET F 403 31.82 -11.02 5.58
CA MET F 403 30.48 -10.85 6.13
C MET F 403 29.81 -9.64 5.51
N VAL F 404 28.49 -9.74 5.35
CA VAL F 404 27.66 -8.63 4.91
C VAL F 404 26.45 -8.54 5.82
N TRP F 405 25.95 -7.33 6.03
CA TRP F 405 24.84 -7.13 6.93
C TRP F 405 24.11 -5.85 6.59
N GLN F 406 22.86 -5.76 7.02
CA GLN F 406 22.08 -4.54 6.96
C GLN F 406 22.01 -3.89 8.34
N ASP F 407 22.01 -2.55 8.34
CA ASP F 407 21.91 -1.83 9.60
C ASP F 407 20.47 -1.82 10.10
N ARG F 408 20.28 -1.27 11.28
CA ARG F 408 18.96 -1.23 11.89
C ARG F 408 18.14 -0.11 11.28
N ASP F 409 16.83 -0.34 11.20
CA ASP F 409 15.95 0.57 10.49
C ASP F 409 15.74 1.85 11.29
N VAL F 410 15.27 2.89 10.59
CA VAL F 410 14.84 4.13 11.23
C VAL F 410 13.34 4.22 11.10
N TYR F 411 12.72 4.93 12.05
CA TYR F 411 11.28 4.98 12.15
C TYR F 411 10.83 6.43 12.17
N LEU F 412 9.51 6.62 12.02
CA LEU F 412 8.94 7.94 12.17
C LEU F 412 9.30 8.52 13.53
N GLN F 413 9.25 7.70 14.58
CA GLN F 413 9.56 8.11 15.94
C GLN F 413 11.05 8.14 16.23
N GLY F 414 11.82 7.19 15.71
CA GLY F 414 13.17 6.96 16.15
C GLY F 414 14.11 8.09 15.84
N PRO F 415 15.34 7.99 16.33
CA PRO F 415 16.28 9.10 16.22
C PRO F 415 16.80 9.28 14.81
N ILE F 416 17.40 10.45 14.57
CA ILE F 416 18.02 10.76 13.29
C ILE F 416 19.52 10.50 13.38
N TRP F 417 20.21 11.18 14.29
CA TRP F 417 21.65 11.06 14.36
C TRP F 417 22.11 10.83 15.79
N ALA F 418 23.40 10.52 15.91
CA ALA F 418 24.13 10.52 17.17
C ALA F 418 25.59 10.81 16.87
N LYS F 419 26.27 11.43 17.81
CA LYS F 419 27.66 11.81 17.62
C LYS F 419 28.56 10.61 17.84
N ILE F 420 29.37 10.28 16.85
CA ILE F 420 30.36 9.20 16.99
C ILE F 420 31.30 9.57 18.13
N PRO F 421 31.48 8.72 19.13
CA PRO F 421 32.45 9.03 20.19
C PRO F 421 33.81 9.31 19.57
N HIS F 422 34.56 10.20 20.21
CA HIS F 422 35.86 10.60 19.68
C HIS F 422 36.90 9.67 20.27
N THR F 423 37.44 8.78 19.43
CA THR F 423 38.29 7.70 19.88
C THR F 423 39.36 7.43 18.83
N ASP F 424 40.36 6.62 19.22
CA ASP F 424 41.39 6.21 18.27
C ASP F 424 40.82 5.27 17.21
N GLY F 425 39.73 4.59 17.51
CA GLY F 425 39.18 3.65 16.55
C GLY F 425 37.71 3.37 16.76
N ASN F 426 37.06 2.97 15.68
CA ASN F 426 35.69 2.49 15.69
C ASN F 426 35.46 1.68 14.43
N PHE F 427 34.44 0.82 14.46
CA PHE F 427 34.13 0.01 13.29
C PHE F 427 32.66 0.17 12.91
N HIS F 428 32.44 0.58 11.67
CA HIS F 428 31.11 0.81 11.10
C HIS F 428 30.34 1.69 12.05
N PRO F 429 30.68 2.96 12.13
CA PRO F 429 30.22 3.81 13.24
C PRO F 429 28.73 4.04 13.31
N SER F 430 27.98 3.67 12.27
CA SER F 430 26.55 3.89 12.26
C SER F 430 25.92 3.40 13.55
N PRO F 431 25.09 4.21 14.22
CA PRO F 431 24.68 3.88 15.58
C PRO F 431 23.77 2.67 15.63
N LEU F 432 23.73 2.05 16.81
CA LEU F 432 22.97 0.82 16.97
C LEU F 432 21.49 1.06 17.09
N MET F 433 21.06 2.24 17.52
CA MET F 433 19.63 2.51 17.56
C MET F 433 19.09 3.01 16.24
N GLY F 434 19.92 3.16 15.23
CA GLY F 434 19.46 3.63 13.94
C GLY F 434 19.85 5.07 13.69
N GLY F 435 19.77 5.46 12.43
CA GLY F 435 20.08 6.80 12.04
C GLY F 435 21.48 6.95 11.46
N PHE F 436 21.95 8.19 11.47
CA PHE F 436 23.17 8.57 10.78
C PHE F 436 24.24 8.95 11.80
N GLY F 437 25.24 8.10 11.96
CA GLY F 437 26.35 8.41 12.85
C GLY F 437 27.25 9.45 12.22
N MET F 438 27.66 10.42 13.03
CA MET F 438 28.38 11.58 12.51
C MET F 438 29.51 11.94 13.48
N LYS F 439 30.62 12.40 12.93
CA LYS F 439 31.69 12.93 13.77
C LYS F 439 31.50 14.40 14.09
N HIS F 440 30.61 15.08 13.37
CA HIS F 440 30.28 16.48 13.64
C HIS F 440 28.79 16.66 13.40
N PRO F 441 27.96 16.23 14.33
CA PRO F 441 26.52 16.32 14.15
C PRO F 441 26.06 17.76 14.24
N PRO F 442 24.78 18.04 14.06
CA PRO F 442 24.26 19.36 14.35
C PRO F 442 24.59 19.77 15.77
N PRO F 443 25.07 20.99 15.98
CA PRO F 443 25.56 21.38 17.29
C PRO F 443 24.42 21.46 18.30
N GLN F 444 24.80 21.43 19.58
CA GLN F 444 23.83 21.68 20.63
C GLN F 444 23.45 23.14 20.66
N ILE F 445 22.18 23.42 20.95
CA ILE F 445 21.66 24.76 21.00
C ILE F 445 21.13 24.99 22.40
N LEU F 446 21.81 25.85 23.16
CA LEU F 446 21.52 26.02 24.58
C LEU F 446 20.81 27.35 24.78
N ILE F 447 19.85 27.38 25.71
CA ILE F 447 19.08 28.58 25.94
C ILE F 447 18.69 28.66 27.41
N LYS F 448 18.74 29.86 27.97
CA LYS F 448 18.25 30.11 29.32
C LYS F 448 17.82 31.56 29.43
N ASN F 449 17.06 31.84 30.48
CA ASN F 449 16.59 33.20 30.74
C ASN F 449 17.62 33.94 31.57
N THR F 450 18.05 35.09 31.09
CA THR F 450 19.06 35.86 31.80
C THR F 450 18.56 36.21 33.20
N PRO F 451 19.35 35.97 34.24
CA PRO F 451 18.86 36.22 35.60
C PRO F 451 18.64 37.71 35.85
N VAL F 452 17.84 38.01 36.85
CA VAL F 452 17.50 39.39 37.18
C VAL F 452 17.84 39.72 38.64
N PHE F 468 15.80 36.33 43.59
CA PHE F 468 15.55 36.58 42.17
C PHE F 468 14.07 36.76 41.90
N ILE F 469 13.71 36.89 40.62
CA ILE F 469 12.33 37.10 40.24
C ILE F 469 11.82 35.89 39.46
N THR F 470 10.65 35.40 39.84
CA THR F 470 10.03 34.30 39.10
C THR F 470 9.77 34.73 37.66
N GLN F 471 10.27 33.95 36.72
CA GLN F 471 10.30 34.39 35.34
C GLN F 471 10.32 33.16 34.43
N TYR F 472 9.79 33.33 33.23
CA TYR F 472 9.82 32.27 32.21
C TYR F 472 9.69 32.94 30.85
N SER F 473 9.97 32.18 29.80
CA SER F 473 9.96 32.73 28.45
C SER F 473 9.23 31.79 27.49
N THR F 474 8.93 32.32 26.31
CA THR F 474 8.25 31.58 25.26
C THR F 474 8.53 32.24 23.92
N GLY F 475 8.25 31.50 22.84
CA GLY F 475 8.58 32.01 21.53
C GLY F 475 8.29 31.01 20.43
N GLN F 476 9.00 31.16 19.32
CA GLN F 476 8.82 30.32 18.14
C GLN F 476 10.17 29.81 17.65
N VAL F 477 10.20 28.58 17.15
CA VAL F 477 11.42 27.94 16.65
C VAL F 477 11.15 27.29 15.32
N SER F 478 11.91 27.66 14.30
CA SER F 478 11.79 27.11 12.97
C SER F 478 13.09 26.47 12.54
N VAL F 479 13.05 25.19 12.20
CA VAL F 479 14.23 24.44 11.80
C VAL F 479 14.00 23.85 10.41
N GLU F 480 14.92 24.11 9.50
CA GLU F 480 14.82 23.65 8.13
C GLU F 480 15.94 22.68 7.83
N ILE F 481 15.61 21.55 7.22
CA ILE F 481 16.59 20.54 6.83
C ILE F 481 16.38 20.21 5.37
N GLU F 482 17.47 20.20 4.61
CA GLU F 482 17.42 19.74 3.24
C GLU F 482 17.82 18.27 3.19
N TRP F 483 17.03 17.47 2.49
CA TRP F 483 17.25 16.04 2.38
C TRP F 483 17.59 15.72 0.94
N GLU F 484 18.30 14.62 0.72
CA GLU F 484 18.60 14.15 -0.63
C GLU F 484 18.08 12.74 -0.78
N LEU F 485 17.63 12.39 -1.97
CA LEU F 485 16.91 11.15 -2.19
C LEU F 485 17.64 10.28 -3.21
N GLN F 486 17.33 8.99 -3.19
CA GLN F 486 17.86 8.05 -4.17
C GLN F 486 16.71 7.26 -4.77
N LYS F 487 16.47 7.47 -6.06
CA LYS F 487 15.30 6.90 -6.70
C LYS F 487 15.48 5.42 -6.98
N GLU F 488 14.35 4.71 -7.00
CA GLU F 488 14.37 3.30 -7.32
C GLU F 488 14.33 3.13 -8.84
N ASN F 489 15.36 2.50 -9.38
CA ASN F 489 15.45 2.26 -10.81
C ASN F 489 15.01 0.83 -11.15
N SER F 490 14.51 0.10 -10.16
CA SER F 490 14.27 -1.33 -10.29
C SER F 490 13.36 -1.66 -11.46
N LYS F 491 13.69 -2.74 -12.17
CA LYS F 491 12.89 -3.25 -13.26
C LYS F 491 11.99 -4.41 -12.85
N ARG F 492 11.84 -4.64 -11.56
CA ARG F 492 10.93 -5.66 -11.05
C ARG F 492 9.55 -5.57 -11.70
N TRP F 493 9.05 -6.71 -12.16
CA TRP F 493 7.78 -6.72 -12.89
C TRP F 493 6.58 -6.58 -11.96
N ASN F 494 6.46 -7.46 -10.97
CA ASN F 494 5.26 -7.48 -10.15
C ASN F 494 5.23 -6.27 -9.22
N PRO F 495 4.09 -5.95 -8.63
CA PRO F 495 3.98 -4.73 -7.84
C PRO F 495 4.71 -4.82 -6.50
N GLU F 496 5.34 -3.71 -6.12
CA GLU F 496 6.01 -3.57 -4.84
C GLU F 496 5.02 -3.63 -3.70
N ILE F 497 5.53 -3.86 -2.50
CA ILE F 497 4.76 -3.57 -1.30
C ILE F 497 4.87 -2.09 -1.00
N GLN F 498 3.78 -1.49 -0.55
CA GLN F 498 3.75 -0.07 -0.23
C GLN F 498 3.15 0.11 1.16
N TYR F 499 3.47 1.23 1.79
CA TYR F 499 2.84 1.51 3.07
C TYR F 499 1.51 2.18 2.84
N THR F 500 0.44 1.52 3.25
CA THR F 500 -0.90 1.99 2.98
C THR F 500 -1.64 2.13 4.30
N SER F 501 -2.53 3.09 4.36
CA SER F 501 -3.43 3.23 5.49
C SER F 501 -4.68 2.43 5.15
N ASN F 502 -4.87 1.30 5.82
CA ASN F 502 -5.97 0.42 5.50
C ASN F 502 -7.27 1.21 5.46
N TYR F 503 -8.10 0.96 4.47
CA TYR F 503 -9.41 1.59 4.47
C TYR F 503 -10.16 0.99 5.63
N TYR F 504 -10.40 1.76 6.67
CA TYR F 504 -11.06 1.22 7.84
C TYR F 504 -12.19 2.10 8.30
N LYS F 505 -13.02 1.55 9.17
CA LYS F 505 -14.11 2.30 9.74
C LYS F 505 -13.82 2.25 11.21
N SER F 506 -13.62 3.41 11.83
CA SER F 506 -13.32 3.45 13.25
C SER F 506 -13.75 4.77 13.83
N ASN F 507 -13.69 4.89 15.15
CA ASN F 507 -14.13 6.12 15.78
C ASN F 507 -13.22 7.28 15.45
N ASN F 508 -11.92 7.02 15.34
CA ASN F 508 -10.91 8.06 15.21
C ASN F 508 -10.10 7.85 13.94
N VAL F 509 -9.45 8.92 13.49
CA VAL F 509 -8.61 8.83 12.31
C VAL F 509 -7.17 8.67 12.73
N GLU F 510 -6.51 7.62 12.23
CA GLU F 510 -5.11 7.39 12.56
C GLU F 510 -4.26 8.58 12.17
N PHE F 511 -3.25 8.88 13.00
CA PHE F 511 -2.36 10.01 12.78
C PHE F 511 -3.15 11.32 12.75
N ALA F 512 -4.11 11.44 13.65
CA ALA F 512 -4.90 12.66 13.76
C ALA F 512 -5.47 12.74 15.17
N VAL F 513 -6.15 13.83 15.45
CA VAL F 513 -6.57 14.18 16.80
C VAL F 513 -7.83 13.41 17.15
N ASN F 514 -8.03 13.16 18.44
CA ASN F 514 -9.26 12.58 18.92
C ASN F 514 -10.17 13.69 19.44
N THR F 515 -11.29 13.32 20.06
CA THR F 515 -12.29 14.32 20.42
C THR F 515 -11.77 15.29 21.49
N GLU F 516 -10.75 14.91 22.24
CA GLU F 516 -10.18 15.79 23.24
C GLU F 516 -8.96 16.56 22.75
N GLY F 517 -8.59 16.42 21.48
CA GLY F 517 -7.47 17.18 20.95
C GLY F 517 -6.11 16.58 21.19
N VAL F 518 -6.03 15.27 21.37
CA VAL F 518 -4.77 14.59 21.66
C VAL F 518 -4.31 13.87 20.39
N TYR F 519 -3.25 14.38 19.77
CA TYR F 519 -2.66 13.73 18.62
C TYR F 519 -2.05 12.40 19.03
N SER F 520 -2.15 11.40 18.16
CA SER F 520 -1.65 10.08 18.50
C SER F 520 -1.12 9.36 17.26
N GLU F 521 -0.01 8.66 17.46
CA GLU F 521 0.58 7.81 16.42
C GLU F 521 0.27 6.36 16.75
N PRO F 522 -0.51 5.68 15.90
CA PRO F 522 -0.94 4.30 16.16
C PRO F 522 0.14 3.24 16.19
N ARG F 523 1.02 3.20 15.20
CA ARG F 523 2.06 2.16 15.16
C ARG F 523 3.41 2.69 14.71
N PRO F 524 4.49 1.99 15.09
CA PRO F 524 5.82 2.42 14.66
C PRO F 524 5.87 2.18 13.16
N ILE F 525 6.48 3.10 12.42
CA ILE F 525 6.54 2.97 10.97
C ILE F 525 7.94 2.69 10.46
N GLY F 526 8.13 1.56 9.77
CA GLY F 526 9.43 1.25 9.24
C GLY F 526 9.71 2.03 7.97
N THR F 527 10.97 2.03 7.57
CA THR F 527 11.38 2.68 6.34
C THR F 527 11.57 1.70 5.19
N ARG F 528 11.37 0.40 5.40
CA ARG F 528 11.78 -0.59 4.41
C ARG F 528 10.55 -1.28 3.81
N TYR F 529 10.24 -0.92 2.56
CA TYR F 529 9.11 -1.45 1.81
C TYR F 529 9.53 -1.87 0.41
N LEU F 530 10.09 -0.96 -0.37
CA LEU F 530 10.59 -1.32 -1.69
C LEU F 530 11.67 -2.37 -1.56
N THR F 531 11.94 -3.07 -2.66
CA THR F 531 12.92 -4.14 -2.66
C THR F 531 14.07 -3.82 -3.61
N ARG F 532 15.20 -4.47 -3.40
CA ARG F 532 16.33 -4.43 -4.31
C ARG F 532 17.02 -5.79 -4.26
N ASN F 533 17.72 -6.14 -5.34
CA ASN F 533 18.51 -7.36 -5.34
C ASN F 533 19.62 -7.27 -4.29
N LEU F 534 20.04 -8.43 -3.80
CA LEU F 534 21.11 -8.48 -2.83
C LEU F 534 22.43 -8.16 -3.52
N SER G 1 -20.30 -31.37 9.44
CA SER G 1 -21.04 -32.06 8.39
C SER G 1 -20.73 -31.46 7.03
N ALA G 2 -21.22 -32.11 5.97
CA ALA G 2 -21.05 -31.72 4.57
C ALA G 2 -19.61 -31.79 4.09
N LEU G 3 -18.66 -32.00 5.00
CA LEU G 3 -17.27 -32.22 4.60
C LEU G 3 -16.79 -33.48 5.30
N THR G 4 -16.49 -34.49 4.51
CA THR G 4 -16.09 -35.79 5.04
C THR G 4 -14.59 -35.77 5.31
N GLN G 5 -14.21 -35.98 6.58
CA GLN G 5 -12.84 -35.93 7.00
C GLN G 5 -12.59 -37.09 7.95
N PRO G 6 -11.44 -37.77 7.86
CA PRO G 6 -11.25 -39.00 8.62
C PRO G 6 -11.25 -38.76 10.12
N ALA G 7 -11.63 -39.80 10.86
CA ALA G 7 -11.83 -39.65 12.30
C ALA G 7 -10.55 -39.28 13.02
N SER G 8 -9.47 -40.03 12.79
CA SER G 8 -8.20 -39.70 13.40
C SER G 8 -7.07 -40.24 12.55
N VAL G 9 -5.95 -39.52 12.58
CA VAL G 9 -4.73 -39.95 11.89
C VAL G 9 -3.61 -39.88 12.91
N SER G 10 -2.55 -40.66 12.67
CA SER G 10 -1.44 -40.74 13.60
C SER G 10 -0.16 -40.95 12.83
N GLY G 11 0.95 -40.55 13.44
CA GLY G 11 2.25 -40.72 12.81
C GLY G 11 3.37 -40.60 13.81
N SER G 12 4.51 -41.20 13.48
CA SER G 12 5.68 -41.13 14.32
C SER G 12 6.42 -39.82 14.08
N PRO G 13 7.16 -39.32 15.07
CA PRO G 13 7.88 -38.06 14.87
C PRO G 13 8.83 -38.13 13.68
N GLY G 14 8.85 -37.06 12.89
CA GLY G 14 9.66 -37.01 11.71
C GLY G 14 8.97 -37.37 10.42
N GLN G 15 7.82 -38.05 10.50
CA GLN G 15 7.13 -38.56 9.32
C GLN G 15 6.09 -37.55 8.84
N SER G 16 5.93 -37.46 7.53
CA SER G 16 4.90 -36.61 6.96
C SER G 16 3.53 -37.22 7.17
N ILE G 17 2.50 -36.38 7.15
CA ILE G 17 1.12 -36.83 7.32
C ILE G 17 0.22 -36.03 6.39
N THR G 18 -0.70 -36.72 5.72
CA THR G 18 -1.66 -36.08 4.84
C THR G 18 -3.06 -36.27 5.40
N ILE G 19 -3.66 -35.18 5.88
CA ILE G 19 -5.05 -35.14 6.29
C ILE G 19 -5.83 -34.56 5.12
N SER G 20 -6.94 -35.20 4.77
CA SER G 20 -7.70 -34.80 3.59
C SER G 20 -9.19 -34.85 3.87
N CYS G 21 -9.90 -33.79 3.50
CA CYS G 21 -11.34 -33.75 3.65
C CYS G 21 -11.97 -33.52 2.29
N THR G 22 -13.11 -34.17 2.06
CA THR G 22 -13.82 -34.10 0.79
C THR G 22 -15.18 -33.46 1.01
N GLY G 23 -15.76 -32.98 -0.08
CA GLY G 23 -17.00 -32.24 0.00
C GLY G 23 -17.85 -32.53 -1.22
N THR G 24 -19.08 -32.03 -1.18
CA THR G 24 -20.08 -32.39 -2.16
C THR G 24 -20.59 -31.16 -2.91
N SER G 25 -21.19 -31.42 -4.07
CA SER G 25 -21.71 -30.44 -5.00
C SER G 25 -20.68 -29.45 -5.50
N SER G 26 -21.14 -28.23 -5.79
CA SER G 26 -20.25 -27.19 -6.29
C SER G 26 -19.60 -26.41 -5.16
N ASP G 27 -20.38 -26.14 -4.10
CA ASP G 27 -20.00 -25.10 -3.15
C ASP G 27 -18.73 -25.47 -2.39
N PHE G 28 -18.21 -26.68 -2.57
CA PHE G 28 -16.96 -27.00 -1.89
C PHE G 28 -15.84 -26.15 -2.48
N GLY G 29 -15.20 -25.37 -1.62
CA GLY G 29 -14.20 -24.45 -2.11
C GLY G 29 -14.74 -23.45 -3.12
N ILE G 30 -15.93 -22.91 -2.87
CA ILE G 30 -16.40 -21.82 -3.72
C ILE G 30 -15.56 -20.59 -3.42
N TYR G 31 -15.36 -19.77 -4.44
CA TYR G 31 -14.32 -18.75 -4.45
C TYR G 31 -13.01 -19.50 -4.19
N ASN G 32 -12.07 -18.96 -3.42
CA ASN G 32 -10.82 -19.65 -3.18
C ASN G 32 -10.79 -20.40 -1.85
N SER G 33 -11.90 -20.46 -1.13
CA SER G 33 -11.85 -20.73 0.30
C SER G 33 -11.89 -22.23 0.55
N VAL G 34 -10.76 -22.78 0.97
CA VAL G 34 -10.70 -24.03 1.71
C VAL G 34 -9.71 -23.80 2.84
N SER G 35 -10.17 -23.80 4.08
CA SER G 35 -9.33 -23.31 5.13
C SER G 35 -9.16 -24.34 6.23
N TRP G 36 -7.91 -24.50 6.68
CA TRP G 36 -7.54 -25.53 7.64
C TRP G 36 -7.24 -24.89 8.98
N TYR G 37 -7.83 -25.44 10.04
CA TYR G 37 -7.71 -24.90 11.38
C TYR G 37 -7.02 -25.90 12.29
N GLN G 38 -6.26 -25.39 13.25
CA GLN G 38 -5.62 -26.19 14.27
C GLN G 38 -6.25 -25.87 15.60
N HIS G 39 -6.93 -26.84 16.20
CA HIS G 39 -7.56 -26.62 17.49
C HIS G 39 -6.90 -27.49 18.53
N HIS G 40 -6.15 -26.87 19.43
CA HIS G 40 -5.69 -27.55 20.63
C HIS G 40 -6.83 -27.56 21.62
N PRO G 41 -7.03 -28.64 22.37
CA PRO G 41 -8.13 -28.65 23.34
C PRO G 41 -7.93 -27.56 24.38
N GLY G 42 -8.98 -26.79 24.61
CA GLY G 42 -8.97 -25.78 25.64
C GLY G 42 -8.33 -24.46 25.26
N LYS G 43 -7.86 -24.30 24.03
CA LYS G 43 -7.27 -23.05 23.59
C LYS G 43 -7.86 -22.65 22.25
N ALA G 44 -7.61 -21.41 21.86
CA ALA G 44 -8.15 -20.86 20.63
C ALA G 44 -7.68 -21.59 19.38
N PRO G 45 -8.61 -21.89 18.47
CA PRO G 45 -8.31 -22.55 17.21
C PRO G 45 -7.51 -21.59 16.32
N LYS G 46 -6.60 -22.13 15.51
CA LYS G 46 -5.76 -21.29 14.68
C LYS G 46 -6.01 -21.58 13.21
N LEU G 47 -5.92 -20.56 12.38
CA LEU G 47 -6.15 -20.73 10.96
C LEU G 47 -4.87 -21.14 10.28
N MET G 48 -4.66 -22.44 10.12
CA MET G 48 -3.44 -22.91 9.50
C MET G 48 -3.29 -22.52 8.03
N ILE G 49 -4.34 -22.69 7.25
CA ILE G 49 -4.30 -22.36 5.83
C ILE G 49 -5.49 -21.52 5.39
N PHE G 50 -5.25 -20.44 4.66
CA PHE G 50 -6.33 -19.64 4.16
C PHE G 50 -6.19 -19.72 2.67
N GLY G 51 -7.28 -20.00 1.97
CA GLY G 51 -7.19 -20.18 0.53
C GLY G 51 -6.90 -21.65 0.26
N VAL G 52 -6.68 -22.02 -0.98
CA VAL G 52 -6.41 -23.43 -1.23
C VAL G 52 -5.12 -23.86 -0.55
N SER G 53 -4.07 -23.04 -0.68
CA SER G 53 -2.78 -23.37 -0.09
C SER G 53 -1.99 -22.24 0.55
N ASN G 54 -2.46 -21.00 0.44
CA ASN G 54 -1.76 -19.87 1.03
C ASN G 54 -1.80 -20.03 2.53
N ARG G 55 -0.71 -19.75 3.21
CA ARG G 55 -0.70 -19.87 4.66
C ARG G 55 -0.25 -18.57 5.25
N PRO G 56 -0.96 -18.07 6.27
CA PRO G 56 -0.77 -16.82 7.00
C PRO G 56 0.59 -16.61 7.67
N SER G 57 0.81 -15.38 8.13
CA SER G 57 2.06 -15.06 8.80
C SER G 57 2.50 -15.94 9.98
N GLY G 58 1.57 -16.25 10.87
CA GLY G 58 1.92 -17.04 12.05
C GLY G 58 2.34 -18.48 11.85
N VAL G 59 1.68 -19.18 10.92
CA VAL G 59 1.92 -20.59 10.64
C VAL G 59 3.34 -21.00 10.22
N SER G 60 3.75 -22.18 10.66
CA SER G 60 5.08 -22.69 10.35
C SER G 60 5.10 -23.23 8.94
N ASN G 61 6.27 -23.32 8.34
CA ASN G 61 6.41 -23.83 6.98
C ASN G 61 6.01 -25.30 6.84
N ARG G 62 6.23 -26.08 7.90
CA ARG G 62 5.88 -27.50 7.90
C ARG G 62 4.46 -27.77 7.38
N PHE G 63 3.49 -26.96 7.78
CA PHE G 63 2.13 -27.13 7.29
C PHE G 63 1.99 -26.68 5.83
N SER G 64 1.21 -27.42 5.07
CA SER G 64 0.99 -27.09 3.66
C SER G 64 -0.35 -27.62 3.21
N GLY G 65 -0.77 -27.31 2.00
CA GLY G 65 -2.06 -27.82 1.57
C GLY G 65 -2.20 -27.75 0.06
N SER G 66 -3.17 -28.51 -0.44
CA SER G 66 -3.51 -28.47 -1.85
C SER G 66 -4.92 -29.01 -2.02
N LYS G 67 -5.53 -28.69 -3.15
CA LYS G 67 -6.85 -29.18 -3.48
C LYS G 67 -6.81 -29.77 -4.89
N SER G 68 -7.08 -31.07 -4.99
CA SER G 68 -7.12 -31.75 -6.27
C SER G 68 -8.55 -32.17 -6.54
N GLY G 69 -9.17 -31.53 -7.52
CA GLY G 69 -10.53 -31.92 -7.84
C GLY G 69 -11.46 -31.61 -6.70
N ASN G 70 -12.11 -32.65 -6.18
CA ASN G 70 -13.08 -32.46 -5.12
C ASN G 70 -12.45 -32.59 -3.75
N THR G 71 -11.16 -32.91 -3.70
CA THR G 71 -10.52 -33.22 -2.42
C THR G 71 -9.42 -32.22 -2.11
N ALA G 72 -9.46 -31.67 -0.90
CA ALA G 72 -8.39 -30.82 -0.40
C ALA G 72 -7.69 -31.58 0.71
N SER G 73 -6.39 -31.34 0.88
CA SER G 73 -5.60 -32.11 1.83
C SER G 73 -4.57 -31.22 2.51
N LEU G 74 -4.45 -31.37 3.82
CA LEU G 74 -3.44 -30.71 4.62
C LEU G 74 -2.28 -31.67 4.83
N SER G 75 -1.08 -31.24 4.47
CA SER G 75 0.10 -32.07 4.55
C SER G 75 1.05 -31.51 5.60
N ILE G 76 1.25 -32.26 6.67
CA ILE G 76 2.14 -31.88 7.75
C ILE G 76 3.45 -32.64 7.59
N SER G 77 4.55 -31.90 7.64
CA SER G 77 5.87 -32.50 7.50
C SER G 77 6.69 -32.23 8.76
N GLY G 78 7.75 -33.01 8.93
CA GLY G 78 8.60 -32.84 10.10
C GLY G 78 7.81 -32.90 11.38
N LEU G 79 7.03 -33.97 11.53
CA LEU G 79 6.05 -34.06 12.60
C LEU G 79 6.72 -33.94 13.96
N GLN G 80 6.00 -33.35 14.92
CA GLN G 80 6.52 -33.15 16.26
C GLN G 80 5.41 -33.41 17.27
N ALA G 81 5.80 -33.46 18.54
CA ALA G 81 4.81 -33.65 19.60
C ALA G 81 3.94 -32.43 19.79
N GLU G 82 4.38 -31.28 19.28
CA GLU G 82 3.60 -30.06 19.44
C GLU G 82 2.55 -29.93 18.36
N ASP G 83 2.57 -30.83 17.38
CA ASP G 83 1.58 -30.79 16.32
C ASP G 83 0.35 -31.59 16.67
N GLU G 84 0.29 -32.11 17.89
CA GLU G 84 -0.87 -32.90 18.30
C GLU G 84 -2.02 -31.98 18.68
N ALA G 85 -3.10 -32.06 17.92
CA ALA G 85 -4.26 -31.19 18.09
C ALA G 85 -5.38 -31.73 17.22
N ASP G 86 -6.48 -31.01 17.15
CA ASP G 86 -7.57 -31.30 16.24
C ASP G 86 -7.38 -30.45 15.00
N TYR G 87 -7.70 -31.00 13.83
CA TYR G 87 -7.56 -30.28 12.57
C TYR G 87 -8.87 -30.32 11.80
N TYR G 88 -9.37 -29.13 11.46
CA TYR G 88 -10.65 -28.94 10.80
C TYR G 88 -10.41 -28.28 9.46
N CYS G 89 -11.23 -28.60 8.46
CA CYS G 89 -11.19 -27.89 7.20
C CYS G 89 -12.52 -27.19 7.03
N SER G 90 -12.52 -26.03 6.38
CA SER G 90 -13.74 -25.25 6.23
C SER G 90 -13.79 -24.68 4.84
N SER G 91 -15.00 -24.46 4.34
CA SER G 91 -15.17 -23.80 3.06
C SER G 91 -16.39 -22.91 3.10
N PHE G 92 -16.20 -21.67 2.66
CA PHE G 92 -17.28 -20.74 2.46
C PHE G 92 -18.30 -21.36 1.54
N THR G 93 -19.56 -21.03 1.71
CA THR G 93 -20.55 -21.64 0.86
C THR G 93 -21.36 -20.58 0.10
N ALA G 94 -22.23 -21.05 -0.79
CA ALA G 94 -22.85 -20.14 -1.75
C ALA G 94 -23.83 -19.20 -1.10
N ARG G 95 -24.34 -19.56 0.09
CA ARG G 95 -25.26 -18.73 0.85
C ARG G 95 -24.53 -17.87 1.87
N SER G 96 -23.20 -17.79 1.80
CA SER G 96 -22.38 -16.99 2.70
C SER G 96 -22.44 -17.53 4.12
N THR G 97 -22.31 -18.85 4.22
CA THR G 97 -22.10 -19.59 5.45
C THR G 97 -20.75 -20.27 5.34
N VAL G 98 -20.16 -20.67 6.45
CA VAL G 98 -18.95 -21.49 6.42
C VAL G 98 -19.32 -22.87 6.93
N VAL G 99 -18.61 -23.88 6.46
CA VAL G 99 -18.90 -25.28 6.74
C VAL G 99 -17.64 -25.96 7.21
N PHE G 100 -17.65 -26.48 8.43
CA PHE G 100 -16.51 -27.16 9.01
C PHE G 100 -16.64 -28.66 8.85
N GLY G 101 -15.52 -29.31 8.54
CA GLY G 101 -15.48 -30.75 8.57
C GLY G 101 -15.56 -31.28 9.99
N GLY G 102 -15.74 -32.59 10.10
CA GLY G 102 -15.82 -33.20 11.42
C GLY G 102 -14.50 -33.09 12.17
N GLY G 103 -13.39 -33.11 11.45
CA GLY G 103 -12.10 -32.89 12.05
C GLY G 103 -11.35 -34.15 12.42
N THR G 104 -10.03 -34.09 12.33
CA THR G 104 -9.16 -35.24 12.54
C THR G 104 -8.24 -34.93 13.71
N LYS G 105 -8.26 -35.80 14.72
CA LYS G 105 -7.31 -35.66 15.82
C LYS G 105 -6.02 -36.39 15.48
N LEU G 106 -4.93 -35.63 15.37
CA LEU G 106 -3.64 -36.17 15.01
C LEU G 106 -2.87 -36.48 16.28
N THR G 107 -2.67 -37.76 16.54
CA THR G 107 -1.92 -38.23 17.71
C THR G 107 -0.55 -38.65 17.25
N VAL G 108 0.48 -37.90 17.65
CA VAL G 108 1.84 -38.26 17.31
C VAL G 108 2.38 -39.24 18.33
N LEU G 109 3.01 -40.31 17.86
CA LEU G 109 3.42 -41.40 18.73
C LEU G 109 4.74 -41.10 19.43
N GLU H 1 -0.54 -7.68 19.21
CA GLU H 1 -1.34 -8.46 20.14
C GLU H 1 -2.82 -8.14 20.00
N VAL H 2 -3.55 -9.01 19.31
CA VAL H 2 -4.97 -8.84 19.07
C VAL H 2 -5.72 -9.88 19.90
N GLN H 3 -6.63 -9.42 20.74
CA GLN H 3 -7.35 -10.36 21.59
C GLN H 3 -8.85 -10.19 21.63
N LEU H 4 -9.58 -11.29 21.64
CA LEU H 4 -11.04 -11.31 21.71
C LEU H 4 -11.42 -12.19 22.87
N VAL H 5 -12.10 -11.65 23.87
CA VAL H 5 -12.48 -12.48 25.02
C VAL H 5 -13.98 -12.68 25.16
N GLU H 6 -14.42 -13.92 25.08
CA GLU H 6 -15.83 -14.28 25.22
C GLU H 6 -16.28 -14.22 26.67
N SER H 7 -17.56 -13.95 26.89
CA SER H 7 -18.09 -13.86 28.26
C SER H 7 -19.58 -14.14 28.30
N GLY H 8 -20.09 -14.43 29.50
CA GLY H 8 -21.51 -14.69 29.68
C GLY H 8 -22.00 -16.12 29.55
N GLY H 9 -21.10 -17.07 29.36
CA GLY H 9 -21.50 -18.47 29.27
C GLY H 9 -21.93 -18.95 30.64
N GLY H 10 -22.89 -19.87 30.70
CA GLY H 10 -23.36 -20.35 31.97
C GLY H 10 -24.37 -21.46 31.84
N LEU H 11 -25.13 -21.66 32.91
CA LEU H 11 -26.08 -22.75 33.02
C LEU H 11 -27.50 -22.19 33.01
N VAL H 12 -28.27 -22.55 31.99
CA VAL H 12 -29.65 -22.09 31.86
C VAL H 12 -30.52 -23.24 31.38
N LYS H 13 -31.64 -23.44 32.09
CA LYS H 13 -32.61 -24.45 31.73
C LYS H 13 -33.11 -24.25 30.31
N PRO H 14 -33.52 -25.33 29.64
CA PRO H 14 -34.03 -25.20 28.28
C PRO H 14 -35.20 -24.24 28.21
N GLY H 15 -35.36 -23.61 27.05
CA GLY H 15 -36.38 -22.59 26.90
C GLY H 15 -36.00 -21.24 27.42
N GLY H 16 -34.94 -21.13 28.21
CA GLY H 16 -34.48 -19.87 28.77
C GLY H 16 -33.73 -19.06 27.71
N SER H 17 -33.08 -17.98 28.14
CA SER H 17 -32.35 -17.13 27.21
C SER H 17 -31.02 -16.64 27.78
N LEU H 18 -29.98 -16.70 26.97
CA LEU H 18 -28.64 -16.26 27.38
C LEU H 18 -28.05 -15.27 26.40
N ARG H 19 -27.38 -14.26 26.91
CA ARG H 19 -26.74 -13.26 26.08
C ARG H 19 -25.25 -13.43 26.21
N LEU H 20 -24.55 -13.56 25.09
CA LEU H 20 -23.11 -13.76 25.10
C LEU H 20 -22.40 -12.55 24.54
N SER H 21 -21.39 -12.06 25.24
CA SER H 21 -20.66 -10.90 24.78
C SER H 21 -19.21 -11.22 24.50
N CYS H 22 -18.66 -10.54 23.50
CA CYS H 22 -17.29 -10.69 23.04
C CYS H 22 -16.59 -9.35 23.08
N ALA H 23 -15.63 -9.19 23.99
CA ALA H 23 -14.95 -7.93 24.19
C ALA H 23 -13.67 -7.91 23.36
N ALA H 24 -13.64 -7.06 22.34
CA ALA H 24 -12.53 -6.99 21.41
C ALA H 24 -11.55 -5.91 21.85
N SER H 25 -10.26 -6.19 21.67
CA SER H 25 -9.21 -5.27 22.09
C SER H 25 -8.04 -5.35 21.13
N GLY H 26 -7.32 -4.24 21.00
CA GLY H 26 -6.10 -4.23 20.24
C GLY H 26 -6.24 -3.90 18.77
N PHE H 27 -7.44 -3.97 18.21
CA PHE H 27 -7.62 -3.69 16.79
C PHE H 27 -8.89 -2.88 16.61
N MET H 28 -9.09 -2.38 15.40
CA MET H 28 -10.30 -1.65 15.08
C MET H 28 -11.44 -2.65 14.96
N PHE H 29 -12.44 -2.52 15.82
CA PHE H 29 -13.46 -3.55 15.89
C PHE H 29 -14.54 -3.33 14.86
N SER H 30 -14.62 -2.13 14.29
CA SER H 30 -15.71 -1.84 13.38
C SER H 30 -15.29 -2.04 11.93
N SER H 31 -14.04 -2.44 11.71
CA SER H 31 -13.57 -2.62 10.34
C SER H 31 -13.66 -4.07 9.89
N TYR H 32 -14.05 -4.96 10.78
CA TYR H 32 -14.00 -6.39 10.47
C TYR H 32 -15.35 -7.04 10.62
N SER H 33 -15.59 -8.06 9.82
CA SER H 33 -16.69 -8.96 10.09
C SER H 33 -16.40 -9.68 11.40
N MET H 34 -17.46 -10.14 12.05
CA MET H 34 -17.32 -10.85 13.30
C MET H 34 -18.41 -11.91 13.32
N ASN H 35 -18.10 -13.07 13.88
CA ASN H 35 -19.06 -14.16 13.83
C ASN H 35 -18.79 -15.18 14.92
N TRP H 36 -19.83 -15.92 15.26
CA TRP H 36 -19.83 -16.85 16.38
C TRP H 36 -19.82 -18.27 15.87
N VAL H 37 -19.00 -19.13 16.47
CA VAL H 37 -19.01 -20.55 16.15
C VAL H 37 -19.17 -21.31 17.45
N ARG H 38 -19.55 -22.58 17.34
CA ARG H 38 -20.03 -23.38 18.44
C ARG H 38 -19.44 -24.78 18.37
N GLN H 39 -18.88 -25.26 19.47
CA GLN H 39 -18.41 -26.64 19.54
C GLN H 39 -19.23 -27.40 20.57
N ALA H 40 -20.08 -28.30 20.10
CA ALA H 40 -20.85 -29.14 20.99
C ALA H 40 -19.92 -30.08 21.74
N PRO H 41 -20.37 -30.63 22.86
CA PRO H 41 -19.50 -31.57 23.59
C PRO H 41 -19.18 -32.79 22.74
N GLY H 42 -17.89 -33.10 22.63
CA GLY H 42 -17.47 -34.26 21.85
C GLY H 42 -17.77 -34.16 20.38
N LYS H 43 -17.75 -32.96 19.83
CA LYS H 43 -18.02 -32.79 18.40
C LYS H 43 -17.07 -31.75 17.83
N GLY H 44 -17.06 -31.66 16.51
CA GLY H 44 -16.24 -30.68 15.85
C GLY H 44 -16.87 -29.30 15.84
N LEU H 45 -16.10 -28.32 15.37
CA LEU H 45 -16.58 -26.95 15.36
C LEU H 45 -17.78 -26.80 14.44
N GLU H 46 -18.69 -25.92 14.84
CA GLU H 46 -19.87 -25.59 14.05
C GLU H 46 -20.04 -24.08 14.05
N TRP H 47 -20.65 -23.56 12.99
CA TRP H 47 -20.79 -22.13 12.80
C TRP H 47 -22.20 -21.72 13.18
N VAL H 48 -22.34 -20.52 13.75
CA VAL H 48 -23.65 -20.09 14.25
C VAL H 48 -24.19 -18.95 13.42
N SER H 49 -23.60 -17.77 13.53
CA SER H 49 -24.12 -16.58 12.86
C SER H 49 -22.96 -15.69 12.47
N SER H 50 -23.27 -14.57 11.82
CA SER H 50 -22.26 -13.64 11.36
C SER H 50 -22.86 -12.24 11.31
N ILE H 51 -22.00 -11.23 11.23
CA ILE H 51 -22.42 -9.85 11.08
C ILE H 51 -21.37 -9.12 10.27
N SER H 52 -21.79 -8.35 9.27
CA SER H 52 -20.83 -7.71 8.37
C SER H 52 -20.06 -6.50 8.90
N ARG H 53 -19.22 -5.94 8.05
CA ARG H 53 -18.43 -4.77 8.41
C ARG H 53 -19.31 -3.59 8.71
N SER H 54 -20.33 -3.34 7.91
CA SER H 54 -21.14 -2.17 8.18
C SER H 54 -22.49 -2.51 8.80
N ASP H 55 -22.62 -3.79 9.17
CA ASP H 55 -23.79 -4.44 9.80
C ASP H 55 -24.97 -4.67 8.85
N SER H 56 -24.75 -4.46 7.55
CA SER H 56 -25.79 -4.64 6.56
C SER H 56 -26.22 -6.09 6.41
N TYR H 57 -25.26 -6.99 6.42
CA TYR H 57 -25.58 -8.40 6.21
C TYR H 57 -25.40 -9.28 7.42
N ILE H 58 -26.52 -9.74 7.96
CA ILE H 58 -26.55 -10.66 9.09
C ILE H 58 -26.92 -12.04 8.57
N ASP H 59 -26.12 -13.04 8.91
CA ASP H 59 -26.35 -14.39 8.44
C ASP H 59 -26.55 -15.33 9.62
N TYR H 60 -27.19 -16.47 9.36
CA TYR H 60 -27.51 -17.43 10.41
C TYR H 60 -27.36 -18.84 9.86
N ALA H 61 -26.76 -19.73 10.66
CA ALA H 61 -26.78 -21.13 10.34
C ALA H 61 -28.23 -21.62 10.35
N ASP H 62 -28.54 -22.57 9.48
CA ASP H 62 -29.92 -23.01 9.30
C ASP H 62 -30.57 -23.42 10.62
N SER H 63 -29.79 -24.00 11.53
CA SER H 63 -30.38 -24.62 12.71
C SER H 63 -30.84 -23.57 13.72
N VAL H 64 -30.06 -22.51 13.92
CA VAL H 64 -30.35 -21.52 14.94
C VAL H 64 -31.12 -20.32 14.38
N LYS H 65 -31.48 -20.36 13.11
CA LYS H 65 -32.07 -19.18 12.48
C LYS H 65 -33.41 -18.86 13.13
N GLY H 66 -33.56 -17.61 13.55
CA GLY H 66 -34.74 -17.18 14.24
C GLY H 66 -34.69 -17.28 15.75
N ARG H 67 -33.84 -18.15 16.30
CA ARG H 67 -33.68 -18.22 17.74
C ARG H 67 -32.53 -17.38 18.27
N PHE H 68 -31.65 -16.87 17.41
CA PHE H 68 -30.50 -16.08 17.86
C PHE H 68 -30.52 -14.74 17.15
N THR H 69 -29.94 -13.73 17.79
CA THR H 69 -29.79 -12.41 17.20
C THR H 69 -28.39 -11.90 17.50
N ILE H 70 -27.62 -11.63 16.46
CA ILE H 70 -26.25 -11.13 16.60
C ILE H 70 -26.26 -9.63 16.29
N SER H 71 -25.54 -8.86 17.11
CA SER H 71 -25.44 -7.42 16.94
C SER H 71 -24.28 -6.87 17.75
N ARG H 72 -23.67 -5.79 17.28
CA ARG H 72 -22.56 -5.17 18.01
C ARG H 72 -22.88 -3.72 18.37
N ASP H 73 -22.68 -3.36 19.63
CA ASP H 73 -23.01 -2.00 20.08
C ASP H 73 -22.19 -0.93 19.38
N THR H 74 -20.87 -1.15 19.33
CA THR H 74 -19.86 -0.30 18.66
C THR H 74 -19.44 0.99 19.37
N ALA H 75 -20.13 1.35 20.46
CA ALA H 75 -19.76 2.54 21.23
C ALA H 75 -18.42 2.24 21.88
N MET H 76 -18.36 1.03 22.41
CA MET H 76 -17.20 0.44 23.03
C MET H 76 -17.21 -0.91 22.34
N ASN H 77 -16.08 -1.29 21.75
CA ASN H 77 -16.03 -2.52 20.99
C ASN H 77 -16.45 -3.71 21.82
N VAL H 78 -17.48 -4.38 21.34
CA VAL H 78 -18.04 -5.56 21.96
C VAL H 78 -18.94 -6.24 20.94
N LEU H 79 -19.25 -7.51 21.13
CA LEU H 79 -20.12 -8.21 20.21
C LEU H 79 -21.20 -8.87 21.02
N TYR H 80 -22.39 -9.04 20.47
CA TYR H 80 -23.46 -9.65 21.23
C TYR H 80 -24.25 -10.72 20.50
N LEU H 81 -24.38 -11.87 21.13
CA LEU H 81 -25.22 -12.93 20.61
C LEU H 81 -26.35 -13.17 21.59
N GLN H 82 -27.57 -12.88 21.19
CA GLN H 82 -28.75 -13.10 22.01
C GLN H 82 -29.28 -14.50 21.71
N MET H 83 -29.19 -15.40 22.69
CA MET H 83 -29.66 -16.76 22.53
C MET H 83 -31.03 -16.89 23.17
N ASP H 84 -32.05 -17.13 22.36
CA ASP H 84 -33.41 -17.24 22.83
C ASP H 84 -33.96 -18.62 22.50
N SER H 85 -34.83 -19.13 23.37
CA SER H 85 -35.46 -20.42 23.18
C SER H 85 -34.42 -21.53 23.02
N LEU H 86 -33.53 -21.61 23.99
CA LEU H 86 -32.45 -22.59 23.94
C LEU H 86 -33.00 -24.01 23.93
N ARG H 87 -32.23 -24.90 23.30
CA ARG H 87 -32.57 -26.32 23.27
C ARG H 87 -31.48 -27.11 23.98
N ALA H 88 -31.57 -28.43 23.94
CA ALA H 88 -30.52 -29.25 24.55
C ALA H 88 -29.30 -29.33 23.65
N GLU H 89 -29.46 -29.03 22.36
CA GLU H 89 -28.33 -29.11 21.44
C GLU H 89 -27.48 -27.86 21.50
N ASP H 90 -27.94 -26.82 22.20
CA ASP H 90 -27.19 -25.57 22.26
C ASP H 90 -26.09 -25.61 23.31
N THR H 91 -25.95 -26.71 24.03
CA THR H 91 -24.79 -26.89 24.88
C THR H 91 -23.54 -26.88 24.03
N GLY H 92 -22.49 -26.22 24.51
CA GLY H 92 -21.25 -26.23 23.78
C GLY H 92 -20.30 -25.19 24.32
N VAL H 93 -19.32 -24.85 23.50
CA VAL H 93 -18.35 -23.81 23.78
C VAL H 93 -18.37 -22.84 22.63
N TYR H 94 -18.79 -21.61 22.88
CA TYR H 94 -19.01 -20.61 21.84
C TYR H 94 -17.74 -19.78 21.66
N TYR H 95 -17.30 -19.63 20.42
CA TYR H 95 -16.12 -18.87 20.08
C TYR H 95 -16.51 -17.61 19.34
N CYS H 96 -15.66 -16.60 19.45
CA CYS H 96 -15.86 -15.32 18.77
C CYS H 96 -14.71 -15.13 17.80
N ALA H 97 -14.98 -15.19 16.50
CA ALA H 97 -13.91 -15.05 15.53
C ALA H 97 -14.10 -13.89 14.58
N ARG H 98 -13.04 -13.43 13.94
CA ARG H 98 -13.18 -12.33 13.00
C ARG H 98 -12.60 -12.73 11.67
N THR H 99 -13.40 -12.67 10.61
CA THR H 99 -12.92 -13.06 9.30
C THR H 99 -11.78 -12.13 8.94
N HIS H 100 -10.71 -12.67 8.40
CA HIS H 100 -9.55 -11.84 8.13
C HIS H 100 -9.36 -11.47 6.68
N VAL H 101 -9.28 -10.17 6.44
CA VAL H 101 -9.06 -9.64 5.10
C VAL H 101 -7.81 -8.80 5.20
N PHE H 102 -6.82 -9.08 4.36
CA PHE H 102 -5.58 -8.32 4.38
C PHE H 102 -5.76 -6.87 3.98
N ASN H 103 -6.54 -6.63 2.93
CA ASN H 103 -6.78 -5.27 2.48
C ASN H 103 -8.27 -4.99 2.59
N MET H 104 -8.62 -3.93 3.31
CA MET H 104 -10.02 -3.63 3.50
C MET H 104 -10.57 -2.78 2.38
N PHE H 105 -9.70 -2.36 1.47
CA PHE H 105 -10.14 -1.58 0.33
C PHE H 105 -10.33 -2.57 -0.79
N ARG H 106 -11.59 -2.92 -1.06
CA ARG H 106 -11.90 -3.89 -2.10
C ARG H 106 -11.62 -3.33 -3.47
N GLU H 107 -11.14 -4.19 -4.35
CA GLU H 107 -10.84 -3.78 -5.70
C GLU H 107 -11.88 -4.43 -6.58
N VAL H 108 -12.56 -5.44 -6.04
CA VAL H 108 -13.53 -6.18 -6.81
C VAL H 108 -14.64 -6.66 -5.87
N ILE H 109 -15.87 -6.69 -6.38
CA ILE H 109 -17.03 -6.86 -5.51
C ILE H 109 -17.12 -8.28 -4.98
N ASN H 110 -16.82 -9.27 -5.80
CA ASN H 110 -16.75 -10.64 -5.31
C ASN H 110 -15.31 -10.94 -4.91
N ASP H 111 -15.07 -11.06 -3.61
CA ASP H 111 -13.76 -11.36 -3.10
C ASP H 111 -13.70 -12.78 -2.58
N ASP H 112 -12.64 -13.48 -2.96
CA ASP H 112 -12.42 -14.83 -2.52
C ASP H 112 -12.37 -14.89 -1.01
N TYR H 113 -13.09 -15.81 -0.40
CA TYR H 113 -13.13 -15.94 1.07
C TYR H 113 -11.83 -16.40 1.71
N TYR H 114 -11.34 -15.68 2.72
CA TYR H 114 -10.10 -16.05 3.39
C TYR H 114 -10.19 -16.74 4.76
N GLY H 115 -11.37 -16.88 5.33
CA GLY H 115 -11.53 -17.56 6.61
C GLY H 115 -11.30 -16.69 7.84
N MET H 116 -11.58 -17.24 9.03
CA MET H 116 -11.42 -16.52 10.29
C MET H 116 -9.98 -16.27 10.70
N ASP H 117 -9.70 -15.11 11.26
CA ASP H 117 -8.35 -14.76 11.65
C ASP H 117 -7.98 -14.79 13.14
N VAL H 118 -8.81 -14.19 14.00
CA VAL H 118 -8.56 -14.12 15.44
C VAL H 118 -9.70 -14.79 16.19
N TRP H 119 -9.37 -15.59 17.20
CA TRP H 119 -10.38 -16.36 17.91
C TRP H 119 -10.27 -16.10 19.40
N GLY H 120 -11.37 -16.32 20.11
CA GLY H 120 -11.31 -16.28 21.54
C GLY H 120 -11.18 -17.67 22.12
N GLN H 121 -10.89 -17.74 23.42
CA GLN H 121 -10.79 -19.05 24.05
C GLN H 121 -12.17 -19.66 24.24
N GLY H 122 -13.21 -18.85 24.22
CA GLY H 122 -14.57 -19.34 24.22
C GLY H 122 -15.12 -19.57 25.61
N THR H 123 -16.43 -19.46 25.72
CA THR H 123 -17.15 -19.67 26.97
C THR H 123 -18.08 -20.86 26.83
N THR H 124 -18.37 -21.49 27.95
CA THR H 124 -19.20 -22.69 27.95
C THR H 124 -20.63 -22.35 28.32
N VAL H 125 -21.55 -22.70 27.44
CA VAL H 125 -22.98 -22.54 27.68
C VAL H 125 -23.56 -23.92 27.90
N THR H 126 -24.28 -24.10 29.01
CA THR H 126 -24.81 -25.40 29.39
C THR H 126 -26.29 -25.29 29.65
N VAL H 127 -27.06 -26.25 29.14
CA VAL H 127 -28.49 -26.31 29.36
C VAL H 127 -28.80 -27.64 30.05
N SER H 128 -29.83 -27.65 30.88
CA SER H 128 -30.18 -28.83 31.68
C SER H 128 -31.64 -29.20 31.55
#